data_3N1H
# 
_entry.id   3N1H 
# 
_audit_conform.dict_name       mmcif_pdbx.dic 
_audit_conform.dict_version    5.379 
_audit_conform.dict_location   http://mmcif.pdb.org/dictionaries/ascii/mmcif_pdbx.dic 
# 
loop_
_database_2.database_id 
_database_2.database_code 
_database_2.pdbx_database_accession 
_database_2.pdbx_DOI 
PDB   3N1H         pdb_00003n1h 10.2210/pdb3n1h/pdb 
RCSB  RCSB059260   ?            ?                   
WWPDB D_1000059260 ?            ?                   
# 
loop_
_pdbx_database_related.db_name 
_pdbx_database_related.db_id 
_pdbx_database_related.details 
_pdbx_database_related.content_type 
PDB 3N1I 'Crystal Structure of StWhy2-ERE32 complex'   unspecified 
PDB 3N1J 'Crystal Structure of StWhy2-dT32 complex'    unspecified 
PDB 3N1K 'Crystal Structure of StWhy2-cERE32 complex'  unspecified 
PDB 3N1L 'Crystal Structure of StWhy2-rcERE32 complex' unspecified 
# 
_pdbx_database_status.status_code                     REL 
_pdbx_database_status.entry_id                        3N1H 
_pdbx_database_status.recvd_initial_deposition_date   2010-05-15 
_pdbx_database_status.deposit_site                    RCSB 
_pdbx_database_status.process_site                    RCSB 
_pdbx_database_status.status_code_sf                  REL 
_pdbx_database_status.status_code_mr                  ? 
_pdbx_database_status.SG_entry                        ? 
_pdbx_database_status.pdb_format_compatible           Y 
_pdbx_database_status.status_code_cs                  ? 
_pdbx_database_status.methods_development_category    ? 
_pdbx_database_status.status_code_nmr_data            ? 
# 
loop_
_audit_author.name 
_audit_author.pdbx_ordinal 
'Cappadocia, L.' 1 
'Brisson, N.'    2 
'Sygusch, J.'    3 
# 
_citation.id                        primary 
_citation.title                     
'Crystal Structures of DNA-Whirly Complexes and Their Role in Arabidopsis Organelle Genome Repair.' 
_citation.journal_abbrev            'Plant Cell' 
_citation.journal_volume            22 
_citation.page_first                1849 
_citation.page_last                 1867 
_citation.year                      2010 
_citation.journal_id_ASTM           PLCEEW 
_citation.country                   US 
_citation.journal_id_ISSN           1040-4651 
_citation.journal_id_CSD            2109 
_citation.book_publisher            ? 
_citation.pdbx_database_id_PubMed   20551348 
_citation.pdbx_database_id_DOI      10.1105/tpc.109.071399 
# 
loop_
_citation_author.citation_id 
_citation_author.name 
_citation_author.ordinal 
_citation_author.identifier_ORCID 
primary 'Cappadocia, L.' 1 ? 
primary 'Marechal, A.'   2 ? 
primary 'Parent, J.S.'   3 ? 
primary 'Lepage, E.'     4 ? 
primary 'Sygusch, J.'    5 ? 
primary 'Brisson, N.'    6 ? 
# 
_cell.entry_id           3N1H 
_cell.length_a           164.576 
_cell.length_b           164.576 
_cell.length_c           164.576 
_cell.angle_alpha        90.00 
_cell.angle_beta         90.00 
_cell.angle_gamma        90.00 
_cell.Z_PDB              96 
_cell.pdbx_unique_axis   ? 
_cell.length_a_esd       ? 
_cell.length_b_esd       ? 
_cell.length_c_esd       ? 
_cell.angle_alpha_esd    ? 
_cell.angle_beta_esd     ? 
_cell.angle_gamma_esd    ? 
# 
_symmetry.entry_id                         3N1H 
_symmetry.space_group_name_H-M             'F 4 3 2' 
_symmetry.pdbx_full_space_group_name_H-M   ? 
_symmetry.cell_setting                     ? 
_symmetry.Int_Tables_number                209 
_symmetry.space_group_name_Hall            ? 
# 
loop_
_entity.id 
_entity.type 
_entity.src_method 
_entity.pdbx_description 
_entity.formula_weight 
_entity.pdbx_number_of_molecules 
_entity.pdbx_ec 
_entity.pdbx_mutation 
_entity.pdbx_fragment 
_entity.details 
1 polymer     man StWhy2          20000.715 1  ? ? 'Whirly domain' ? 
2 non-polymer syn 'PHOSPHATE ION' 94.971    2  ? ? ?               ? 
3 water       nat water           18.015    69 ? ? ?               ? 
# 
_entity_poly.entity_id                      1 
_entity_poly.type                           'polypeptide(L)' 
_entity_poly.nstd_linkage                   no 
_entity_poly.nstd_monomer                   no 
_entity_poly.pdbx_seq_one_letter_code       
;MADAGKREGRVFAPYSVFKGKAALSAEPRLPTFNRLDSGGVKLNRRGVIMLTFWPSVGERKYDWEKRQLFALSATEVGSL
ISMGTRDSSEFFHDPSMLSSNAGQVRKSLSIKPNADGSGYFISLSVVNNNLKTNDRFTVPVTTAEFAVMRTAFSFALPHI
MGWDRFTNRPLEHHHHHH
;
_entity_poly.pdbx_seq_one_letter_code_can   
;MADAGKREGRVFAPYSVFKGKAALSAEPRLPTFNRLDSGGVKLNRRGVIMLTFWPSVGERKYDWEKRQLFALSATEVGSL
ISMGTRDSSEFFHDPSMLSSNAGQVRKSLSIKPNADGSGYFISLSVVNNNLKTNDRFTVPVTTAEFAVMRTAFSFALPHI
MGWDRFTNRPLEHHHHHH
;
_entity_poly.pdbx_strand_id                 A 
_entity_poly.pdbx_target_identifier         ? 
# 
loop_
_entity_poly_seq.entity_id 
_entity_poly_seq.num 
_entity_poly_seq.mon_id 
_entity_poly_seq.hetero 
1 1   MET n 
1 2   ALA n 
1 3   ASP n 
1 4   ALA n 
1 5   GLY n 
1 6   LYS n 
1 7   ARG n 
1 8   GLU n 
1 9   GLY n 
1 10  ARG n 
1 11  VAL n 
1 12  PHE n 
1 13  ALA n 
1 14  PRO n 
1 15  TYR n 
1 16  SER n 
1 17  VAL n 
1 18  PHE n 
1 19  LYS n 
1 20  GLY n 
1 21  LYS n 
1 22  ALA n 
1 23  ALA n 
1 24  LEU n 
1 25  SER n 
1 26  ALA n 
1 27  GLU n 
1 28  PRO n 
1 29  ARG n 
1 30  LEU n 
1 31  PRO n 
1 32  THR n 
1 33  PHE n 
1 34  ASN n 
1 35  ARG n 
1 36  LEU n 
1 37  ASP n 
1 38  SER n 
1 39  GLY n 
1 40  GLY n 
1 41  VAL n 
1 42  LYS n 
1 43  LEU n 
1 44  ASN n 
1 45  ARG n 
1 46  ARG n 
1 47  GLY n 
1 48  VAL n 
1 49  ILE n 
1 50  MET n 
1 51  LEU n 
1 52  THR n 
1 53  PHE n 
1 54  TRP n 
1 55  PRO n 
1 56  SER n 
1 57  VAL n 
1 58  GLY n 
1 59  GLU n 
1 60  ARG n 
1 61  LYS n 
1 62  TYR n 
1 63  ASP n 
1 64  TRP n 
1 65  GLU n 
1 66  LYS n 
1 67  ARG n 
1 68  GLN n 
1 69  LEU n 
1 70  PHE n 
1 71  ALA n 
1 72  LEU n 
1 73  SER n 
1 74  ALA n 
1 75  THR n 
1 76  GLU n 
1 77  VAL n 
1 78  GLY n 
1 79  SER n 
1 80  LEU n 
1 81  ILE n 
1 82  SER n 
1 83  MET n 
1 84  GLY n 
1 85  THR n 
1 86  ARG n 
1 87  ASP n 
1 88  SER n 
1 89  SER n 
1 90  GLU n 
1 91  PHE n 
1 92  PHE n 
1 93  HIS n 
1 94  ASP n 
1 95  PRO n 
1 96  SER n 
1 97  MET n 
1 98  LEU n 
1 99  SER n 
1 100 SER n 
1 101 ASN n 
1 102 ALA n 
1 103 GLY n 
1 104 GLN n 
1 105 VAL n 
1 106 ARG n 
1 107 LYS n 
1 108 SER n 
1 109 LEU n 
1 110 SER n 
1 111 ILE n 
1 112 LYS n 
1 113 PRO n 
1 114 ASN n 
1 115 ALA n 
1 116 ASP n 
1 117 GLY n 
1 118 SER n 
1 119 GLY n 
1 120 TYR n 
1 121 PHE n 
1 122 ILE n 
1 123 SER n 
1 124 LEU n 
1 125 SER n 
1 126 VAL n 
1 127 VAL n 
1 128 ASN n 
1 129 ASN n 
1 130 ASN n 
1 131 LEU n 
1 132 LYS n 
1 133 THR n 
1 134 ASN n 
1 135 ASP n 
1 136 ARG n 
1 137 PHE n 
1 138 THR n 
1 139 VAL n 
1 140 PRO n 
1 141 VAL n 
1 142 THR n 
1 143 THR n 
1 144 ALA n 
1 145 GLU n 
1 146 PHE n 
1 147 ALA n 
1 148 VAL n 
1 149 MET n 
1 150 ARG n 
1 151 THR n 
1 152 ALA n 
1 153 PHE n 
1 154 SER n 
1 155 PHE n 
1 156 ALA n 
1 157 LEU n 
1 158 PRO n 
1 159 HIS n 
1 160 ILE n 
1 161 MET n 
1 162 GLY n 
1 163 TRP n 
1 164 ASP n 
1 165 ARG n 
1 166 PHE n 
1 167 THR n 
1 168 ASN n 
1 169 ARG n 
1 170 PRO n 
1 171 LEU n 
1 172 GLU n 
1 173 HIS n 
1 174 HIS n 
1 175 HIS n 
1 176 HIS n 
1 177 HIS n 
1 178 HIS n 
# 
_entity_src_gen.entity_id                          1 
_entity_src_gen.pdbx_src_id                        1 
_entity_src_gen.pdbx_alt_source_flag               sample 
_entity_src_gen.pdbx_seq_type                      ? 
_entity_src_gen.pdbx_beg_seq_num                   ? 
_entity_src_gen.pdbx_end_seq_num                   ? 
_entity_src_gen.gene_src_common_name               Potato 
_entity_src_gen.gene_src_genus                     ? 
_entity_src_gen.pdbx_gene_src_gene                 StWhy2 
_entity_src_gen.gene_src_species                   ? 
_entity_src_gen.gene_src_strain                    Kennebec 
_entity_src_gen.gene_src_tissue                    ? 
_entity_src_gen.gene_src_tissue_fraction           ? 
_entity_src_gen.gene_src_details                   ? 
_entity_src_gen.pdbx_gene_src_fragment             ? 
_entity_src_gen.pdbx_gene_src_scientific_name      'Solanum tuberosum' 
_entity_src_gen.pdbx_gene_src_ncbi_taxonomy_id     4113 
_entity_src_gen.pdbx_gene_src_variant              ? 
_entity_src_gen.pdbx_gene_src_cell_line            ? 
_entity_src_gen.pdbx_gene_src_atcc                 ? 
_entity_src_gen.pdbx_gene_src_organ                ? 
_entity_src_gen.pdbx_gene_src_organelle            ? 
_entity_src_gen.pdbx_gene_src_cell                 ? 
_entity_src_gen.pdbx_gene_src_cellular_location    ? 
_entity_src_gen.host_org_common_name               ? 
_entity_src_gen.pdbx_host_org_scientific_name      'Escherichia coli' 
_entity_src_gen.pdbx_host_org_ncbi_taxonomy_id     469008 
_entity_src_gen.host_org_genus                     ? 
_entity_src_gen.pdbx_host_org_gene                 ? 
_entity_src_gen.pdbx_host_org_organ                ? 
_entity_src_gen.host_org_species                   ? 
_entity_src_gen.pdbx_host_org_tissue               ? 
_entity_src_gen.pdbx_host_org_tissue_fraction      ? 
_entity_src_gen.pdbx_host_org_strain               'BL21(DE3)' 
_entity_src_gen.pdbx_host_org_variant              ? 
_entity_src_gen.pdbx_host_org_cell_line            ? 
_entity_src_gen.pdbx_host_org_atcc                 ? 
_entity_src_gen.pdbx_host_org_culture_collection   ? 
_entity_src_gen.pdbx_host_org_cell                 ? 
_entity_src_gen.pdbx_host_org_organelle            ? 
_entity_src_gen.pdbx_host_org_cellular_location    ? 
_entity_src_gen.pdbx_host_org_vector_type          plasmid 
_entity_src_gen.pdbx_host_org_vector               ? 
_entity_src_gen.host_org_details                   ? 
_entity_src_gen.expression_system_id               ? 
_entity_src_gen.plasmid_name                       pET21a 
_entity_src_gen.plasmid_details                    ? 
_entity_src_gen.pdbx_description                   ? 
# 
_struct_ref.id                         1 
_struct_ref.db_name                    PDB 
_struct_ref.db_code                    3N1H 
_struct_ref.pdbx_db_accession          3N1H 
_struct_ref.entity_id                  1 
_struct_ref.pdbx_align_begin           ? 
_struct_ref.pdbx_seq_one_letter_code   
;MADAGKREGRVFAPYSVFKGKAALSAEPRLPTFNRLDSGGVKLNRRGVIMLTFWPSVGERKYDWEKRQLFALSATEVGSL
ISMGTRDSSEFFHDPSMLSSNAGQVRKSLSIKPNADGSGYFISLSVVNNNLKTNDRFTVPVTTAEFAVMRTAFSFALPHI
MGWDRFTNRPLEHHHHHH
;
_struct_ref.pdbx_db_isoform            ? 
# 
_struct_ref_seq.align_id                      1 
_struct_ref_seq.ref_id                        1 
_struct_ref_seq.pdbx_PDB_id_code              3N1H 
_struct_ref_seq.pdbx_strand_id                A 
_struct_ref_seq.seq_align_beg                 1 
_struct_ref_seq.pdbx_seq_align_beg_ins_code   ? 
_struct_ref_seq.seq_align_end                 178 
_struct_ref_seq.pdbx_seq_align_end_ins_code   ? 
_struct_ref_seq.pdbx_db_accession             3N1H 
_struct_ref_seq.db_align_beg                  47 
_struct_ref_seq.pdbx_db_align_beg_ins_code    ? 
_struct_ref_seq.db_align_end                  224 
_struct_ref_seq.pdbx_db_align_end_ins_code    ? 
_struct_ref_seq.pdbx_auth_seq_align_beg       47 
_struct_ref_seq.pdbx_auth_seq_align_end       224 
# 
loop_
_chem_comp.id 
_chem_comp.type 
_chem_comp.mon_nstd_flag 
_chem_comp.name 
_chem_comp.pdbx_synonyms 
_chem_comp.formula 
_chem_comp.formula_weight 
ALA 'L-peptide linking' y ALANINE         ? 'C3 H7 N O2'     89.093  
ARG 'L-peptide linking' y ARGININE        ? 'C6 H15 N4 O2 1' 175.209 
ASN 'L-peptide linking' y ASPARAGINE      ? 'C4 H8 N2 O3'    132.118 
ASP 'L-peptide linking' y 'ASPARTIC ACID' ? 'C4 H7 N O4'     133.103 
GLN 'L-peptide linking' y GLUTAMINE       ? 'C5 H10 N2 O3'   146.144 
GLU 'L-peptide linking' y 'GLUTAMIC ACID' ? 'C5 H9 N O4'     147.129 
GLY 'peptide linking'   y GLYCINE         ? 'C2 H5 N O2'     75.067  
HIS 'L-peptide linking' y HISTIDINE       ? 'C6 H10 N3 O2 1' 156.162 
HOH non-polymer         . WATER           ? 'H2 O'           18.015  
ILE 'L-peptide linking' y ISOLEUCINE      ? 'C6 H13 N O2'    131.173 
LEU 'L-peptide linking' y LEUCINE         ? 'C6 H13 N O2'    131.173 
LYS 'L-peptide linking' y LYSINE          ? 'C6 H15 N2 O2 1' 147.195 
MET 'L-peptide linking' y METHIONINE      ? 'C5 H11 N O2 S'  149.211 
PHE 'L-peptide linking' y PHENYLALANINE   ? 'C9 H11 N O2'    165.189 
PO4 non-polymer         . 'PHOSPHATE ION' ? 'O4 P -3'        94.971  
PRO 'L-peptide linking' y PROLINE         ? 'C5 H9 N O2'     115.130 
SER 'L-peptide linking' y SERINE          ? 'C3 H7 N O3'     105.093 
THR 'L-peptide linking' y THREONINE       ? 'C4 H9 N O3'     119.119 
TRP 'L-peptide linking' y TRYPTOPHAN      ? 'C11 H12 N2 O2'  204.225 
TYR 'L-peptide linking' y TYROSINE        ? 'C9 H11 N O3'    181.189 
VAL 'L-peptide linking' y VALINE          ? 'C5 H11 N O2'    117.146 
# 
_exptl.entry_id          3N1H 
_exptl.method            'X-RAY DIFFRACTION' 
_exptl.crystals_number   1 
# 
_exptl_crystal.id                    1 
_exptl_crystal.density_meas          ? 
_exptl_crystal.density_Matthews      2.32 
_exptl_crystal.density_percent_sol   47.02 
_exptl_crystal.description           ? 
_exptl_crystal.F_000                 ? 
_exptl_crystal.preparation           ? 
# 
_exptl_crystal_grow.crystal_id      1 
_exptl_crystal_grow.method          'VAPOR DIFFUSION, HANGING DROP' 
_exptl_crystal_grow.temp            298 
_exptl_crystal_grow.temp_details    ? 
_exptl_crystal_grow.pH              7.0 
_exptl_crystal_grow.pdbx_details    
'21% PEG1000, 0.1M MOPS, 0.4M NH4H2PO4, pH 7.0, VAPOR DIFFUSION, HANGING DROP, temperature 298K' 
_exptl_crystal_grow.pdbx_pH_range   ? 
# 
_diffrn.id                     1 
_diffrn.ambient_temp           100 
_diffrn.ambient_temp_details   ? 
_diffrn.crystal_id             1 
# 
_diffrn_detector.diffrn_id              1 
_diffrn_detector.detector               CCD 
_diffrn_detector.type                   'ADSC QUANTUM 315' 
_diffrn_detector.pdbx_collection_date   2007-11-14 
_diffrn_detector.details                ? 
# 
_diffrn_radiation.diffrn_id                        1 
_diffrn_radiation.wavelength_id                    1 
_diffrn_radiation.pdbx_monochromatic_or_laue_m_l   M 
_diffrn_radiation.monochromator                    'Si 111 CHANNEL' 
_diffrn_radiation.pdbx_diffrn_protocol             'SINGLE WAVELENGTH' 
_diffrn_radiation.pdbx_scattering_type             x-ray 
# 
_diffrn_radiation_wavelength.id           1 
_diffrn_radiation_wavelength.wavelength   1.08 
_diffrn_radiation_wavelength.wt           1.0 
# 
_diffrn_source.diffrn_id                   1 
_diffrn_source.source                      SYNCHROTRON 
_diffrn_source.type                        'NSLS BEAMLINE X25' 
_diffrn_source.pdbx_synchrotron_site       NSLS 
_diffrn_source.pdbx_synchrotron_beamline   X25 
_diffrn_source.pdbx_wavelength             ? 
_diffrn_source.pdbx_wavelength_list        1.08 
# 
_reflns.entry_id                     3N1H 
_reflns.observed_criterion_sigma_I   0 
_reflns.observed_criterion_sigma_F   0 
_reflns.d_resolution_low             50 
_reflns.d_resolution_high            2.20 
_reflns.number_obs                   10208 
_reflns.number_all                   10213 
_reflns.percent_possible_obs         100.0 
_reflns.pdbx_Rmerge_I_obs            ? 
_reflns.pdbx_Rsym_value              0.076 
_reflns.pdbx_netI_over_sigmaI        16.9 
_reflns.B_iso_Wilson_estimate        45.402 
_reflns.pdbx_redundancy              37.3 
_reflns.R_free_details               ? 
_reflns.limit_h_max                  ? 
_reflns.limit_h_min                  ? 
_reflns.limit_k_max                  ? 
_reflns.limit_k_min                  ? 
_reflns.limit_l_max                  ? 
_reflns.limit_l_min                  ? 
_reflns.observed_criterion_F_max     ? 
_reflns.observed_criterion_F_min     ? 
_reflns.pdbx_chi_squared             ? 
_reflns.pdbx_scaling_rejects         ? 
_reflns.pdbx_diffrn_id               1 
_reflns.pdbx_ordinal                 1 
# 
_reflns_shell.d_res_high             2.20 
_reflns_shell.d_res_low              2.28 
_reflns_shell.percent_possible_all   99.9 
_reflns_shell.Rmerge_I_obs           ? 
_reflns_shell.pdbx_Rsym_value        0.92 
_reflns_shell.meanI_over_sigI_obs    3.8 
_reflns_shell.pdbx_redundancy        19.5 
_reflns_shell.percent_possible_obs   ? 
_reflns_shell.number_unique_all      986 
_reflns_shell.number_measured_all    ? 
_reflns_shell.number_measured_obs    ? 
_reflns_shell.number_unique_obs      ? 
_reflns_shell.pdbx_chi_squared       ? 
_reflns_shell.pdbx_diffrn_id         ? 
_reflns_shell.pdbx_ordinal           1 
# 
_refine.entry_id                                 3N1H 
_refine.ls_number_reflns_obs                     9872 
_refine.ls_number_reflns_all                     10208 
_refine.pdbx_ls_sigma_I                          ? 
_refine.pdbx_ls_sigma_F                          0.06 
_refine.pdbx_data_cutoff_high_absF               ? 
_refine.pdbx_data_cutoff_low_absF                ? 
_refine.pdbx_data_cutoff_high_rms_absF           ? 
_refine.ls_d_res_low                             49.622 
_refine.ls_d_res_high                            2.201 
_refine.ls_percent_reflns_obs                    96.70 
_refine.ls_R_factor_obs                          0.2060 
_refine.ls_R_factor_all                          ? 
_refine.ls_R_factor_R_work                       0.2032 
_refine.ls_R_factor_R_free                       0.2508 
_refine.ls_R_factor_R_free_error                 ? 
_refine.ls_R_factor_R_free_error_details         ? 
_refine.ls_percent_reflns_R_free                 5.39 
_refine.ls_number_reflns_R_free                  532 
_refine.ls_number_parameters                     ? 
_refine.ls_number_restraints                     ? 
_refine.occupancy_min                            ? 
_refine.occupancy_max                            ? 
_refine.correlation_coeff_Fo_to_Fc               ? 
_refine.correlation_coeff_Fo_to_Fc_free          ? 
_refine.B_iso_mean                               51.11 
_refine.aniso_B[1][1]                            0.0000 
_refine.aniso_B[2][2]                            0.0000 
_refine.aniso_B[3][3]                            0.0000 
_refine.aniso_B[1][2]                            0.0000 
_refine.aniso_B[1][3]                            0.0000 
_refine.aniso_B[2][3]                            -0.0000 
_refine.solvent_model_details                    'FLAT BULK SOLVENT MODEL' 
_refine.solvent_model_param_ksol                 0.341 
_refine.solvent_model_param_bsol                 56.228 
_refine.pdbx_solvent_vdw_probe_radii             1.11 
_refine.pdbx_solvent_ion_probe_radii             ? 
_refine.pdbx_solvent_shrinkage_radii             0.90 
_refine.pdbx_ls_cross_valid_method               THROUGHOUT 
_refine.details                                  ? 
_refine.pdbx_starting_model                      'PDB ENTRY 1L3A' 
_refine.pdbx_method_to_determine_struct          'MOLECULAR REPLACEMENT' 
_refine.pdbx_isotropic_thermal_model             Isotropic 
_refine.pdbx_stereochemistry_target_values       ML 
_refine.pdbx_stereochem_target_val_spec_case     ? 
_refine.pdbx_R_Free_selection_details            RANDOM 
_refine.pdbx_overall_ESU_R_Free                  ? 
_refine.overall_SU_ML                            1.74 
_refine.overall_SU_B                             ? 
_refine.overall_SU_R_Cruickshank_DPI             ? 
_refine.ls_redundancy_reflns_obs                 ? 
_refine.B_iso_min                                ? 
_refine.B_iso_max                                ? 
_refine.overall_SU_R_free                        ? 
_refine.ls_wR_factor_R_free                      ? 
_refine.ls_wR_factor_R_work                      ? 
_refine.overall_FOM_free_R_set                   ? 
_refine.overall_FOM_work_R_set                   ? 
_refine.pdbx_overall_phase_error                 ? 
_refine.pdbx_refine_id                           'X-RAY DIFFRACTION' 
_refine.pdbx_overall_ESU_R                       ? 
_refine.pdbx_diffrn_id                           1 
_refine.pdbx_TLS_residual_ADP_flag               ? 
_refine.pdbx_overall_SU_R_free_Cruickshank_DPI   ? 
_refine.pdbx_overall_SU_R_Blow_DPI               ? 
_refine.pdbx_overall_SU_R_free_Blow_DPI          ? 
# 
_refine_hist.pdbx_refine_id                   'X-RAY DIFFRACTION' 
_refine_hist.cycle_id                         LAST 
_refine_hist.pdbx_number_atoms_protein        1266 
_refine_hist.pdbx_number_atoms_nucleic_acid   0 
_refine_hist.pdbx_number_atoms_ligand         10 
_refine_hist.number_atoms_solvent             69 
_refine_hist.number_atoms_total               1345 
_refine_hist.d_res_high                       2.201 
_refine_hist.d_res_low                        49.622 
# 
loop_
_refine_ls_restr.type 
_refine_ls_restr.dev_ideal 
_refine_ls_restr.dev_ideal_target 
_refine_ls_restr.weight 
_refine_ls_restr.number 
_refine_ls_restr.pdbx_refine_id 
_refine_ls_restr.pdbx_restraint_function 
f_bond_d           0.013  ? ? 1306 'X-RAY DIFFRACTION' ? 
f_angle_d          1.414  ? ? 1766 'X-RAY DIFFRACTION' ? 
f_dihedral_angle_d 17.824 ? ? 471  'X-RAY DIFFRACTION' ? 
f_chiral_restr     0.096  ? ? 189  'X-RAY DIFFRACTION' ? 
f_plane_restr      0.006  ? ? 227  'X-RAY DIFFRACTION' ? 
# 
loop_
_refine_ls_shell.pdbx_total_number_of_bins_used 
_refine_ls_shell.d_res_high 
_refine_ls_shell.d_res_low 
_refine_ls_shell.number_reflns_R_work 
_refine_ls_shell.R_factor_R_work 
_refine_ls_shell.percent_reflns_obs 
_refine_ls_shell.R_factor_R_free 
_refine_ls_shell.R_factor_R_free_error 
_refine_ls_shell.percent_reflns_R_free 
_refine_ls_shell.number_reflns_R_free 
_refine_ls_shell.number_reflns_all 
_refine_ls_shell.R_factor_all 
_refine_ls_shell.number_reflns_obs 
_refine_ls_shell.redundancy_reflns_obs 
_refine_ls_shell.pdbx_refine_id 
. 2.2008 2.4223  2148 0.2384 91.00  0.3319 . . 110 . . . . 'X-RAY DIFFRACTION' 
. 2.4223 2.7728  2283 0.2225 96.00  0.2787 . . 129 . . . . 'X-RAY DIFFRACTION' 
. 2.7728 3.4933  2359 0.2049 99.00  0.2853 . . 121 . . . . 'X-RAY DIFFRACTION' 
. 3.4933 49.6341 2550 0.1893 100.00 0.2245 . . 172 . . . . 'X-RAY DIFFRACTION' 
# 
_struct.entry_id                  3N1H 
_struct.title                     'Crystal Structure of StWhy2' 
_struct.pdbx_model_details        ? 
_struct.pdbx_CASP_flag            ? 
_struct.pdbx_model_type_details   ? 
# 
_struct_keywords.entry_id        3N1H 
_struct_keywords.pdbx_keywords   'DNA BINDING PROTEIN' 
_struct_keywords.text            'StWhy2, Single-stranded DNA binding protein, Plant, Potato, Whirly, DNA BINDING PROTEIN' 
# 
loop_
_struct_asym.id 
_struct_asym.pdbx_blank_PDB_chainid_flag 
_struct_asym.pdbx_modified 
_struct_asym.entity_id 
_struct_asym.details 
A N N 1 ? 
B N N 2 ? 
C N N 2 ? 
D N N 3 ? 
# 
_struct_biol.id        1 
_struct_biol.details   ? 
# 
loop_
_struct_conf.conf_type_id 
_struct_conf.id 
_struct_conf.pdbx_PDB_helix_id 
_struct_conf.beg_label_comp_id 
_struct_conf.beg_label_asym_id 
_struct_conf.beg_label_seq_id 
_struct_conf.pdbx_beg_PDB_ins_code 
_struct_conf.end_label_comp_id 
_struct_conf.end_label_asym_id 
_struct_conf.end_label_seq_id 
_struct_conf.pdbx_end_PDB_ins_code 
_struct_conf.beg_auth_comp_id 
_struct_conf.beg_auth_asym_id 
_struct_conf.beg_auth_seq_id 
_struct_conf.end_auth_comp_id 
_struct_conf.end_auth_asym_id 
_struct_conf.end_auth_seq_id 
_struct_conf.pdbx_PDB_helix_class 
_struct_conf.details 
_struct_conf.pdbx_PDB_helix_length 
HELX_P HELX_P1 1 ASP A 63  ? ARG A 67  ? ASP A 109 ARG A 113 5 ? 5  
HELX_P HELX_P2 2 SER A 73  ? SER A 82  ? SER A 119 SER A 128 1 ? 10 
HELX_P HELX_P3 3 THR A 143 ? MET A 161 ? THR A 189 MET A 207 1 ? 19 
HELX_P HELX_P4 4 GLY A 162 ? PHE A 166 ? GLY A 208 PHE A 212 5 ? 5  
# 
_struct_conf_type.id          HELX_P 
_struct_conf_type.criteria    ? 
_struct_conf_type.reference   ? 
# 
loop_
_struct_sheet.id 
_struct_sheet.type 
_struct_sheet.number_strands 
_struct_sheet.details 
A ? 4 ? 
B ? 2 ? 
C ? 4 ? 
# 
loop_
_struct_sheet_order.sheet_id 
_struct_sheet_order.range_id_1 
_struct_sheet_order.range_id_2 
_struct_sheet_order.offset 
_struct_sheet_order.sense 
A 1 2 ? anti-parallel 
A 2 3 ? anti-parallel 
A 3 4 ? anti-parallel 
B 1 2 ? anti-parallel 
C 1 2 ? anti-parallel 
C 2 3 ? anti-parallel 
C 3 4 ? anti-parallel 
# 
loop_
_struct_sheet_range.sheet_id 
_struct_sheet_range.id 
_struct_sheet_range.beg_label_comp_id 
_struct_sheet_range.beg_label_asym_id 
_struct_sheet_range.beg_label_seq_id 
_struct_sheet_range.pdbx_beg_PDB_ins_code 
_struct_sheet_range.end_label_comp_id 
_struct_sheet_range.end_label_asym_id 
_struct_sheet_range.end_label_seq_id 
_struct_sheet_range.pdbx_end_PDB_ins_code 
_struct_sheet_range.beg_auth_comp_id 
_struct_sheet_range.beg_auth_asym_id 
_struct_sheet_range.beg_auth_seq_id 
_struct_sheet_range.end_auth_comp_id 
_struct_sheet_range.end_auth_asym_id 
_struct_sheet_range.end_auth_seq_id 
A 1 TYR A 15  ? PHE A 18  ? TYR A 61  PHE A 64  
A 2 ALA A 22  ? ARG A 29  ? ALA A 68  ARG A 75  
A 3 VAL A 48  ? PRO A 55  ? VAL A 94  PRO A 101 
A 4 GLN A 68  ? LEU A 72  ? GLN A 114 LEU A 118 
B 1 PHE A 33  ? ARG A 35  ? PHE A 79  ARG A 81  
B 2 VAL A 41  ? LEU A 43  ? VAL A 87  LEU A 89  
C 1 SER A 89  ? HIS A 93  ? SER A 135 HIS A 139 
C 2 VAL A 105 ? PRO A 113 ? VAL A 151 PRO A 159 
C 3 GLY A 119 ? ASN A 128 ? GLY A 165 ASN A 174 
C 4 THR A 133 ? THR A 142 ? THR A 179 THR A 188 
# 
loop_
_pdbx_struct_sheet_hbond.sheet_id 
_pdbx_struct_sheet_hbond.range_id_1 
_pdbx_struct_sheet_hbond.range_id_2 
_pdbx_struct_sheet_hbond.range_1_label_atom_id 
_pdbx_struct_sheet_hbond.range_1_label_comp_id 
_pdbx_struct_sheet_hbond.range_1_label_asym_id 
_pdbx_struct_sheet_hbond.range_1_label_seq_id 
_pdbx_struct_sheet_hbond.range_1_PDB_ins_code 
_pdbx_struct_sheet_hbond.range_1_auth_atom_id 
_pdbx_struct_sheet_hbond.range_1_auth_comp_id 
_pdbx_struct_sheet_hbond.range_1_auth_asym_id 
_pdbx_struct_sheet_hbond.range_1_auth_seq_id 
_pdbx_struct_sheet_hbond.range_2_label_atom_id 
_pdbx_struct_sheet_hbond.range_2_label_comp_id 
_pdbx_struct_sheet_hbond.range_2_label_asym_id 
_pdbx_struct_sheet_hbond.range_2_label_seq_id 
_pdbx_struct_sheet_hbond.range_2_PDB_ins_code 
_pdbx_struct_sheet_hbond.range_2_auth_atom_id 
_pdbx_struct_sheet_hbond.range_2_auth_comp_id 
_pdbx_struct_sheet_hbond.range_2_auth_asym_id 
_pdbx_struct_sheet_hbond.range_2_auth_seq_id 
A 1 2 N VAL A 17  ? N VAL A 63  O LEU A 24  ? O LEU A 70  
A 2 3 N ALA A 23  ? N ALA A 69  O TRP A 54  ? O TRP A 100 
A 3 4 N ILE A 49  ? N ILE A 95  O LEU A 72  ? O LEU A 118 
B 1 2 N ASN A 34  ? N ASN A 80  O LYS A 42  ? O LYS A 88  
C 1 2 N HIS A 93  ? N HIS A 139 O LYS A 107 ? O LYS A 153 
C 2 3 N LYS A 112 ? N LYS A 158 O PHE A 121 ? O PHE A 167 
C 3 4 N ILE A 122 ? N ILE A 168 O VAL A 139 ? O VAL A 185 
# 
loop_
_struct_site.id 
_struct_site.pdbx_evidence_code 
_struct_site.pdbx_auth_asym_id 
_struct_site.pdbx_auth_comp_id 
_struct_site.pdbx_auth_seq_id 
_struct_site.pdbx_auth_ins_code 
_struct_site.pdbx_num_residues 
_struct_site.details 
AC1 Software A PO4 1 ? 3 'BINDING SITE FOR RESIDUE PO4 A 1' 
AC2 Software A PO4 2 ? 5 'BINDING SITE FOR RESIDUE PO4 A 2' 
# 
loop_
_struct_site_gen.id 
_struct_site_gen.site_id 
_struct_site_gen.pdbx_num_res 
_struct_site_gen.label_comp_id 
_struct_site_gen.label_asym_id 
_struct_site_gen.label_seq_id 
_struct_site_gen.pdbx_auth_ins_code 
_struct_site_gen.auth_comp_id 
_struct_site_gen.auth_asym_id 
_struct_site_gen.auth_seq_id 
_struct_site_gen.label_atom_id 
_struct_site_gen.label_alt_id 
_struct_site_gen.symmetry 
_struct_site_gen.details 
1 AC1 3 ARG A 29  ? ARG A 75  . ? 1_555 ? 
2 AC1 3 ARG A 45  ? ARG A 91  . ? 1_555 ? 
3 AC1 3 ARG A 46  ? ARG A 92  . ? 1_555 ? 
4 AC2 5 PHE A 70  ? PHE A 116 . ? 1_555 ? 
5 AC2 5 ALA A 71  ? ALA A 117 . ? 1_555 ? 
6 AC2 5 HIS A 93  ? HIS A 139 . ? 1_555 ? 
7 AC2 5 LYS A 107 ? LYS A 153 . ? 1_555 ? 
8 AC2 5 HOH D .   ? HOH A 234 . ? 1_555 ? 
# 
_atom_sites.entry_id                    3N1H 
_atom_sites.fract_transf_matrix[1][1]   -0.00342997 
_atom_sites.fract_transf_matrix[1][2]   0.00123243 
_atom_sites.fract_transf_matrix[1][3]   0.00486150 
_atom_sites.fract_transf_matrix[2][1]   0.00453026 
_atom_sites.fract_transf_matrix[2][2]   -0.00176550 
_atom_sites.fract_transf_matrix[2][3]   0.00364383 
_atom_sites.fract_transf_matrix[3][1]   0.00215171 
_atom_sites.fract_transf_matrix[3][2]   0.00568172 
_atom_sites.fract_transf_matrix[3][3]   0.00007774 
_atom_sites.fract_transf_vector[1]      0.409414 
_atom_sites.fract_transf_vector[2]      0.733721 
_atom_sites.fract_transf_vector[3]      -0.414551 
# 
loop_
_atom_type.symbol 
C 
N 
O 
P 
S 
# 
loop_
_atom_site.group_PDB 
_atom_site.id 
_atom_site.type_symbol 
_atom_site.label_atom_id 
_atom_site.label_alt_id 
_atom_site.label_comp_id 
_atom_site.label_asym_id 
_atom_site.label_entity_id 
_atom_site.label_seq_id 
_atom_site.pdbx_PDB_ins_code 
_atom_site.Cartn_x 
_atom_site.Cartn_y 
_atom_site.Cartn_z 
_atom_site.occupancy 
_atom_site.B_iso_or_equiv 
_atom_site.pdbx_formal_charge 
_atom_site.auth_seq_id 
_atom_site.auth_comp_id 
_atom_site.auth_asym_id 
_atom_site.auth_atom_id 
_atom_site.pdbx_PDB_model_num 
ATOM   1    N N   . GLY A 1 9   ? 12.695  -11.220 15.113  1.00 76.66  ? 55  GLY A N   1 
ATOM   2    C CA  . GLY A 1 9   ? 13.187  -10.537 13.928  1.00 81.63  ? 55  GLY A CA  1 
ATOM   3    C C   . GLY A 1 9   ? 12.070  -10.063 13.007  1.00 85.28  ? 55  GLY A C   1 
ATOM   4    O O   . GLY A 1 9   ? 10.897  -9.986  13.404  1.00 76.27  ? 55  GLY A O   1 
ATOM   5    N N   . ARG A 1 10  ? 12.429  -9.745  11.766  1.00 82.10  ? 56  ARG A N   1 
ATOM   6    C CA  . ARG A 1 10  ? 11.435  -9.297  10.797  1.00 76.65  ? 56  ARG A CA  1 
ATOM   7    C C   . ARG A 1 10  ? 10.566  -10.473 10.347  1.00 72.18  ? 56  ARG A C   1 
ATOM   8    O O   . ARG A 1 10  ? 10.818  -11.625 10.715  1.00 71.32  ? 56  ARG A O   1 
ATOM   9    C CB  . ARG A 1 10  ? 12.090  -8.629  9.576   1.00 78.20  ? 56  ARG A CB  1 
ATOM   10   C CG  . ARG A 1 10  ? 13.567  -8.231  9.717   1.00 89.68  ? 56  ARG A CG  1 
ATOM   11   C CD  . ARG A 1 10  ? 14.474  -9.220  8.963   1.00 89.14  ? 56  ARG A CD  1 
ATOM   12   N NE  . ARG A 1 10  ? 15.751  -8.645  8.542   1.00 86.70  ? 56  ARG A NE  1 
ATOM   13   C CZ  . ARG A 1 10  ? 16.444  -9.058  7.482   1.00 94.77  ? 56  ARG A CZ  1 
ATOM   14   N NH1 . ARG A 1 10  ? 15.984  -10.047 6.713   1.00 84.61  ? 56  ARG A NH1 1 
ATOM   15   N NH2 . ARG A 1 10  ? 17.599  -8.474  7.180   1.00 94.87  ? 56  ARG A NH2 1 
ATOM   16   N N   . VAL A 1 11  ? 9.528   -10.170 9.573   1.00 70.61  ? 57  VAL A N   1 
ATOM   17   C CA  . VAL A 1 11  ? 8.690   -11.183 8.944   1.00 54.05  ? 57  VAL A CA  1 
ATOM   18   C C   . VAL A 1 11  ? 8.380   -10.716 7.537   1.00 58.76  ? 57  VAL A C   1 
ATOM   19   O O   . VAL A 1 11  ? 8.029   -9.550  7.314   1.00 57.63  ? 57  VAL A O   1 
ATOM   20   C CB  . VAL A 1 11  ? 7.360   -11.416 9.695   1.00 60.61  ? 57  VAL A CB  1 
ATOM   21   C CG1 . VAL A 1 11  ? 6.379   -12.217 8.809   1.00 50.81  ? 57  VAL A CG1 1 
ATOM   22   C CG2 . VAL A 1 11  ? 7.594   -12.094 11.047  1.00 54.86  ? 57  VAL A CG2 1 
ATOM   23   N N   . PHE A 1 12  ? 8.523   -11.646 6.596   1.00 54.13  ? 58  PHE A N   1 
ATOM   24   C CA  . PHE A 1 12  ? 8.261   -11.418 5.187   1.00 53.50  ? 58  PHE A CA  1 
ATOM   25   C C   . PHE A 1 12  ? 7.175   -12.374 4.707   1.00 54.13  ? 58  PHE A C   1 
ATOM   26   O O   . PHE A 1 12  ? 7.416   -13.573 4.577   1.00 49.42  ? 58  PHE A O   1 
ATOM   27   C CB  . PHE A 1 12  ? 9.548   -11.617 4.384   1.00 57.22  ? 58  PHE A CB  1 
ATOM   28   C CG  . PHE A 1 12  ? 10.653  -10.672 4.792   1.00 71.98  ? 58  PHE A CG  1 
ATOM   29   C CD1 . PHE A 1 12  ? 11.673  -11.090 5.647   1.00 67.71  ? 58  PHE A CD1 1 
ATOM   30   C CD2 . PHE A 1 12  ? 10.647  -9.348  4.354   1.00 68.92  ? 58  PHE A CD2 1 
ATOM   31   C CE1 . PHE A 1 12  ? 12.671  -10.217 6.040   1.00 73.81  ? 58  PHE A CE1 1 
ATOM   32   C CE2 . PHE A 1 12  ? 11.646  -8.474  4.736   1.00 71.17  ? 58  PHE A CE2 1 
ATOM   33   C CZ  . PHE A 1 12  ? 12.659  -8.906  5.587   1.00 73.62  ? 58  PHE A CZ  1 
ATOM   34   N N   . ALA A 1 13  ? 5.980   -11.849 4.441   1.00 44.79  ? 59  ALA A N   1 
ATOM   35   C CA  . ALA A 1 13  ? 4.907   -12.688 3.975   1.00 36.79  ? 59  ALA A CA  1 
ATOM   36   C C   . ALA A 1 13  ? 3.890   -11.913 3.114   1.00 42.44  ? 59  ALA A C   1 
ATOM   37   O O   . ALA A 1 13  ? 2.705   -11.839 3.421   1.00 35.45  ? 59  ALA A O   1 
ATOM   38   C CB  . ALA A 1 13  ? 4.268   -13.367 5.137   1.00 33.55  ? 59  ALA A CB  1 
ATOM   39   N N   . PRO A 1 14  ? 4.365   -11.368 1.992   1.00 37.26  ? 60  PRO A N   1 
ATOM   40   C CA  . PRO A 1 14  ? 3.584   -10.457 1.152   1.00 37.44  ? 60  PRO A CA  1 
ATOM   41   C C   . PRO A 1 14  ? 2.449   -11.218 0.488   1.00 44.49  ? 60  PRO A C   1 
ATOM   42   O O   . PRO A 1 14  ? 2.602   -12.412 0.283   1.00 41.21  ? 60  PRO A O   1 
ATOM   43   C CB  . PRO A 1 14  ? 4.598   -10.013 0.087   1.00 40.91  ? 60  PRO A CB  1 
ATOM   44   C CG  . PRO A 1 14  ? 5.527   -11.238 -0.033  1.00 40.63  ? 60  PRO A CG  1 
ATOM   45   C CD  . PRO A 1 14  ? 5.689   -11.677 1.411   1.00 43.03  ? 60  PRO A CD  1 
ATOM   46   N N   . TYR A 1 15  ? 1.326   -10.564 0.198   1.00 41.97  ? 61  TYR A N   1 
ATOM   47   C CA  . TYR A 1 15  ? 0.327   -11.142 -0.695  1.00 40.67  ? 61  TYR A CA  1 
ATOM   48   C C   . TYR A 1 15  ? 0.577   -10.549 -2.063  1.00 41.53  ? 61  TYR A C   1 
ATOM   49   O O   . TYR A 1 15  ? 0.619   -9.348  -2.214  1.00 42.13  ? 61  TYR A O   1 
ATOM   50   C CB  . TYR A 1 15  ? -1.104  -10.846 -0.240  1.00 37.38  ? 61  TYR A CB  1 
ATOM   51   C CG  . TYR A 1 15  ? -2.168  -11.273 -1.242  1.00 37.78  ? 61  TYR A CG  1 
ATOM   52   C CD1 . TYR A 1 15  ? -2.354  -12.619 -1.573  1.00 40.29  ? 61  TYR A CD1 1 
ATOM   53   C CD2 . TYR A 1 15  ? -2.982  -10.336 -1.858  1.00 35.66  ? 61  TYR A CD2 1 
ATOM   54   C CE1 . TYR A 1 15  ? -3.329  -13.007 -2.490  1.00 40.39  ? 61  TYR A CE1 1 
ATOM   55   C CE2 . TYR A 1 15  ? -3.959  -10.714 -2.792  1.00 36.14  ? 61  TYR A CE2 1 
ATOM   56   C CZ  . TYR A 1 15  ? -4.135  -12.036 -3.102  1.00 43.75  ? 61  TYR A CZ  1 
ATOM   57   O OH  . TYR A 1 15  ? -5.121  -12.390 -4.013  1.00 36.36  ? 61  TYR A OH  1 
ATOM   58   N N   . SER A 1 16  ? 0.736   -11.394 -3.066  1.00 42.22  ? 62  SER A N   1 
ATOM   59   C CA  . SER A 1 16  ? 1.192   -10.917 -4.362  1.00 38.28  ? 62  SER A CA  1 
ATOM   60   C C   . SER A 1 16  ? 0.244   -11.279 -5.489  1.00 40.26  ? 62  SER A C   1 
ATOM   61   O O   . SER A 1 16  ? -0.376  -12.342 -5.468  1.00 41.66  ? 62  SER A O   1 
ATOM   62   C CB  . SER A 1 16  ? 2.603   -11.425 -4.639  1.00 34.47  ? 62  SER A CB  1 
ATOM   63   O OG  . SER A 1 16  ? 3.488   -10.889 -3.669  1.00 42.40  ? 62  SER A OG  1 
ATOM   64   N N   . VAL A 1 17  ? 0.139   -10.350 -6.442  1.00 41.41  ? 63  VAL A N   1 
ATOM   65   C CA  . VAL A 1 17  ? -0.689  -10.450 -7.654  1.00 40.18  ? 63  VAL A CA  1 
ATOM   66   C C   . VAL A 1 17  ? 0.241   -10.099 -8.836  1.00 45.11  ? 63  VAL A C   1 
ATOM   67   O O   . VAL A 1 17  ? 0.797   -9.006  -8.877  1.00 40.39  ? 63  VAL A O   1 
ATOM   68   C CB  . VAL A 1 17  ? -1.896  -9.463  -7.580  1.00 42.42  ? 63  VAL A CB  1 
ATOM   69   C CG1 . VAL A 1 17  ? -2.695  -9.450  -8.865  1.00 40.19  ? 63  VAL A CG1 1 
ATOM   70   C CG2 . VAL A 1 17  ? -2.799  -9.831  -6.403  1.00 41.38  ? 63  VAL A CG2 1 
ATOM   71   N N   . PHE A 1 18  ? 0.468   -11.060 -9.734  1.00 38.65  ? 64  PHE A N   1 
ATOM   72   C CA  . PHE A 1 18  ? 1.357   -10.889 -10.884 1.00 42.75  ? 64  PHE A CA  1 
ATOM   73   C C   . PHE A 1 18  ? 0.527   -10.930 -12.160 1.00 44.59  ? 64  PHE A C   1 
ATOM   74   O O   . PHE A 1 18  ? -0.133  -11.916 -12.446 1.00 45.81  ? 64  PHE A O   1 
ATOM   75   C CB  . PHE A 1 18  ? 2.359   -12.027 -10.967 1.00 45.97  ? 64  PHE A CB  1 
ATOM   76   C CG  . PHE A 1 18  ? 3.157   -12.229 -9.724  1.00 49.99  ? 64  PHE A CG  1 
ATOM   77   C CD1 . PHE A 1 18  ? 4.333   -11.540 -9.524  1.00 45.28  ? 64  PHE A CD1 1 
ATOM   78   C CD2 . PHE A 1 18  ? 2.739   -13.124 -8.761  1.00 53.60  ? 64  PHE A CD2 1 
ATOM   79   C CE1 . PHE A 1 18  ? 5.067   -11.731 -8.406  1.00 45.38  ? 64  PHE A CE1 1 
ATOM   80   C CE2 . PHE A 1 18  ? 3.492   -13.319 -7.613  1.00 48.18  ? 64  PHE A CE2 1 
ATOM   81   C CZ  . PHE A 1 18  ? 4.650   -12.618 -7.444  1.00 43.61  ? 64  PHE A CZ  1 
ATOM   82   N N   . LYS A 1 19  ? 0.547   -9.856  -12.925 1.00 41.07  ? 65  LYS A N   1 
ATOM   83   C CA  . LYS A 1 19  ? -0.269  -9.807  -14.131 1.00 49.19  ? 65  LYS A CA  1 
ATOM   84   C C   . LYS A 1 19  ? 0.636   -9.522  -15.349 1.00 52.11  ? 65  LYS A C   1 
ATOM   85   O O   . LYS A 1 19  ? 1.868   -9.504  -15.214 1.00 48.66  ? 65  LYS A O   1 
ATOM   86   C CB  . LYS A 1 19  ? -1.389  -8.770  -13.973 1.00 44.47  ? 65  LYS A CB  1 
ATOM   87   C CG  . LYS A 1 19  ? -2.402  -9.156  -12.897 1.00 45.76  ? 65  LYS A CG  1 
ATOM   88   C CD  . LYS A 1 19  ? -3.130  -10.450 -13.271 1.00 43.67  ? 65  LYS A CD  1 
ATOM   89   C CE  . LYS A 1 19  ? -3.893  -11.014 -12.086 1.00 47.39  ? 65  LYS A CE  1 
ATOM   90   N NZ  . LYS A 1 19  ? -5.030  -10.140 -11.662 1.00 48.75  ? 65  LYS A NZ  1 
ATOM   91   N N   . GLY A 1 20  ? 0.025   -9.307  -16.518 1.00 52.42  ? 66  GLY A N   1 
ATOM   92   C CA  . GLY A 1 20  ? 0.767   -9.157  -17.761 1.00 50.38  ? 66  GLY A CA  1 
ATOM   93   C C   . GLY A 1 20  ? 1.839   -8.088  -17.690 1.00 55.70  ? 66  GLY A C   1 
ATOM   94   O O   . GLY A 1 20  ? 2.998   -8.306  -18.055 1.00 58.82  ? 66  GLY A O   1 
ATOM   95   N N   . LYS A 1 21  ? 1.469   -6.919  -17.198 1.00 45.62  ? 67  LYS A N   1 
ATOM   96   C CA  . LYS A 1 21  ? 2.337   -5.769  -17.371 1.00 48.40  ? 67  LYS A CA  1 
ATOM   97   C C   . LYS A 1 21  ? 3.096   -5.409  -16.108 1.00 50.96  ? 67  LYS A C   1 
ATOM   98   O O   . LYS A 1 21  ? 4.142   -4.772  -16.174 1.00 50.15  ? 67  LYS A O   1 
ATOM   99   C CB  . LYS A 1 21  ? 1.513   -4.587  -17.868 1.00 54.98  ? 67  LYS A CB  1 
ATOM   100  C CG  . LYS A 1 21  ? 0.744   -4.874  -19.165 1.00 56.43  ? 67  LYS A CG  1 
ATOM   101  C CD  . LYS A 1 21  ? 1.493   -4.396  -20.399 1.00 55.38  ? 67  LYS A CD  1 
ATOM   102  C CE  . LYS A 1 21  ? 0.565   -4.421  -21.616 1.00 66.70  ? 67  LYS A CE  1 
ATOM   103  N NZ  . LYS A 1 21  ? -0.707  -3.644  -21.388 1.00 55.61  ? 67  LYS A NZ  1 
ATOM   104  N N   . ALA A 1 22  ? 2.576   -5.824  -14.955 1.00 49.83  ? 68  ALA A N   1 
ATOM   105  C CA  . ALA A 1 22  ? 3.233   -5.528  -13.687 1.00 45.53  ? 68  ALA A CA  1 
ATOM   106  C C   . ALA A 1 22  ? 2.822   -6.480  -12.567 1.00 41.48  ? 68  ALA A C   1 
ATOM   107  O O   . ALA A 1 22  ? 1.894   -7.273  -12.693 1.00 38.55  ? 68  ALA A O   1 
ATOM   108  C CB  . ALA A 1 22  ? 2.976   -4.079  -13.275 1.00 42.11  ? 68  ALA A CB  1 
ATOM   109  N N   . ALA A 1 23  ? 3.555   -6.386  -11.471 1.00 42.24  ? 69  ALA A N   1 
ATOM   110  C CA  . ALA A 1 23  ? 3.204   -7.080  -10.246 1.00 44.92  ? 69  ALA A CA  1 
ATOM   111  C C   . ALA A 1 23  ? 2.895   -6.079  -9.142  1.00 42.92  ? 69  ALA A C   1 
ATOM   112  O O   . ALA A 1 23  ? 3.325   -4.918  -9.160  1.00 40.66  ? 69  ALA A O   1 
ATOM   113  C CB  . ALA A 1 23  ? 4.350   -7.978  -9.809  1.00 42.96  ? 69  ALA A CB  1 
ATOM   114  N N   . LEU A 1 24  ? 2.191   -6.579  -8.144  1.00 42.62  ? 70  LEU A N   1 
ATOM   115  C CA  . LEU A 1 24  ? 1.834   -5.793  -6.996  1.00 40.53  ? 70  LEU A CA  1 
ATOM   116  C C   . LEU A 1 24  ? 1.943   -6.707  -5.811  1.00 44.79  ? 70  LEU A C   1 
ATOM   117  O O   . LEU A 1 24  ? 1.432   -7.845  -5.865  1.00 43.55  ? 70  LEU A O   1 
ATOM   118  C CB  . LEU A 1 24  ? 0.380   -5.390  -7.149  1.00 43.04  ? 70  LEU A CB  1 
ATOM   119  C CG  . LEU A 1 24  ? -0.329  -4.872  -5.919  1.00 41.57  ? 70  LEU A CG  1 
ATOM   120  C CD1 . LEU A 1 24  ? 0.388   -3.596  -5.469  1.00 39.58  ? 70  LEU A CD1 1 
ATOM   121  C CD2 . LEU A 1 24  ? -1.719  -4.592  -6.371  1.00 40.79  ? 70  LEU A CD2 1 
ATOM   122  N N   . SER A 1 25  ? 2.578   -6.245  -4.739  1.00 35.88  ? 71  SER A N   1 
ATOM   123  C CA  . SER A 1 25  ? 2.493   -7.008  -3.499  1.00 37.51  ? 71  SER A CA  1 
ATOM   124  C C   . SER A 1 25  ? 2.095   -6.096  -2.344  1.00 41.93  ? 71  SER A C   1 
ATOM   125  O O   . SER A 1 25  ? 2.326   -4.897  -2.404  1.00 38.73  ? 71  SER A O   1 
ATOM   126  C CB  . SER A 1 25  ? 3.799   -7.747  -3.200  1.00 36.85  ? 71  SER A CB  1 
ATOM   127  O OG  . SER A 1 25  ? 4.752   -6.869  -2.641  1.00 50.15  ? 71  SER A OG  1 
ATOM   128  N N   . ALA A 1 26  ? 1.497   -6.669  -1.299  1.00 40.71  ? 72  ALA A N   1 
ATOM   129  C CA  . ALA A 1 26  ? 1.076   -5.898  -0.126  1.00 33.08  ? 72  ALA A CA  1 
ATOM   130  C C   . ALA A 1 26  ? 1.527   -6.618  1.120   1.00 38.14  ? 72  ALA A C   1 
ATOM   131  O O   . ALA A 1 26  ? 1.390   -7.850  1.216   1.00 33.66  ? 72  ALA A O   1 
ATOM   132  C CB  . ALA A 1 26  ? -0.442  -5.759  -0.087  1.00 31.37  ? 72  ALA A CB  1 
ATOM   133  N N   . GLU A 1 27  ? 1.997   -5.848  2.090   1.00 30.94  ? 73  GLU A N   1 
ATOM   134  C CA  . GLU A 1 27  ? 2.427   -6.406  3.351   1.00 34.87  ? 73  GLU A CA  1 
ATOM   135  C C   . GLU A 1 27  ? 2.249   -5.379  4.481   1.00 37.75  ? 73  GLU A C   1 
ATOM   136  O O   . GLU A 1 27  ? 2.538   -4.208  4.288   1.00 35.33  ? 73  GLU A O   1 
ATOM   137  C CB  . GLU A 1 27  ? 3.898   -6.750  3.217   1.00 37.32  ? 73  GLU A CB  1 
ATOM   138  C CG  . GLU A 1 27  ? 4.382   -7.847  4.136   1.00 48.77  ? 73  GLU A CG  1 
ATOM   139  C CD  . GLU A 1 27  ? 5.859   -8.159  3.896   1.00 53.00  ? 73  GLU A CD  1 
ATOM   140  O OE1 . GLU A 1 27  ? 6.626   -7.187  3.710   1.00 50.79  ? 73  GLU A OE1 1 
ATOM   141  O OE2 . GLU A 1 27  ? 6.246   -9.357  3.882   1.00 51.64  ? 73  GLU A OE2 1 
ATOM   142  N N   . PRO A 1 28  ? 1.782   -5.812  5.661   1.00 34.46  ? 74  PRO A N   1 
ATOM   143  C CA  . PRO A 1 28  ? 1.637   -4.848  6.749   1.00 31.74  ? 74  PRO A CA  1 
ATOM   144  C C   . PRO A 1 28  ? 3.004   -4.463  7.276   1.00 38.94  ? 74  PRO A C   1 
ATOM   145  O O   . PRO A 1 28  ? 3.943   -5.244  7.218   1.00 39.33  ? 74  PRO A O   1 
ATOM   146  C CB  . PRO A 1 28  ? 0.863   -5.636  7.829   1.00 33.15  ? 74  PRO A CB  1 
ATOM   147  C CG  . PRO A 1 28  ? 0.316   -6.871  7.150   1.00 36.13  ? 74  PRO A CG  1 
ATOM   148  C CD  . PRO A 1 28  ? 1.307   -7.161  6.047   1.00 41.56  ? 74  PRO A CD  1 
ATOM   149  N N   . ARG A 1 29  ? 3.120   -3.252  7.771   1.00 37.23  ? 75  ARG A N   1 
ATOM   150  C CA  . ARG A 1 29  ? 4.297   -2.829  8.488   1.00 37.46  ? 75  ARG A CA  1 
ATOM   151  C C   . ARG A 1 29  ? 3.812   -2.310  9.850   1.00 39.01  ? 75  ARG A C   1 
ATOM   152  O O   . ARG A 1 29  ? 3.072   -1.329  9.901   1.00 38.08  ? 75  ARG A O   1 
ATOM   153  C CB  . ARG A 1 29  ? 5.008   -1.714  7.716   1.00 39.26  ? 75  ARG A CB  1 
ATOM   154  C CG  . ARG A 1 29  ? 6.343   -1.313  8.334   1.00 48.86  ? 75  ARG A CG  1 
ATOM   155  C CD  . ARG A 1 29  ? 6.867   -0.002  7.795   1.00 50.39  ? 75  ARG A CD  1 
ATOM   156  N NE  . ARG A 1 29  ? 6.310   1.127   8.533   1.00 54.60  ? 75  ARG A NE  1 
ATOM   157  C CZ  . ARG A 1 29  ? 6.221   2.374   8.079   1.00 58.04  ? 75  ARG A CZ  1 
ATOM   158  N NH1 . ARG A 1 29  ? 6.685   2.701   6.880   1.00 56.45  ? 75  ARG A NH1 1 
ATOM   159  N NH2 . ARG A 1 29  ? 5.669   3.302   8.845   1.00 54.22  ? 75  ARG A NH2 1 
ATOM   160  N N   . LEU A 1 30  ? 4.219   -2.977  10.937  1.00 37.99  ? 76  LEU A N   1 
ATOM   161  C CA  . LEU A 1 30  ? 3.749   -2.679  12.301  1.00 42.37  ? 76  LEU A CA  1 
ATOM   162  C C   . LEU A 1 30  ? 4.199   -1.308  12.705  1.00 36.91  ? 76  LEU A C   1 
ATOM   163  O O   . LEU A 1 30  ? 5.169   -0.778  12.142  1.00 37.65  ? 76  LEU A O   1 
ATOM   164  C CB  . LEU A 1 30  ? 4.269   -3.698  13.318  1.00 40.42  ? 76  LEU A CB  1 
ATOM   165  C CG  . LEU A 1 30  ? 3.758   -5.106  13.035  1.00 51.08  ? 76  LEU A CG  1 
ATOM   166  C CD1 . LEU A 1 30  ? 4.517   -6.163  13.842  1.00 52.33  ? 76  LEU A CD1 1 
ATOM   167  C CD2 . LEU A 1 30  ? 2.264   -5.185  13.293  1.00 45.88  ? 76  LEU A CD2 1 
ATOM   168  N N   . PRO A 1 31  ? 3.468   -0.698  13.647  1.00 36.72  ? 77  PRO A N   1 
ATOM   169  C CA  . PRO A 1 31  ? 3.878   0.584   14.215  1.00 38.21  ? 77  PRO A CA  1 
ATOM   170  C C   . PRO A 1 31  ? 4.964   0.269   15.213  1.00 39.89  ? 77  PRO A C   1 
ATOM   171  O O   . PRO A 1 31  ? 5.083   -0.881  15.630  1.00 42.09  ? 77  PRO A O   1 
ATOM   172  C CB  . PRO A 1 31  ? 2.647   1.036   14.993  1.00 35.71  ? 77  PRO A CB  1 
ATOM   173  C CG  . PRO A 1 31  ? 2.018   -0.252  15.434  1.00 41.17  ? 77  PRO A CG  1 
ATOM   174  C CD  . PRO A 1 31  ? 2.271   -1.238  14.311  1.00 39.51  ? 77  PRO A CD  1 
ATOM   175  N N   . THR A 1 32  ? 5.743   1.276   15.587  1.00 46.06  ? 78  THR A N   1 
ATOM   176  C CA  . THR A 1 32  ? 6.747   1.145   16.632  1.00 45.43  ? 78  THR A CA  1 
ATOM   177  C C   . THR A 1 32  ? 6.272   1.845   17.874  1.00 45.03  ? 78  THR A C   1 
ATOM   178  O O   . THR A 1 32  ? 5.500   2.809   17.829  1.00 42.19  ? 78  THR A O   1 
ATOM   179  C CB  . THR A 1 32  ? 8.081   1.803   16.253  1.00 47.32  ? 78  THR A CB  1 
ATOM   180  O OG1 . THR A 1 32  ? 7.883   3.209   16.032  1.00 52.96  ? 78  THR A OG1 1 
ATOM   181  C CG2 . THR A 1 32  ? 8.646   1.166   15.016  1.00 39.11  ? 78  THR A CG2 1 
ATOM   182  N N   . PHE A 1 33  ? 6.754   1.350   18.991  1.00 40.82  ? 79  PHE A N   1 
ATOM   183  C CA  . PHE A 1 33  ? 6.410   1.918   20.271  1.00 50.18  ? 79  PHE A CA  1 
ATOM   184  C C   . PHE A 1 33  ? 7.705   2.323   20.980  1.00 57.87  ? 79  PHE A C   1 
ATOM   185  O O   . PHE A 1 33  ? 8.771   1.732   20.758  1.00 51.48  ? 79  PHE A O   1 
ATOM   186  C CB  . PHE A 1 33  ? 5.680   0.898   21.127  1.00 43.76  ? 79  PHE A CB  1 
ATOM   187  C CG  . PHE A 1 33  ? 4.310   0.566   20.654  1.00 48.01  ? 79  PHE A CG  1 
ATOM   188  C CD1 . PHE A 1 33  ? 4.118   -0.070  19.456  1.00 53.01  ? 79  PHE A CD1 1 
ATOM   189  C CD2 . PHE A 1 33  ? 3.208   0.851   21.437  1.00 51.00  ? 79  PHE A CD2 1 
ATOM   190  C CE1 . PHE A 1 33  ? 2.838   -0.386  19.024  1.00 52.74  ? 79  PHE A CE1 1 
ATOM   191  C CE2 . PHE A 1 33  ? 1.942   0.529   21.019  1.00 60.03  ? 79  PHE A CE2 1 
ATOM   192  C CZ  . PHE A 1 33  ? 1.756   -0.095  19.803  1.00 49.85  ? 79  PHE A CZ  1 
ATOM   193  N N   . ASN A 1 34  ? 7.587   3.362   21.799  1.00 62.94  ? 80  ASN A N   1 
ATOM   194  C CA  . ASN A 1 34  ? 8.602   3.775   22.759  1.00 60.53  ? 80  ASN A CA  1 
ATOM   195  C C   . ASN A 1 34  ? 8.116   3.392   24.140  1.00 58.62  ? 80  ASN A C   1 
ATOM   196  O O   . ASN A 1 34  ? 7.096   3.901   24.598  1.00 60.89  ? 80  ASN A O   1 
ATOM   197  C CB  . ASN A 1 34  ? 8.770   5.285   22.716  1.00 57.86  ? 80  ASN A CB  1 
ATOM   198  C CG  . ASN A 1 34  ? 9.481   5.757   21.477  1.00 59.08  ? 80  ASN A CG  1 
ATOM   199  O OD1 . ASN A 1 34  ? 10.198  5.002   20.816  1.00 70.69  ? 80  ASN A OD1 1 
ATOM   200  N ND2 . ASN A 1 34  ? 9.301   7.024   21.160  1.00 66.05  ? 80  ASN A ND2 1 
ATOM   201  N N   . ARG A 1 35  ? 8.828   2.487   24.801  1.00 57.34  ? 81  ARG A N   1 
ATOM   202  C CA  . ARG A 1 35  ? 8.454   2.086   26.155  1.00 69.84  ? 81  ARG A CA  1 
ATOM   203  C C   . ARG A 1 35  ? 8.731   3.246   27.129  1.00 64.81  ? 81  ARG A C   1 
ATOM   204  O O   . ARG A 1 35  ? 9.832   3.778   27.163  1.00 59.53  ? 81  ARG A O   1 
ATOM   205  C CB  . ARG A 1 35  ? 9.178   0.801   26.558  1.00 65.65  ? 81  ARG A CB  1 
ATOM   206  C CG  . ARG A 1 35  ? 8.876   0.318   27.981  1.00 82.57  ? 81  ARG A CG  1 
ATOM   207  C CD  . ARG A 1 35  ? 9.453   -1.084  28.226  1.00 87.34  ? 81  ARG A CD  1 
ATOM   208  N NE  . ARG A 1 35  ? 8.890   -2.085  27.312  1.00 98.77  ? 81  ARG A NE  1 
ATOM   209  C CZ  . ARG A 1 35  ? 7.724   -2.714  27.495  1.00 97.41  ? 81  ARG A CZ  1 
ATOM   210  N NH1 . ARG A 1 35  ? 6.970   -2.452  28.567  1.00 90.13  ? 81  ARG A NH1 1 
ATOM   211  N NH2 . ARG A 1 35  ? 7.301   -3.605  26.598  1.00 87.53  ? 81  ARG A NH2 1 
ATOM   212  N N   . LEU A 1 36  ? 7.709   3.670   27.865  1.00 68.33  ? 82  LEU A N   1 
ATOM   213  C CA  . LEU A 1 36  ? 7.820   4.862   28.701  1.00 73.77  ? 82  LEU A CA  1 
ATOM   214  C C   . LEU A 1 36  ? 8.632   4.544   29.942  1.00 77.46  ? 82  LEU A C   1 
ATOM   215  O O   . LEU A 1 36  ? 8.737   3.385   30.356  1.00 79.58  ? 82  LEU A O   1 
ATOM   216  C CB  . LEU A 1 36  ? 6.445   5.386   29.134  1.00 79.12  ? 82  LEU A CB  1 
ATOM   217  C CG  . LEU A 1 36  ? 5.386   5.992   28.207  1.00 74.67  ? 82  LEU A CG  1 
ATOM   218  C CD1 . LEU A 1 36  ? 4.546   4.921   27.538  1.00 70.19  ? 82  LEU A CD1 1 
ATOM   219  C CD2 . LEU A 1 36  ? 4.477   6.859   29.047  1.00 83.91  ? 82  LEU A CD2 1 
ATOM   220  N N   . ASP A 1 37  ? 9.214   5.581   30.524  1.00 80.46  ? 83  ASP A N   1 
ATOM   221  C CA  . ASP A 1 37  ? 9.903   5.472   31.800  1.00 82.40  ? 83  ASP A CA  1 
ATOM   222  C C   . ASP A 1 37  ? 8.886   5.075   32.865  1.00 82.50  ? 83  ASP A C   1 
ATOM   223  O O   . ASP A 1 37  ? 9.112   4.150   33.649  1.00 83.75  ? 83  ASP A O   1 
ATOM   224  C CB  . ASP A 1 37  ? 10.524  6.824   32.156  1.00 78.97  ? 83  ASP A CB  1 
ATOM   225  C CG  . ASP A 1 37  ? 9.571   7.992   31.890  1.00 82.07  ? 83  ASP A CG  1 
ATOM   226  O OD1 . ASP A 1 37  ? 8.923   8.455   32.857  1.00 86.34  ? 83  ASP A OD1 1 
ATOM   227  O OD2 . ASP A 1 37  ? 9.451   8.430   30.714  1.00 81.09  ? 83  ASP A OD2 1 
ATOM   228  N N   . SER A 1 38  ? 7.756   5.782   32.877  1.00 86.61  ? 84  SER A N   1 
ATOM   229  C CA  . SER A 1 38  ? 6.681   5.506   33.825  1.00 90.15  ? 84  SER A CA  1 
ATOM   230  C C   . SER A 1 38  ? 6.304   4.016   33.816  1.00 90.99  ? 84  SER A C   1 
ATOM   231  O O   . SER A 1 38  ? 6.136   3.403   34.869  1.00 97.69  ? 84  SER A O   1 
ATOM   232  C CB  . SER A 1 38  ? 5.461   6.419   33.568  1.00 87.23  ? 84  SER A CB  1 
ATOM   233  O OG  . SER A 1 38  ? 4.950   6.307   32.248  1.00 82.32  ? 84  SER A OG  1 
ATOM   234  N N   . GLY A 1 39  ? 6.217   3.432   32.625  1.00 89.81  ? 85  GLY A N   1 
ATOM   235  C CA  . GLY A 1 39  ? 5.835   2.040   32.474  1.00 84.94  ? 85  GLY A CA  1 
ATOM   236  C C   . GLY A 1 39  ? 4.876   1.855   31.312  1.00 80.52  ? 85  GLY A C   1 
ATOM   237  O O   . GLY A 1 39  ? 4.136   2.772   30.924  1.00 79.53  ? 85  GLY A O   1 
ATOM   238  N N   . GLY A 1 40  ? 4.883   0.658   30.744  1.00 76.78  ? 86  GLY A N   1 
ATOM   239  C CA  . GLY A 1 40  ? 4.077   0.405   29.572  1.00 75.87  ? 86  GLY A CA  1 
ATOM   240  C C   . GLY A 1 40  ? 4.584   1.165   28.356  1.00 74.67  ? 86  GLY A C   1 
ATOM   241  O O   . GLY A 1 40  ? 5.667   1.759   28.380  1.00 69.43  ? 86  GLY A O   1 
ATOM   242  N N   . VAL A 1 41  ? 3.783   1.155   27.294  1.00 65.04  ? 87  VAL A N   1 
ATOM   243  C CA  . VAL A 1 41  ? 4.236   1.586   25.981  1.00 54.04  ? 87  VAL A CA  1 
ATOM   244  C C   . VAL A 1 41  ? 3.334   2.628   25.309  1.00 57.87  ? 87  VAL A C   1 
ATOM   245  O O   . VAL A 1 41  ? 2.131   2.694   25.565  1.00 61.98  ? 87  VAL A O   1 
ATOM   246  C CB  . VAL A 1 41  ? 4.450   0.371   25.057  1.00 59.13  ? 87  VAL A CB  1 
ATOM   247  C CG1 . VAL A 1 41  ? 5.567   -0.501  25.605  1.00 69.74  ? 87  VAL A CG1 1 
ATOM   248  C CG2 . VAL A 1 41  ? 3.167   -0.458  24.917  1.00 68.52  ? 87  VAL A CG2 1 
ATOM   249  N N   . LYS A 1 42  ? 3.944   3.457   24.469  1.00 53.38  ? 88  LYS A N   1 
ATOM   250  C CA  . LYS A 1 42  ? 3.235   4.474   23.706  1.00 58.26  ? 88  LYS A CA  1 
ATOM   251  C C   . LYS A 1 42  ? 3.571   4.364   22.210  1.00 56.54  ? 88  LYS A C   1 
ATOM   252  O O   . LYS A 1 42  ? 4.745   4.360   21.833  1.00 54.60  ? 88  LYS A O   1 
ATOM   253  C CB  . LYS A 1 42  ? 3.593   5.871   24.212  1.00 54.66  ? 88  LYS A CB  1 
ATOM   254  C CG  . LYS A 1 42  ? 3.105   6.979   23.284  1.00 65.23  ? 88  LYS A CG  1 
ATOM   255  C CD  . LYS A 1 42  ? 2.742   8.252   24.047  1.00 77.67  ? 88  LYS A CD  1 
ATOM   256  C CE  . LYS A 1 42  ? 2.496   9.441   23.086  1.00 88.28  ? 88  LYS A CE  1 
ATOM   257  N NZ  . LYS A 1 42  ? 2.035   10.699  23.791  1.00 99.89  ? 88  LYS A NZ  1 
ATOM   258  N N   . LEU A 1 43  ? 2.551   4.273   21.358  1.00 49.31  ? 89  LEU A N   1 
ATOM   259  C CA  . LEU A 1 43  ? 2.806   4.195   19.921  1.00 54.58  ? 89  LEU A CA  1 
ATOM   260  C C   . LEU A 1 43  ? 3.607   5.421   19.497  1.00 53.10  ? 89  LEU A C   1 
ATOM   261  O O   . LEU A 1 43  ? 3.276   6.541   19.878  1.00 55.07  ? 89  LEU A O   1 
ATOM   262  C CB  . LEU A 1 43  ? 1.504   4.105   19.105  1.00 50.85  ? 89  LEU A CB  1 
ATOM   263  C CG  . LEU A 1 43  ? 1.665   3.700   17.634  1.00 46.36  ? 89  LEU A CG  1 
ATOM   264  C CD1 . LEU A 1 43  ? 0.365   3.181   17.075  1.00 49.32  ? 89  LEU A CD1 1 
ATOM   265  C CD2 . LEU A 1 43  ? 2.164   4.849   16.789  1.00 51.27  ? 89  LEU A CD2 1 
ATOM   266  N N   . ASN A 1 44  ? 4.656   5.171   18.722  1.00 53.11  ? 90  ASN A N   1 
ATOM   267  C CA  . ASN A 1 44  ? 5.552   6.186   18.166  1.00 54.31  ? 90  ASN A CA  1 
ATOM   268  C C   . ASN A 1 44  ? 5.299   6.325   16.655  1.00 58.35  ? 90  ASN A C   1 
ATOM   269  O O   . ASN A 1 44  ? 4.400   7.069   16.238  1.00 60.66  ? 90  ASN A O   1 
ATOM   270  C CB  . ASN A 1 44  ? 7.001   5.758   18.425  1.00 56.44  ? 90  ASN A CB  1 
ATOM   271  C CG  . ASN A 1 44  ? 8.014   6.725   17.858  1.00 64.13  ? 90  ASN A CG  1 
ATOM   272  O OD1 . ASN A 1 44  ? 7.654   7.757   17.289  1.00 62.57  ? 90  ASN A OD1 1 
ATOM   273  N ND2 . ASN A 1 44  ? 9.304   6.392   18.014  1.00 63.96  ? 90  ASN A ND2 1 
ATOM   274  N N   . ARG A 1 45  ? 6.061   5.594   15.836  1.00 48.22  ? 91  ARG A N   1 
ATOM   275  C CA  . ARG A 1 45  ? 5.854   5.649   14.379  1.00 55.98  ? 91  ARG A CA  1 
ATOM   276  C C   . ARG A 1 45  ? 4.689   4.750   13.879  1.00 55.09  ? 91  ARG A C   1 
ATOM   277  O O   . ARG A 1 45  ? 4.572   3.569   14.238  1.00 43.45  ? 91  ARG A O   1 
ATOM   278  C CB  . ARG A 1 45  ? 7.162   5.390   13.608  1.00 50.43  ? 91  ARG A CB  1 
ATOM   279  C CG  . ARG A 1 45  ? 7.030   4.544   12.348  1.00 53.56  ? 91  ARG A CG  1 
ATOM   280  C CD  . ARG A 1 45  ? 7.884   5.077   11.194  1.00 60.99  ? 91  ARG A CD  1 
ATOM   281  N NE  . ARG A 1 45  ? 8.731   4.045   10.577  1.00 75.70  ? 91  ARG A NE  1 
ATOM   282  C CZ  . ARG A 1 45  ? 9.176   4.076   9.314   1.00 78.11  ? 91  ARG A CZ  1 
ATOM   283  N NH1 . ARG A 1 45  ? 8.837   5.077   8.502   1.00 68.67  ? 91  ARG A NH1 1 
ATOM   284  N NH2 . ARG A 1 45  ? 9.948   3.090   8.851   1.00 72.97  ? 91  ARG A NH2 1 
ATOM   285  N N   . ARG A 1 46  ? 3.844   5.350   13.045  1.00 52.98  ? 92  ARG A N   1 
ATOM   286  C CA  . ARG A 1 46  ? 2.592   4.769   12.560  1.00 47.66  ? 92  ARG A CA  1 
ATOM   287  C C   . ARG A 1 46  ? 2.797   3.467   11.794  1.00 42.38  ? 92  ARG A C   1 
ATOM   288  O O   . ARG A 1 46  ? 3.828   3.289   11.132  1.00 44.22  ? 92  ARG A O   1 
ATOM   289  C CB  . ARG A 1 46  ? 1.984   5.758   11.595  1.00 44.34  ? 92  ARG A CB  1 
ATOM   290  C CG  . ARG A 1 46  ? 2.930   6.083   10.427  1.00 50.78  ? 92  ARG A CG  1 
ATOM   291  C CD  . ARG A 1 46  ? 2.172   6.886   9.363   1.00 56.81  ? 92  ARG A CD  1 
ATOM   292  N NE  . ARG A 1 46  ? 2.709   6.789   8.005   1.00 54.16  ? 92  ARG A NE  1 
ATOM   293  C CZ  . ARG A 1 46  ? 1.968   7.040   6.921   1.00 57.21  ? 92  ARG A CZ  1 
ATOM   294  N NH1 . ARG A 1 46  ? 2.488   6.966   5.697   1.00 50.90  ? 92  ARG A NH1 1 
ATOM   295  N NH2 . ARG A 1 46  ? 0.693   7.370   7.073   1.00 51.48  ? 92  ARG A NH2 1 
ATOM   296  N N   . GLY A 1 47  ? 1.827   2.550   11.895  1.00 37.77  ? 93  GLY A N   1 
ATOM   297  C CA  . GLY A 1 47  ? 1.778   1.407   10.992  1.00 34.54  ? 93  GLY A CA  1 
ATOM   298  C C   . GLY A 1 47  ? 1.174   1.809   9.646   1.00 36.95  ? 93  GLY A C   1 
ATOM   299  O O   . GLY A 1 47  ? 0.460   2.822   9.545   1.00 29.06  ? 93  GLY A O   1 
ATOM   300  N N   . VAL A 1 48  ? 1.454   1.012   8.614   1.00 31.63  ? 94  VAL A N   1 
ATOM   301  C CA  . VAL A 1 48  ? 0.848   1.189   7.310   1.00 31.48  ? 94  VAL A CA  1 
ATOM   302  C C   . VAL A 1 48  ? 0.668   -0.174  6.646   1.00 37.23  ? 94  VAL A C   1 
ATOM   303  O O   . VAL A 1 48  ? 1.208   -1.196  7.107   1.00 35.41  ? 94  VAL A O   1 
ATOM   304  C CB  . VAL A 1 48  ? 1.738   2.080   6.384   1.00 35.47  ? 94  VAL A CB  1 
ATOM   305  C CG1 . VAL A 1 48  ? 2.016   3.429   7.020   1.00 33.89  ? 94  VAL A CG1 1 
ATOM   306  C CG2 . VAL A 1 48  ? 3.042   1.368   6.034   1.00 31.03  ? 94  VAL A CG2 1 
ATOM   307  N N   . ILE A 1 49  ? -0.080  -0.204  5.554   1.00 31.08  ? 95  ILE A N   1 
ATOM   308  C CA  . ILE A 1 49  ? 0.017   -1.353  4.688   1.00 32.89  ? 95  ILE A CA  1 
ATOM   309  C C   . ILE A 1 49  ? 0.874   -0.933  3.485   1.00 32.34  ? 95  ILE A C   1 
ATOM   310  O O   . ILE A 1 49  ? 0.503   -0.025  2.725   1.00 33.05  ? 95  ILE A O   1 
ATOM   311  C CB  . ILE A 1 49  ? -1.350  -1.843  4.265   1.00 29.03  ? 95  ILE A CB  1 
ATOM   312  C CG1 . ILE A 1 49  ? -2.064  -2.498  5.457   1.00 31.60  ? 95  ILE A CG1 1 
ATOM   313  C CG2 . ILE A 1 49  ? -1.200  -2.822  3.103   1.00 34.09  ? 95  ILE A CG2 1 
ATOM   314  C CD1 . ILE A 1 49  ? -3.330  -3.125  5.094   1.00 37.10  ? 95  ILE A CD1 1 
ATOM   315  N N   . MET A 1 50  ? 2.034   -1.552  3.337   1.00 28.72  ? 96  MET A N   1 
ATOM   316  C CA  . MET A 1 50  ? 2.961   -1.172  2.270   1.00 30.72  ? 96  MET A CA  1 
ATOM   317  C C   . MET A 1 50  ? 2.658   -1.888  0.980   1.00 30.34  ? 96  MET A C   1 
ATOM   318  O O   . MET A 1 50  ? 2.614   -3.103  0.961   1.00 35.86  ? 96  MET A O   1 
ATOM   319  C CB  . MET A 1 50  ? 4.388   -1.512  2.664   1.00 31.71  ? 96  MET A CB  1 
ATOM   320  C CG  . MET A 1 50  ? 5.422   -1.000  1.662   1.00 35.95  ? 96  MET A CG  1 
ATOM   321  S SD  . MET A 1 50  ? 5.455   0.826   1.563   1.00 42.49  ? 96  MET A SD  1 
ATOM   322  C CE  . MET A 1 50  ? 6.062   1.260   3.195   1.00 30.83  ? 96  MET A CE  1 
ATOM   323  N N   . LEU A 1 51  ? 2.430   -1.140  -0.090  1.00 31.02  ? 97  LEU A N   1 
ATOM   324  C CA  . LEU A 1 51  ? 2.297   -1.737  -1.429  1.00 31.69  ? 97  LEU A CA  1 
ATOM   325  C C   . LEU A 1 51  ? 3.613   -1.587  -2.213  1.00 38.28  ? 97  LEU A C   1 
ATOM   326  O O   . LEU A 1 51  ? 4.299   -0.542  -2.129  1.00 36.14  ? 97  LEU A O   1 
ATOM   327  C CB  . LEU A 1 51  ? 1.165   -1.088  -2.216  1.00 31.58  ? 97  LEU A CB  1 
ATOM   328  C CG  . LEU A 1 51  ? -0.199  -0.982  -1.531  1.00 31.17  ? 97  LEU A CG  1 
ATOM   329  C CD1 . LEU A 1 51  ? -1.156  -0.121  -2.334  1.00 27.70  ? 97  LEU A CD1 1 
ATOM   330  C CD2 . LEU A 1 51  ? -0.772  -2.413  -1.308  1.00 30.85  ? 97  LEU A CD2 1 
ATOM   331  N N   . THR A 1 52  ? 3.954   -2.632  -2.972  1.00 37.14  ? 98  THR A N   1 
ATOM   332  C CA  . THR A 1 52  ? 5.116   -2.606  -3.853  1.00 40.59  ? 98  THR A CA  1 
ATOM   333  C C   . THR A 1 52  ? 4.654   -3.011  -5.241  1.00 39.73  ? 98  THR A C   1 
ATOM   334  O O   . THR A 1 52  ? 3.980   -4.045  -5.402  1.00 39.71  ? 98  THR A O   1 
ATOM   335  C CB  . THR A 1 52  ? 6.238   -3.508  -3.336  1.00 37.99  ? 98  THR A CB  1 
ATOM   336  O OG1 . THR A 1 52  ? 6.470   -3.212  -1.958  1.00 39.85  ? 98  THR A OG1 1 
ATOM   337  C CG2 . THR A 1 52  ? 7.530   -3.259  -4.097  1.00 39.02  ? 98  THR A CG2 1 
ATOM   338  N N   . PHE A 1 53  ? 4.963   -2.149  -6.219  1.00 35.20  ? 99  PHE A N   1 
ATOM   339  C CA  . PHE A 1 53  ? 4.691   -2.386  -7.646  1.00 36.64  ? 99  PHE A CA  1 
ATOM   340  C C   . PHE A 1 53  ? 6.015   -2.531  -8.389  1.00 38.06  ? 99  PHE A C   1 
ATOM   341  O O   . PHE A 1 53  ? 6.970   -1.826  -8.112  1.00 41.74  ? 99  PHE A O   1 
ATOM   342  C CB  . PHE A 1 53  ? 3.949   -1.212  -8.307  1.00 34.67  ? 99  PHE A CB  1 
ATOM   343  C CG  . PHE A 1 53  ? 2.586   -0.944  -7.751  1.00 32.95  ? 99  PHE A CG  1 
ATOM   344  C CD1 . PHE A 1 53  ? 2.432   -0.421  -6.454  1.00 38.20  ? 99  PHE A CD1 1 
ATOM   345  C CD2 . PHE A 1 53  ? 1.466   -1.209  -8.503  1.00 33.24  ? 99  PHE A CD2 1 
ATOM   346  C CE1 . PHE A 1 53  ? 1.139   -0.168  -5.920  1.00 37.78  ? 99  PHE A CE1 1 
ATOM   347  C CE2 . PHE A 1 53  ? 0.184   -0.967  -7.994  1.00 39.11  ? 99  PHE A CE2 1 
ATOM   348  C CZ  . PHE A 1 53  ? 0.026   -0.431  -6.689  1.00 34.85  ? 99  PHE A CZ  1 
ATOM   349  N N   . TRP A 1 54  ? 6.051   -3.417  -9.365  1.00 42.85  ? 100 TRP A N   1 
ATOM   350  C CA  . TRP A 1 54  ? 7.232   -3.563  -10.218 1.00 42.98  ? 100 TRP A CA  1 
ATOM   351  C C   . TRP A 1 54  ? 6.843   -4.148  -11.574 1.00 39.55  ? 100 TRP A C   1 
ATOM   352  O O   . TRP A 1 54  ? 5.833   -4.894  -11.682 1.00 43.50  ? 100 TRP A O   1 
ATOM   353  C CB  . TRP A 1 54  ? 8.378   -4.310  -9.510  1.00 41.75  ? 100 TRP A CB  1 
ATOM   354  C CG  . TRP A 1 54  ? 8.145   -5.766  -9.119  1.00 50.34  ? 100 TRP A CG  1 
ATOM   355  C CD1 . TRP A 1 54  ? 8.743   -6.878  -9.682  1.00 50.38  ? 100 TRP A CD1 1 
ATOM   356  C CD2 . TRP A 1 54  ? 7.299   -6.268  -8.055  1.00 50.28  ? 100 TRP A CD2 1 
ATOM   357  N NE1 . TRP A 1 54  ? 8.301   -8.028  -9.047  1.00 50.97  ? 100 TRP A NE1 1 
ATOM   358  C CE2 . TRP A 1 54  ? 7.417   -7.688  -8.054  1.00 56.22  ? 100 TRP A CE2 1 
ATOM   359  C CE3 . TRP A 1 54  ? 6.447   -5.660  -7.118  1.00 48.30  ? 100 TRP A CE3 1 
ATOM   360  C CZ2 . TRP A 1 54  ? 6.713   -8.506  -7.146  1.00 56.05  ? 100 TRP A CZ2 1 
ATOM   361  C CZ3 . TRP A 1 54  ? 5.732   -6.486  -6.211  1.00 50.29  ? 100 TRP A CZ3 1 
ATOM   362  C CH2 . TRP A 1 54  ? 5.875   -7.887  -6.235  1.00 50.80  ? 100 TRP A CH2 1 
ATOM   363  N N   . PRO A 1 55  ? 7.594   -3.759  -12.616 1.00 45.45  ? 101 PRO A N   1 
ATOM   364  C CA  . PRO A 1 55  ? 7.273   -3.992  -14.044 1.00 48.89  ? 101 PRO A CA  1 
ATOM   365  C C   . PRO A 1 55  ? 7.489   -5.436  -14.508 1.00 49.09  ? 101 PRO A C   1 
ATOM   366  O O   . PRO A 1 55  ? 8.432   -6.081  -14.075 1.00 47.85  ? 101 PRO A O   1 
ATOM   367  C CB  . PRO A 1 55  ? 8.270   -3.091  -14.801 1.00 45.50  ? 101 PRO A CB  1 
ATOM   368  C CG  . PRO A 1 55  ? 9.241   -2.607  -13.837 1.00 42.82  ? 101 PRO A CG  1 
ATOM   369  C CD  . PRO A 1 55  ? 8.851   -3.013  -12.430 1.00 42.06  ? 101 PRO A CD  1 
ATOM   370  N N   . SER A 1 56  ? 6.633   -5.928  -15.395 1.00 49.16  ? 102 SER A N   1 
ATOM   371  C CA  . SER A 1 56  ? 6.904   -7.194  -16.087 1.00 54.78  ? 102 SER A CA  1 
ATOM   372  C C   . SER A 1 56  ? 7.924   -6.988  -17.210 1.00 64.10  ? 102 SER A C   1 
ATOM   373  O O   . SER A 1 56  ? 7.807   -6.035  -17.985 1.00 65.47  ? 102 SER A O   1 
ATOM   374  C CB  . SER A 1 56  ? 5.622   -7.729  -16.708 1.00 55.56  ? 102 SER A CB  1 
ATOM   375  O OG  . SER A 1 56  ? 5.808   -9.034  -17.225 1.00 68.17  ? 102 SER A OG  1 
ATOM   376  N N   . VAL A 1 57  ? 8.912   -7.877  -17.313 1.00 64.21  ? 103 VAL A N   1 
ATOM   377  C CA  . VAL A 1 57  ? 9.878   -7.816  -18.415 1.00 64.38  ? 103 VAL A CA  1 
ATOM   378  C C   . VAL A 1 57  ? 9.997   -9.153  -19.142 1.00 74.78  ? 103 VAL A C   1 
ATOM   379  O O   . VAL A 1 57  ? 11.096  -9.686  -19.289 1.00 77.23  ? 103 VAL A O   1 
ATOM   380  C CB  . VAL A 1 57  ? 11.282  -7.414  -17.929 1.00 60.10  ? 103 VAL A CB  1 
ATOM   381  C CG1 . VAL A 1 57  ? 11.251  -6.043  -17.283 1.00 63.23  ? 103 VAL A CG1 1 
ATOM   382  C CG2 . VAL A 1 57  ? 11.825  -8.451  -16.968 1.00 66.95  ? 103 VAL A CG2 1 
ATOM   383  N N   . GLY A 1 58  ? 8.875   -9.688  -19.612 1.00 75.40  ? 104 GLY A N   1 
ATOM   384  C CA  . GLY A 1 58  ? 8.864   -11.005 -20.233 1.00 79.86  ? 104 GLY A CA  1 
ATOM   385  C C   . GLY A 1 58  ? 8.047   -11.964 -19.392 1.00 78.38  ? 104 GLY A C   1 
ATOM   386  O O   . GLY A 1 58  ? 8.190   -11.970 -18.177 1.00 81.75  ? 104 GLY A O   1 
ATOM   387  N N   . GLU A 1 59  ? 7.218   -12.787 -20.038 1.00 80.37  ? 105 GLU A N   1 
ATOM   388  C CA  . GLU A 1 59  ? 6.115   -13.508 -19.372 1.00 86.15  ? 105 GLU A CA  1 
ATOM   389  C C   . GLU A 1 59  ? 6.416   -14.160 -18.014 1.00 82.60  ? 105 GLU A C   1 
ATOM   390  O O   . GLU A 1 59  ? 7.191   -15.115 -17.917 1.00 83.61  ? 105 GLU A O   1 
ATOM   391  C CB  . GLU A 1 59  ? 5.455   -14.524 -20.318 1.00 91.22  ? 105 GLU A CB  1 
ATOM   392  C CG  . GLU A 1 59  ? 3.919   -14.621 -20.146 1.00 93.72  ? 105 GLU A CG  1 
ATOM   393  C CD  . GLU A 1 59  ? 3.173   -13.408 -20.713 1.00 100.12 ? 105 GLU A CD  1 
ATOM   394  O OE1 . GLU A 1 59  ? 1.919   -13.396 -20.661 1.00 98.29  ? 105 GLU A OE1 1 
ATOM   395  O OE2 . GLU A 1 59  ? 3.839   -12.467 -21.206 1.00 93.88  ? 105 GLU A OE2 1 
ATOM   396  N N   . ARG A 1 60  ? 5.754   -13.645 -16.982 1.00 79.39  ? 106 ARG A N   1 
ATOM   397  C CA  . ARG A 1 60  ? 5.995   -14.043 -15.593 1.00 80.86  ? 106 ARG A CA  1 
ATOM   398  C C   . ARG A 1 60  ? 7.419   -13.705 -15.139 1.00 78.04  ? 106 ARG A C   1 
ATOM   399  O O   . ARG A 1 60  ? 7.928   -14.258 -14.161 1.00 87.14  ? 106 ARG A O   1 
ATOM   400  C CB  . ARG A 1 60  ? 5.643   -15.520 -15.340 1.00 88.59  ? 106 ARG A CB  1 
ATOM   401  C CG  . ARG A 1 60  ? 5.841   -15.992 -13.859 1.00 95.23  ? 106 ARG A CG  1 
ATOM   402  C CD  . ARG A 1 60  ? 5.294   -14.984 -12.804 1.00 80.24  ? 106 ARG A CD  1 
ATOM   403  N NE  . ARG A 1 60  ? 5.870   -15.194 -11.465 1.00 76.46  ? 106 ARG A NE  1 
ATOM   404  C CZ  . ARG A 1 60  ? 5.195   -15.691 -10.427 1.00 78.07  ? 106 ARG A CZ  1 
ATOM   405  N NH1 . ARG A 1 60  ? 5.796   -15.863 -9.247  1.00 66.04  ? 106 ARG A NH1 1 
ATOM   406  N NH2 . ARG A 1 60  ? 3.907   -16.016 -10.572 1.00 73.34  ? 106 ARG A NH2 1 
ATOM   407  N N   . LYS A 1 61  ? 8.056   -12.782 -15.845 1.00 72.19  ? 107 LYS A N   1 
ATOM   408  C CA  . LYS A 1 61  ? 9.328   -12.248 -15.403 1.00 67.14  ? 107 LYS A CA  1 
ATOM   409  C C   . LYS A 1 61  ? 9.104   -10.781 -15.100 1.00 64.80  ? 107 LYS A C   1 
ATOM   410  O O   . LYS A 1 61  ? 8.504   -10.060 -15.906 1.00 61.88  ? 107 LYS A O   1 
ATOM   411  C CB  . LYS A 1 61  ? 10.380  -12.414 -16.489 1.00 72.82  ? 107 LYS A CB  1 
ATOM   412  C CG  . LYS A 1 61  ? 10.476  -13.834 -17.014 1.00 83.53  ? 107 LYS A CG  1 
ATOM   413  C CD  . LYS A 1 61  ? 10.832  -14.783 -15.885 1.00 87.72  ? 107 LYS A CD  1 
ATOM   414  C CE  . LYS A 1 61  ? 11.083  -16.199 -16.389 1.00 93.74  ? 107 LYS A CE  1 
ATOM   415  N NZ  . LYS A 1 61  ? 11.472  -17.111 -15.264 1.00 100.20 ? 107 LYS A NZ  1 
ATOM   416  N N   . TYR A 1 62  ? 9.593   -10.350 -13.944 1.00 56.62  ? 108 TYR A N   1 
ATOM   417  C CA  . TYR A 1 62  ? 9.334   -9.011  -13.423 1.00 55.32  ? 108 TYR A CA  1 
ATOM   418  C C   . TYR A 1 62  ? 10.647  -8.441  -12.938 1.00 55.57  ? 108 TYR A C   1 
ATOM   419  O O   . TYR A 1 62  ? 11.509  -9.181  -12.503 1.00 54.27  ? 108 TYR A O   1 
ATOM   420  C CB  . TYR A 1 62  ? 8.342   -9.088  -12.262 1.00 43.35  ? 108 TYR A CB  1 
ATOM   421  C CG  . TYR A 1 62  ? 7.022   -9.647  -12.685 1.00 43.44  ? 108 TYR A CG  1 
ATOM   422  C CD1 . TYR A 1 62  ? 6.755   -11.001 -12.580 1.00 52.71  ? 108 TYR A CD1 1 
ATOM   423  C CD2 . TYR A 1 62  ? 6.043   -8.827  -13.228 1.00 49.03  ? 108 TYR A CD2 1 
ATOM   424  C CE1 . TYR A 1 62  ? 5.521   -11.526 -13.005 1.00 57.50  ? 108 TYR A CE1 1 
ATOM   425  C CE2 . TYR A 1 62  ? 4.810   -9.337  -13.657 1.00 48.83  ? 108 TYR A CE2 1 
ATOM   426  C CZ  . TYR A 1 62  ? 4.559   -10.685 -13.541 1.00 52.24  ? 108 TYR A CZ  1 
ATOM   427  O OH  . TYR A 1 62  ? 3.347   -11.183 -13.956 1.00 50.39  ? 108 TYR A OH  1 
ATOM   428  N N   . ASP A 1 63  ? 10.794  -7.127  -13.003 1.00 52.37  ? 109 ASP A N   1 
ATOM   429  C CA  . ASP A 1 63  ? 12.056  -6.478  -12.650 1.00 54.50  ? 109 ASP A CA  1 
ATOM   430  C C   . ASP A 1 63  ? 12.020  -5.834  -11.273 1.00 50.84  ? 109 ASP A C   1 
ATOM   431  O O   . ASP A 1 63  ? 11.643  -4.672  -11.112 1.00 57.04  ? 109 ASP A O   1 
ATOM   432  C CB  . ASP A 1 63  ? 12.480  -5.465  -13.725 1.00 54.52  ? 109 ASP A CB  1 
ATOM   433  C CG  . ASP A 1 63  ? 13.841  -4.809  -13.419 1.00 63.04  ? 109 ASP A CG  1 
ATOM   434  O OD1 . ASP A 1 63  ? 14.474  -5.130  -12.379 1.00 67.46  ? 109 ASP A OD1 1 
ATOM   435  O OD2 . ASP A 1 63  ? 14.282  -3.955  -14.221 1.00 72.72  ? 109 ASP A OD2 1 
ATOM   436  N N   . TRP A 1 64  ? 12.424  -6.603  -10.278 1.00 53.20  ? 110 TRP A N   1 
ATOM   437  C CA  . TRP A 1 64  ? 12.432  -6.148  -8.895  1.00 55.36  ? 110 TRP A CA  1 
ATOM   438  C C   . TRP A 1 64  ? 13.203  -4.843  -8.666  1.00 57.74  ? 110 TRP A C   1 
ATOM   439  O O   . TRP A 1 64  ? 12.863  -4.065  -7.763  1.00 56.06  ? 110 TRP A O   1 
ATOM   440  C CB  . TRP A 1 64  ? 12.944  -7.260  -7.975  1.00 52.16  ? 110 TRP A CB  1 
ATOM   441  C CG  . TRP A 1 64  ? 12.906  -6.891  -6.540  1.00 58.59  ? 110 TRP A CG  1 
ATOM   442  C CD1 . TRP A 1 64  ? 13.977  -6.607  -5.727  1.00 58.44  ? 110 TRP A CD1 1 
ATOM   443  C CD2 . TRP A 1 64  ? 11.736  -6.741  -5.732  1.00 56.69  ? 110 TRP A CD2 1 
ATOM   444  N NE1 . TRP A 1 64  ? 13.533  -6.293  -4.458  1.00 61.99  ? 110 TRP A NE1 1 
ATOM   445  C CE2 . TRP A 1 64  ? 12.160  -6.367  -4.436  1.00 55.01  ? 110 TRP A CE2 1 
ATOM   446  C CE3 . TRP A 1 64  ? 10.366  -6.874  -5.978  1.00 61.70  ? 110 TRP A CE3 1 
ATOM   447  C CZ2 . TRP A 1 64  ? 11.275  -6.129  -3.398  1.00 53.47  ? 110 TRP A CZ2 1 
ATOM   448  C CZ3 . TRP A 1 64  ? 9.476   -6.638  -4.938  1.00 57.59  ? 110 TRP A CZ3 1 
ATOM   449  C CH2 . TRP A 1 64  ? 9.936   -6.272  -3.666  1.00 55.02  ? 110 TRP A CH2 1 
ATOM   450  N N   . GLU A 1 65  ? 14.231  -4.584  -9.460  1.00 52.62  ? 111 GLU A N   1 
ATOM   451  C CA  . GLU A 1 65  ? 15.035  -3.397  -9.192  1.00 48.83  ? 111 GLU A CA  1 
ATOM   452  C C   . GLU A 1 65  ? 14.312  -2.096  -9.582  1.00 52.75  ? 111 GLU A C   1 
ATOM   453  O O   . GLU A 1 65  ? 14.693  -1.005  -9.171  1.00 51.69  ? 111 GLU A O   1 
ATOM   454  C CB  . GLU A 1 65  ? 16.423  -3.505  -9.849  1.00 59.97  ? 111 GLU A CB  1 
ATOM   455  C CG  . GLU A 1 65  ? 17.596  -3.555  -8.845  1.00 69.37  ? 111 GLU A CG  1 
ATOM   456  C CD  . GLU A 1 65  ? 17.424  -4.637  -7.752  1.00 81.46  ? 111 GLU A CD  1 
ATOM   457  O OE1 . GLU A 1 65  ? 17.249  -4.295  -6.546  1.00 73.76  ? 111 GLU A OE1 1 
ATOM   458  O OE2 . GLU A 1 65  ? 17.475  -5.840  -8.108  1.00 81.47  ? 111 GLU A OE2 1 
ATOM   459  N N   . LYS A 1 66  ? 13.249  -2.218  -10.362 1.00 53.37  ? 112 LYS A N   1 
ATOM   460  C CA  . LYS A 1 66  ? 12.485  -1.037  -10.744 1.00 56.66  ? 112 LYS A CA  1 
ATOM   461  C C   . LYS A 1 66  ? 11.181  -0.872  -9.953  1.00 54.30  ? 112 LYS A C   1 
ATOM   462  O O   . LYS A 1 66  ? 10.234  -0.274  -10.441 1.00 50.11  ? 112 LYS A O   1 
ATOM   463  C CB  . LYS A 1 66  ? 12.209  -1.056  -12.239 1.00 60.43  ? 112 LYS A CB  1 
ATOM   464  C CG  . LYS A 1 66  ? 13.416  -0.644  -13.047 1.00 60.95  ? 112 LYS A CG  1 
ATOM   465  C CD  . LYS A 1 66  ? 13.133  -0.723  -14.540 1.00 62.06  ? 112 LYS A CD  1 
ATOM   466  C CE  . LYS A 1 66  ? 14.396  -0.358  -15.345 1.00 73.68  ? 112 LYS A CE  1 
ATOM   467  N NZ  . LYS A 1 66  ? 14.341  -0.842  -16.764 1.00 73.70  ? 112 LYS A NZ  1 
ATOM   468  N N   . ARG A 1 67  ? 11.158  -1.397  -8.728  1.00 48.10  ? 113 ARG A N   1 
ATOM   469  C CA  . ARG A 1 67  ? 9.978   -1.318  -7.867  1.00 51.71  ? 113 ARG A CA  1 
ATOM   470  C C   . ARG A 1 67  ? 9.757   0.062   -7.259  1.00 47.10  ? 113 ARG A C   1 
ATOM   471  O O   . ARG A 1 67  ? 10.695  0.763   -6.912  1.00 45.13  ? 113 ARG A O   1 
ATOM   472  C CB  . ARG A 1 67  ? 10.070  -2.337  -6.737  1.00 45.20  ? 113 ARG A CB  1 
ATOM   473  C CG  . ARG A 1 67  ? 11.030  -1.934  -5.625  1.00 47.15  ? 113 ARG A CG  1 
ATOM   474  C CD  . ARG A 1 67  ? 11.485  -3.174  -4.882  1.00 50.95  ? 113 ARG A CD  1 
ATOM   475  N NE  . ARG A 1 67  ? 12.617  -2.940  -3.983  1.00 59.88  ? 113 ARG A NE  1 
ATOM   476  C CZ  . ARG A 1 67  ? 13.902  -3.064  -4.325  1.00 66.79  ? 113 ARG A CZ  1 
ATOM   477  N NH1 . ARG A 1 67  ? 14.247  -3.396  -5.565  1.00 59.93  ? 113 ARG A NH1 1 
ATOM   478  N NH2 . ARG A 1 67  ? 14.851  -2.847  -3.424  1.00 73.22  ? 113 ARG A NH2 1 
ATOM   479  N N   . GLN A 1 68  ? 8.490   0.425   -7.115  1.00 48.65  ? 114 GLN A N   1 
ATOM   480  C CA  . GLN A 1 68  ? 8.090   1.639   -6.419  1.00 42.39  ? 114 GLN A CA  1 
ATOM   481  C C   . GLN A 1 68  ? 7.111   1.239   -5.320  1.00 41.38  ? 114 GLN A C   1 
ATOM   482  O O   . GLN A 1 68  ? 6.273   0.341   -5.527  1.00 39.86  ? 114 GLN A O   1 
ATOM   483  C CB  . GLN A 1 68  ? 7.375   2.585   -7.372  1.00 44.03  ? 114 GLN A CB  1 
ATOM   484  C CG  . GLN A 1 68  ? 8.176   2.971   -8.588  1.00 50.21  ? 114 GLN A CG  1 
ATOM   485  C CD  . GLN A 1 68  ? 9.216   4.025   -8.288  1.00 48.28  ? 114 GLN A CD  1 
ATOM   486  O OE1 . GLN A 1 68  ? 9.372   4.484   -7.138  1.00 43.85  ? 114 GLN A OE1 1 
ATOM   487  N NE2 . GLN A 1 68  ? 9.939   4.421   -9.324  1.00 50.23  ? 114 GLN A NE2 1 
ATOM   488  N N   . LEU A 1 69  ? 7.215   1.928   -4.185  1.00 30.60  ? 115 LEU A N   1 
ATOM   489  C CA  . LEU A 1 69  ? 6.412   1.687   -3.009  1.00 36.72  ? 115 LEU A CA  1 
ATOM   490  C C   . LEU A 1 69  ? 5.363   2.787   -2.732  1.00 41.98  ? 115 LEU A C   1 
ATOM   491  O O   . LEU A 1 69  ? 5.518   3.954   -3.135  1.00 33.41  ? 115 LEU A O   1 
ATOM   492  C CB  . LEU A 1 69  ? 7.316   1.551   -1.785  1.00 38.55  ? 115 LEU A CB  1 
ATOM   493  C CG  . LEU A 1 69  ? 8.623   0.728   -1.843  1.00 49.81  ? 115 LEU A CG  1 
ATOM   494  C CD1 . LEU A 1 69  ? 9.109   0.305   -0.444  1.00 44.28  ? 115 LEU A CD1 1 
ATOM   495  C CD2 . LEU A 1 69  ? 8.465   -0.485  -2.696  1.00 47.09  ? 115 LEU A CD2 1 
ATOM   496  N N   . PHE A 1 70  ? 4.317   2.403   -2.003  1.00 34.76  ? 116 PHE A N   1 
ATOM   497  C CA  . PHE A 1 70  ? 3.294   3.334   -1.576  1.00 34.43  ? 116 PHE A CA  1 
ATOM   498  C C   . PHE A 1 70  ? 2.766   2.861   -0.205  1.00 35.76  ? 116 PHE A C   1 
ATOM   499  O O   . PHE A 1 70  ? 2.288   1.751   -0.101  1.00 31.28  ? 116 PHE A O   1 
ATOM   500  C CB  . PHE A 1 70  ? 2.162   3.400   -2.618  1.00 29.06  ? 116 PHE A CB  1 
ATOM   501  C CG  . PHE A 1 70  ? 1.214   4.564   -2.424  1.00 33.02  ? 116 PHE A CG  1 
ATOM   502  C CD1 . PHE A 1 70  ? 1.425   5.762   -3.075  1.00 32.36  ? 116 PHE A CD1 1 
ATOM   503  C CD2 . PHE A 1 70  ? 0.119   4.470   -1.551  1.00 35.55  ? 116 PHE A CD2 1 
ATOM   504  C CE1 . PHE A 1 70  ? 0.560   6.839   -2.880  1.00 31.03  ? 116 PHE A CE1 1 
ATOM   505  C CE2 . PHE A 1 70  ? -0.765  5.565   -1.374  1.00 30.30  ? 116 PHE A CE2 1 
ATOM   506  C CZ  . PHE A 1 70  ? -0.526  6.728   -2.026  1.00 32.95  ? 116 PHE A CZ  1 
ATOM   507  N N   . ALA A 1 71  ? 2.877   3.697   0.832   1.00 35.39  ? 117 ALA A N   1 
ATOM   508  C CA  . ALA A 1 71  ? 2.451   3.321   2.180   1.00 36.30  ? 117 ALA A CA  1 
ATOM   509  C C   . ALA A 1 71  ? 1.003   3.727   2.444   1.00 34.63  ? 117 ALA A C   1 
ATOM   510  O O   . ALA A 1 71  ? 0.710   4.922   2.492   1.00 36.60  ? 117 ALA A O   1 
ATOM   511  C CB  . ALA A 1 71  ? 3.349   3.965   3.212   1.00 31.48  ? 117 ALA A CB  1 
ATOM   512  N N   . LEU A 1 72  ? 0.105   2.751   2.592   1.00 28.33  ? 118 LEU A N   1 
ATOM   513  C CA  . LEU A 1 72  ? -1.299  3.041   2.924   1.00 30.72  ? 118 LEU A CA  1 
ATOM   514  C C   . LEU A 1 72  ? -1.436  3.277   4.423   1.00 31.08  ? 118 LEU A C   1 
ATOM   515  O O   . LEU A 1 72  ? -1.151  2.392   5.220   1.00 30.52  ? 118 LEU A O   1 
ATOM   516  C CB  . LEU A 1 72  ? -2.209  1.861   2.554   1.00 29.79  ? 118 LEU A CB  1 
ATOM   517  C CG  . LEU A 1 72  ? -2.355  1.517   1.066   1.00 30.16  ? 118 LEU A CG  1 
ATOM   518  C CD1 . LEU A 1 72  ? -3.213  0.257   0.876   1.00 29.80  ? 118 LEU A CD1 1 
ATOM   519  C CD2 . LEU A 1 72  ? -2.963  2.677   0.347   1.00 31.65  ? 118 LEU A CD2 1 
ATOM   520  N N   . SER A 1 73  ? -1.879  4.469   4.813   1.00 31.91  ? 119 SER A N   1 
ATOM   521  C CA  . SER A 1 73  ? -2.210  4.750   6.228   1.00 32.62  ? 119 SER A CA  1 
ATOM   522  C C   . SER A 1 73  ? -3.487  4.015   6.632   1.00 29.21  ? 119 SER A C   1 
ATOM   523  O O   . SER A 1 73  ? -4.231  3.534   5.768   1.00 29.65  ? 119 SER A O   1 
ATOM   524  C CB  . SER A 1 73  ? -2.477  6.249   6.392   1.00 31.84  ? 119 SER A CB  1 
ATOM   525  O OG  . SER A 1 73  ? -3.642  6.612   5.648   1.00 34.78  ? 119 SER A OG  1 
ATOM   526  N N   . ALA A 1 74  ? -3.800  4.013   7.922   1.00 29.86  ? 120 ALA A N   1 
ATOM   527  C CA  . ALA A 1 74  ? -5.003  3.320   8.422   1.00 29.63  ? 120 ALA A CA  1 
ATOM   528  C C   . ALA A 1 74  ? -6.238  3.873   7.726   1.00 31.52  ? 120 ALA A C   1 
ATOM   529  O O   . ALA A 1 74  ? -7.174  3.140   7.314   1.00 34.54  ? 120 ALA A O   1 
ATOM   530  C CB  . ALA A 1 74  ? -5.124  3.480   9.911   1.00 31.39  ? 120 ALA A CB  1 
ATOM   531  N N   . THR A 1 75  ? -6.242  5.180   7.560   1.00 27.91  ? 121 THR A N   1 
ATOM   532  C CA  . THR A 1 75  ? -7.408  5.837   6.960   1.00 33.02  ? 121 THR A CA  1 
ATOM   533  C C   . THR A 1 75  ? -7.591  5.468   5.473   1.00 34.69  ? 121 THR A C   1 
ATOM   534  O O   . THR A 1 75  ? -8.724  5.246   5.007   1.00 36.68  ? 121 THR A O   1 
ATOM   535  C CB  . THR A 1 75  ? -7.380  7.368   7.179   1.00 37.39  ? 121 THR A CB  1 
ATOM   536  O OG1 . THR A 1 75  ? -7.336  7.642   8.586   1.00 42.76  ? 121 THR A OG1 1 
ATOM   537  C CG2 . THR A 1 75  ? -8.627  7.986   6.646   1.00 30.78  ? 121 THR A CG2 1 
ATOM   538  N N   . GLU A 1 76  ? -6.482  5.390   4.737   1.00 31.93  ? 122 GLU A N   1 
ATOM   539  C CA  . GLU A 1 76  ? -6.509  4.923   3.352   1.00 26.95  ? 122 GLU A CA  1 
ATOM   540  C C   . GLU A 1 76  ? -6.973  3.464   3.261   1.00 30.01  ? 122 GLU A C   1 
ATOM   541  O O   . GLU A 1 76  ? -7.720  3.116   2.357   1.00 34.85  ? 122 GLU A O   1 
ATOM   542  C CB  . GLU A 1 76  ? -5.121  5.149   2.675   1.00 29.72  ? 122 GLU A CB  1 
ATOM   543  C CG  . GLU A 1 76  ? -4.806  6.681   2.454   1.00 36.29  ? 122 GLU A CG  1 
ATOM   544  C CD  . GLU A 1 76  ? -3.337  7.004   2.043   1.00 43.56  ? 122 GLU A CD  1 
ATOM   545  O OE1 . GLU A 1 76  ? -2.411  6.207   2.368   1.00 42.07  ? 122 GLU A OE1 1 
ATOM   546  O OE2 . GLU A 1 76  ? -3.100  8.086   1.423   1.00 44.71  ? 122 GLU A OE2 1 
ATOM   547  N N   . VAL A 1 77  ? -6.506  2.606   4.171   1.00 28.36  ? 123 VAL A N   1 
ATOM   548  C CA  . VAL A 1 77  ? -7.005  1.238   4.265   1.00 26.81  ? 123 VAL A CA  1 
ATOM   549  C C   . VAL A 1 77  ? -8.497  1.265   4.524   1.00 36.45  ? 123 VAL A C   1 
ATOM   550  O O   . VAL A 1 77  ? -9.267  0.550   3.875   1.00 36.45  ? 123 VAL A O   1 
ATOM   551  C CB  . VAL A 1 77  ? -6.378  0.478   5.423   1.00 30.94  ? 123 VAL A CB  1 
ATOM   552  C CG1 . VAL A 1 77  ? -7.093  -0.898  5.589   1.00 32.30  ? 123 VAL A CG1 1 
ATOM   553  C CG2 . VAL A 1 77  ? -4.901  0.303   5.180   1.00 32.34  ? 123 VAL A CG2 1 
ATOM   554  N N   . GLY A 1 78  ? -8.903  2.122   5.462   1.00 32.06  ? 124 GLY A N   1 
ATOM   555  C CA  . GLY A 1 78  ? -10.307 2.306   5.779   1.00 29.70  ? 124 GLY A CA  1 
ATOM   556  C C   . GLY A 1 78  ? -11.102 2.586   4.527   1.00 36.33  ? 124 GLY A C   1 
ATOM   557  O O   . GLY A 1 78  ? -12.215 2.079   4.325   1.00 38.37  ? 124 GLY A O   1 
ATOM   558  N N   . SER A 1 79  ? -10.519 3.391   3.661   1.00 35.55  ? 125 SER A N   1 
ATOM   559  C CA  . SER A 1 79  ? -11.199 3.795   2.453   1.00 34.44  ? 125 SER A CA  1 
ATOM   560  C C   . SER A 1 79  ? -11.248 2.645   1.434   1.00 39.54  ? 125 SER A C   1 
ATOM   561  O O   . SER A 1 79  ? -12.223 2.457   0.754   1.00 45.04  ? 125 SER A O   1 
ATOM   562  C CB  . SER A 1 79  ? -10.540 5.067   1.927   1.00 38.07  ? 125 SER A CB  1 
ATOM   563  O OG  . SER A 1 79  ? -10.619 5.152   0.534   1.00 46.20  ? 125 SER A OG  1 
ATOM   564  N N   . LEU A 1 80  ? -10.219 1.827   1.388   1.00 40.99  ? 126 LEU A N   1 
ATOM   565  C CA  . LEU A 1 80  ? -10.166 0.686   0.466   1.00 40.21  ? 126 LEU A CA  1 
ATOM   566  C C   . LEU A 1 80  ? -11.193 -0.409  0.835   1.00 43.90  ? 126 LEU A C   1 
ATOM   567  O O   . LEU A 1 80  ? -11.847 -0.982  -0.031  1.00 39.92  ? 126 LEU A O   1 
ATOM   568  C CB  . LEU A 1 80  ? -8.748  0.108   0.544   1.00 39.56  ? 126 LEU A CB  1 
ATOM   569  C CG  . LEU A 1 80  ? -8.164  -0.735  -0.575  1.00 51.00  ? 126 LEU A CG  1 
ATOM   570  C CD1 . LEU A 1 80  ? -6.650  -0.496  -0.691  1.00 44.21  ? 126 LEU A CD1 1 
ATOM   571  C CD2 . LEU A 1 80  ? -8.492  -2.196  -0.313  1.00 42.25  ? 126 LEU A CD2 1 
ATOM   572  N N   . ILE A 1 81  ? -11.324 -0.704  2.128   1.00 36.61  ? 127 ILE A N   1 
ATOM   573  C CA  . ILE A 1 81  ? -12.139 -1.846  2.563   1.00 46.40  ? 127 ILE A CA  1 
ATOM   574  C C   . ILE A 1 81  ? -13.624 -1.498  2.525   1.00 47.60  ? 127 ILE A C   1 
ATOM   575  O O   . ILE A 1 81  ? -14.503 -2.371  2.539   1.00 48.98  ? 127 ILE A O   1 
ATOM   576  C CB  . ILE A 1 81  ? -11.744 -2.378  3.969   1.00 39.16  ? 127 ILE A CB  1 
ATOM   577  C CG1 . ILE A 1 81  ? -12.044 -1.333  5.021   1.00 36.18  ? 127 ILE A CG1 1 
ATOM   578  C CG2 . ILE A 1 81  ? -10.254 -2.797  4.019   1.00 31.87  ? 127 ILE A CG2 1 
ATOM   579  C CD1 . ILE A 1 81  ? -11.618 -1.761  6.435   1.00 43.62  ? 127 ILE A CD1 1 
ATOM   580  N N   . SER A 1 82  ? -13.887 -0.208  2.445   1.00 42.55  ? 128 SER A N   1 
ATOM   581  C CA  . SER A 1 82  ? -15.242 0.246   2.368   1.00 42.34  ? 128 SER A CA  1 
ATOM   582  C C   . SER A 1 82  ? -15.552 0.674   0.921   1.00 54.39  ? 128 SER A C   1 
ATOM   583  O O   . SER A 1 82  ? -16.473 1.435   0.674   1.00 62.47  ? 128 SER A O   1 
ATOM   584  C CB  . SER A 1 82  ? -15.494 1.349   3.420   1.00 41.26  ? 128 SER A CB  1 
ATOM   585  O OG  . SER A 1 82  ? -14.889 2.580   3.086   1.00 46.02  ? 128 SER A OG  1 
ATOM   586  N N   . MET A 1 83  ? -14.789 0.150   -0.038  1.00 50.72  ? 129 MET A N   1 
ATOM   587  C CA  . MET A 1 83  ? -15.068 0.404   -1.446  1.00 59.94  ? 129 MET A CA  1 
ATOM   588  C C   . MET A 1 83  ? -16.088 -0.599  -1.944  1.00 55.22  ? 129 MET A C   1 
ATOM   589  O O   . MET A 1 83  ? -15.930 -1.801  -1.747  1.00 55.85  ? 129 MET A O   1 
ATOM   590  C CB  . MET A 1 83  ? -13.802 0.281   -2.301  1.00 48.94  ? 129 MET A CB  1 
ATOM   591  C CG  . MET A 1 83  ? -13.052 1.551   -2.429  1.00 48.97  ? 129 MET A CG  1 
ATOM   592  S SD  . MET A 1 83  ? -11.633 1.299   -3.518  1.00 46.93  ? 129 MET A SD  1 
ATOM   593  C CE  . MET A 1 83  ? -12.372 1.625   -5.123  1.00 45.74  ? 129 MET A CE  1 
ATOM   594  N N   . GLY A 1 84  ? -17.117 -0.095  -2.609  1.00 61.20  ? 130 GLY A N   1 
ATOM   595  C CA  . GLY A 1 84  ? -18.102 -0.948  -3.250  1.00 63.15  ? 130 GLY A CA  1 
ATOM   596  C C   . GLY A 1 84  ? -17.673 -1.293  -4.665  1.00 64.84  ? 130 GLY A C   1 
ATOM   597  O O   . GLY A 1 84  ? -16.724 -0.697  -5.196  1.00 62.31  ? 130 GLY A O   1 
ATOM   598  N N   . THR A 1 85  ? -18.374 -2.257  -5.264  1.00 61.44  ? 131 THR A N   1 
ATOM   599  C CA  . THR A 1 85  ? -18.136 -2.713  -6.635  1.00 59.11  ? 131 THR A CA  1 
ATOM   600  C C   . THR A 1 85  ? -17.947 -1.576  -7.637  1.00 57.35  ? 131 THR A C   1 
ATOM   601  O O   . THR A 1 85  ? -17.142 -1.681  -8.567  1.00 53.88  ? 131 THR A O   1 
ATOM   602  C CB  . THR A 1 85  ? -19.316 -3.548  -7.109  1.00 55.57  ? 131 THR A CB  1 
ATOM   603  O OG1 . THR A 1 85  ? -19.901 -4.183  -5.973  1.00 67.20  ? 131 THR A OG1 1 
ATOM   604  C CG2 . THR A 1 85  ? -18.861 -4.599  -8.074  1.00 63.15  ? 131 THR A CG2 1 
ATOM   605  N N   . ARG A 1 86  ? -18.702 -0.497  -7.450  1.00 54.63  ? 132 ARG A N   1 
ATOM   606  C CA  . ARG A 1 86  ? -18.731 0.588   -8.424  1.00 63.24  ? 132 ARG A CA  1 
ATOM   607  C C   . ARG A 1 86  ? -17.858 1.765   -7.992  1.00 61.37  ? 132 ARG A C   1 
ATOM   608  O O   . ARG A 1 86  ? -17.803 2.794   -8.660  1.00 58.93  ? 132 ARG A O   1 
ATOM   609  C CB  . ARG A 1 86  ? -20.181 1.055   -8.666  1.00 71.91  ? 132 ARG A CB  1 
ATOM   610  C CG  . ARG A 1 86  ? -21.151 -0.028  -9.192  1.00 69.18  ? 132 ARG A CG  1 
ATOM   611  C CD  . ARG A 1 86  ? -20.781 -0.484  -10.603 1.00 74.95  ? 132 ARG A CD  1 
ATOM   612  N NE  . ARG A 1 86  ? -21.705 -1.489  -11.140 1.00 87.60  ? 132 ARG A NE  1 
ATOM   613  C CZ  . ARG A 1 86  ? -21.400 -2.774  -11.332 1.00 84.97  ? 132 ARG A CZ  1 
ATOM   614  N NH1 . ARG A 1 86  ? -20.189 -3.226  -11.028 1.00 82.95  ? 132 ARG A NH1 1 
ATOM   615  N NH2 . ARG A 1 86  ? -22.303 -3.607  -11.834 1.00 89.15  ? 132 ARG A NH2 1 
ATOM   616  N N   . ASP A 1 87  ? -17.161 1.589   -6.874  1.00 65.07  ? 133 ASP A N   1 
ATOM   617  C CA  . ASP A 1 87  ? -16.375 2.663   -6.283  1.00 65.42  ? 133 ASP A CA  1 
ATOM   618  C C   . ASP A 1 87  ? -14.951 2.795   -6.842  1.00 58.77  ? 133 ASP A C   1 
ATOM   619  O O   . ASP A 1 87  ? -14.325 1.831   -7.292  1.00 53.14  ? 133 ASP A O   1 
ATOM   620  C CB  . ASP A 1 87  ? -16.344 2.514   -4.759  1.00 60.50  ? 133 ASP A CB  1 
ATOM   621  C CG  . ASP A 1 87  ? -17.648 2.931   -4.104  1.00 69.00  ? 133 ASP A CG  1 
ATOM   622  O OD1 . ASP A 1 87  ? -18.233 3.970   -4.503  1.00 72.87  ? 133 ASP A OD1 1 
ATOM   623  O OD2 . ASP A 1 87  ? -18.081 2.214   -3.178  1.00 67.44  ? 133 ASP A OD2 1 
ATOM   624  N N   . SER A 1 88  ? -14.463 4.022   -6.773  1.00 53.49  ? 134 SER A N   1 
ATOM   625  C CA  . SER A 1 88  ? -13.170 4.423   -7.276  1.00 52.04  ? 134 SER A CA  1 
ATOM   626  C C   . SER A 1 88  ? -12.444 5.222   -6.158  1.00 57.52  ? 134 SER A C   1 
ATOM   627  O O   . SER A 1 88  ? -13.093 5.862   -5.339  1.00 61.45  ? 134 SER A O   1 
ATOM   628  C CB  . SER A 1 88  ? -13.446 5.287   -8.498  1.00 51.15  ? 134 SER A CB  1 
ATOM   629  O OG  . SER A 1 88  ? -12.276 5.767   -9.106  1.00 69.38  ? 134 SER A OG  1 
ATOM   630  N N   . SER A 1 89  ? -11.117 5.161   -6.070  1.00 59.75  ? 135 SER A N   1 
ATOM   631  C CA  . SER A 1 89  ? -10.385 6.132   -5.228  1.00 57.89  ? 135 SER A CA  1 
ATOM   632  C C   . SER A 1 89  ? -9.048  6.546   -5.808  1.00 52.60  ? 135 SER A C   1 
ATOM   633  O O   . SER A 1 89  ? -8.528  5.932   -6.736  1.00 47.00  ? 135 SER A O   1 
ATOM   634  C CB  . SER A 1 89  ? -10.191 5.665   -3.782  1.00 44.42  ? 135 SER A CB  1 
ATOM   635  O OG  . SER A 1 89  ? -10.055 4.263   -3.698  1.00 58.94  ? 135 SER A OG  1 
ATOM   636  N N   . GLU A 1 90  ? -8.515  7.620   -5.250  1.00 47.92  ? 136 GLU A N   1 
ATOM   637  C CA  . GLU A 1 90  ? -7.202  8.061   -5.604  1.00 45.38  ? 136 GLU A CA  1 
ATOM   638  C C   . GLU A 1 90  ? -6.539  8.760   -4.423  1.00 49.99  ? 136 GLU A C   1 
ATOM   639  O O   . GLU A 1 90  ? -7.129  9.646   -3.797  1.00 48.66  ? 136 GLU A O   1 
ATOM   640  C CB  . GLU A 1 90  ? -7.240  8.962   -6.820  1.00 47.14  ? 136 GLU A CB  1 
ATOM   641  C CG  . GLU A 1 90  ? -5.835  9.396   -7.235  1.00 54.55  ? 136 GLU A CG  1 
ATOM   642  C CD  . GLU A 1 90  ? -5.687  9.547   -8.734  1.00 60.87  ? 136 GLU A CD  1 
ATOM   643  O OE1 . GLU A 1 90  ? -6.704  9.879   -9.384  1.00 69.02  ? 136 GLU A OE1 1 
ATOM   644  O OE2 . GLU A 1 90  ? -4.561  9.330   -9.257  1.00 58.90  ? 136 GLU A OE2 1 
ATOM   645  N N   . PHE A 1 91  ? -5.316  8.344   -4.110  1.00 40.88  ? 137 PHE A N   1 
ATOM   646  C CA  . PHE A 1 91  ? -4.613  8.880   -2.952  1.00 41.00  ? 137 PHE A CA  1 
ATOM   647  C C   . PHE A 1 91  ? -3.373  9.659   -3.448  1.00 41.45  ? 137 PHE A C   1 
ATOM   648  O O   . PHE A 1 91  ? -2.702  9.199   -4.365  1.00 41.07  ? 137 PHE A O   1 
ATOM   649  C CB  . PHE A 1 91  ? -4.192  7.735   -2.004  1.00 34.24  ? 137 PHE A CB  1 
ATOM   650  C CG  . PHE A 1 91  ? -5.313  6.795   -1.592  1.00 36.84  ? 137 PHE A CG  1 
ATOM   651  C CD1 . PHE A 1 91  ? -6.480  7.261   -0.991  1.00 41.88  ? 137 PHE A CD1 1 
ATOM   652  C CD2 . PHE A 1 91  ? -5.179  5.422   -1.754  1.00 46.03  ? 137 PHE A CD2 1 
ATOM   653  C CE1 . PHE A 1 91  ? -7.510  6.359   -0.584  1.00 36.65  ? 137 PHE A CE1 1 
ATOM   654  C CE2 . PHE A 1 91  ? -6.196  4.519   -1.343  1.00 40.78  ? 137 PHE A CE2 1 
ATOM   655  C CZ  . PHE A 1 91  ? -7.355  4.992   -0.773  1.00 41.75  ? 137 PHE A CZ  1 
ATOM   656  N N   . PHE A 1 92  ? -3.048  10.805  -2.851  1.00 42.84  ? 138 PHE A N   1 
ATOM   657  C CA  . PHE A 1 92  ? -1.828  11.533  -3.234  1.00 41.28  ? 138 PHE A CA  1 
ATOM   658  C C   . PHE A 1 92  ? -0.825  11.676  -2.089  1.00 42.01  ? 138 PHE A C   1 
ATOM   659  O O   . PHE A 1 92  ? -1.179  12.198  -1.041  1.00 48.85  ? 138 PHE A O   1 
ATOM   660  C CB  . PHE A 1 92  ? -2.171  12.919  -3.821  1.00 45.77  ? 138 PHE A CB  1 
ATOM   661  C CG  . PHE A 1 92  ? -2.998  12.843  -5.068  1.00 48.56  ? 138 PHE A CG  1 
ATOM   662  C CD1 . PHE A 1 92  ? -4.388  12.843  -4.993  1.00 49.90  ? 138 PHE A CD1 1 
ATOM   663  C CD2 . PHE A 1 92  ? -2.393  12.727  -6.323  1.00 48.25  ? 138 PHE A CD2 1 
ATOM   664  C CE1 . PHE A 1 92  ? -5.173  12.738  -6.161  1.00 53.29  ? 138 PHE A CE1 1 
ATOM   665  C CE2 . PHE A 1 92  ? -3.171  12.616  -7.493  1.00 47.35  ? 138 PHE A CE2 1 
ATOM   666  C CZ  . PHE A 1 92  ? -4.558  12.625  -7.408  1.00 46.60  ? 138 PHE A CZ  1 
ATOM   667  N N   . HIS A 1 93  ? 0.414   11.215  -2.305  1.00 36.15  ? 139 HIS A N   1 
ATOM   668  C CA  . HIS A 1 93  ? 1.519   11.353  -1.361  1.00 43.79  ? 139 HIS A CA  1 
ATOM   669  C C   . HIS A 1 93  ? 2.723   12.139  -1.860  1.00 49.39  ? 139 HIS A C   1 
ATOM   670  O O   . HIS A 1 93  ? 3.251   11.890  -2.948  1.00 44.42  ? 139 HIS A O   1 
ATOM   671  C CB  . HIS A 1 93  ? 2.055   9.996   -0.976  1.00 40.45  ? 139 HIS A CB  1 
ATOM   672  C CG  . HIS A 1 93  ? 1.121   9.214   -0.131  1.00 42.23  ? 139 HIS A CG  1 
ATOM   673  N ND1 . HIS A 1 93  ? 1.470   8.012   0.436   1.00 38.05  ? 139 HIS A ND1 1 
ATOM   674  C CD2 . HIS A 1 93  ? -0.152  9.469   0.253   1.00 37.24  ? 139 HIS A CD2 1 
ATOM   675  C CE1 . HIS A 1 93  ? 0.444   7.544   1.119   1.00 38.40  ? 139 HIS A CE1 1 
ATOM   676  N NE2 . HIS A 1 93  ? -0.551  8.409   1.032   1.00 37.34  ? 139 HIS A NE2 1 
ATOM   677  N N   . ASP A 1 94  ? 3.172   13.064  -1.026  1.00 50.73  ? 140 ASP A N   1 
ATOM   678  C CA  . ASP A 1 94  ? 4.516   13.610  -1.154  1.00 56.34  ? 140 ASP A CA  1 
ATOM   679  C C   . ASP A 1 94  ? 5.384   13.047  -0.018  1.00 59.36  ? 140 ASP A C   1 
ATOM   680  O O   . ASP A 1 94  ? 5.132   13.342  1.158   1.00 56.53  ? 140 ASP A O   1 
ATOM   681  C CB  . ASP A 1 94  ? 4.500   15.141  -1.111  1.00 56.05  ? 140 ASP A CB  1 
ATOM   682  C CG  . ASP A 1 94  ? 5.858   15.747  -1.440  1.00 62.85  ? 140 ASP A CG  1 
ATOM   683  O OD1 . ASP A 1 94  ? 6.902   15.035  -1.377  1.00 55.58  ? 140 ASP A OD1 1 
ATOM   684  O OD2 . ASP A 1 94  ? 5.872   16.948  -1.764  1.00 60.48  ? 140 ASP A OD2 1 
ATOM   685  N N   . PRO A 1 95  ? 6.379   12.205  -0.379  1.00 57.97  ? 141 PRO A N   1 
ATOM   686  C CA  . PRO A 1 95  ? 7.349   11.587  0.527   1.00 68.19  ? 141 PRO A CA  1 
ATOM   687  C C   . PRO A 1 95  ? 8.034   12.618  1.424   1.00 73.65  ? 141 PRO A C   1 
ATOM   688  O O   . PRO A 1 95  ? 8.370   12.298  2.565   1.00 74.99  ? 141 PRO A O   1 
ATOM   689  C CB  . PRO A 1 95  ? 8.395   10.995  -0.429  1.00 69.14  ? 141 PRO A CB  1 
ATOM   690  C CG  . PRO A 1 95  ? 7.648   10.677  -1.671  1.00 59.35  ? 141 PRO A CG  1 
ATOM   691  C CD  . PRO A 1 95  ? 6.579   11.764  -1.775  1.00 57.39  ? 141 PRO A CD  1 
ATOM   692  N N   . SER A 1 96  ? 8.251   13.827  0.910   1.00 69.86  ? 142 SER A N   1 
ATOM   693  C CA  . SER A 1 96  ? 8.938   14.852  1.679   1.00 70.39  ? 142 SER A CA  1 
ATOM   694  C C   . SER A 1 96  ? 8.054   16.070  1.859   1.00 69.29  ? 142 SER A C   1 
ATOM   695  O O   . SER A 1 96  ? 8.535   17.202  1.842   1.00 75.58  ? 142 SER A O   1 
ATOM   696  C CB  . SER A 1 96  ? 10.270  15.222  1.011   1.00 75.23  ? 142 SER A CB  1 
ATOM   697  O OG  . SER A 1 96  ? 11.184  14.146  1.035   1.00 71.17  ? 142 SER A OG  1 
ATOM   698  N N   . MET A 1 97  ? 6.759   15.826  2.032   1.00 69.10  ? 143 MET A N   1 
ATOM   699  C CA  . MET A 1 97  ? 5.769   16.893  2.209   1.00 74.45  ? 143 MET A CA  1 
ATOM   700  C C   . MET A 1 97  ? 6.208   18.061  3.128   1.00 79.07  ? 143 MET A C   1 
ATOM   701  O O   . MET A 1 97  ? 6.000   19.245  2.804   1.00 73.41  ? 143 MET A O   1 
ATOM   702  C CB  . MET A 1 97  ? 4.460   16.295  2.729   1.00 69.81  ? 143 MET A CB  1 
ATOM   703  C CG  . MET A 1 97  ? 3.436   17.332  3.138   1.00 78.48  ? 143 MET A CG  1 
ATOM   704  S SD  . MET A 1 97  ? 1.811   16.952  2.458   1.00 96.68  ? 143 MET A SD  1 
ATOM   705  C CE  . MET A 1 97  ? 0.910   18.417  3.013   1.00 71.40  ? 143 MET A CE  1 
ATOM   706  N N   . LEU A 1 98  ? 6.805   17.711  4.271   1.00 78.86  ? 144 LEU A N   1 
ATOM   707  C CA  . LEU A 1 98  ? 7.145   18.681  5.318   1.00 85.21  ? 144 LEU A CA  1 
ATOM   708  C C   . LEU A 1 98  ? 8.611   19.172  5.278   1.00 84.43  ? 144 LEU A C   1 
ATOM   709  O O   . LEU A 1 98  ? 8.934   20.214  5.856   1.00 84.99  ? 144 LEU A O   1 
ATOM   710  C CB  . LEU A 1 98  ? 6.804   18.100  6.695   1.00 79.22  ? 144 LEU A CB  1 
ATOM   711  C CG  . LEU A 1 98  ? 5.362   17.649  6.857   1.00 73.02  ? 144 LEU A CG  1 
ATOM   712  C CD1 . LEU A 1 98  ? 5.236   16.409  7.742   1.00 78.12  ? 144 LEU A CD1 1 
ATOM   713  C CD2 . LEU A 1 98  ? 4.523   18.803  7.389   1.00 81.21  ? 144 LEU A CD2 1 
ATOM   714  N N   . SER A 1 99  ? 9.480   18.426  4.593   1.00 78.55  ? 145 SER A N   1 
ATOM   715  C CA  . SER A 1 99  ? 10.896  18.792  4.474   1.00 80.93  ? 145 SER A CA  1 
ATOM   716  C C   . SER A 1 99  ? 11.182  19.834  3.371   1.00 76.91  ? 145 SER A C   1 
ATOM   717  O O   . SER A 1 99  ? 10.262  20.452  2.818   1.00 71.22  ? 145 SER A O   1 
ATOM   718  C CB  . SER A 1 99  ? 11.778  17.538  4.294   1.00 76.48  ? 145 SER A CB  1 
ATOM   719  O OG  . SER A 1 99  ? 11.821  17.078  2.953   1.00 76.43  ? 145 SER A OG  1 
ATOM   720  N N   . SER A 1 100 ? 12.470  20.016  3.081   1.00 74.83  ? 146 SER A N   1 
ATOM   721  C CA  . SER A 1 100 ? 12.953  20.960  2.070   1.00 77.48  ? 146 SER A CA  1 
ATOM   722  C C   . SER A 1 100 ? 12.850  20.385  0.662   1.00 70.14  ? 146 SER A C   1 
ATOM   723  O O   . SER A 1 100 ? 12.971  21.116  -0.325  1.00 67.88  ? 146 SER A O   1 
ATOM   724  C CB  . SER A 1 100 ? 14.415  21.354  2.359   1.00 81.86  ? 146 SER A CB  1 
ATOM   725  O OG  . SER A 1 100 ? 15.323  20.251  2.266   1.00 82.92  ? 146 SER A OG  1 
ATOM   726  N N   . ASN A 1 101 ? 12.642  19.070  0.592   1.00 77.30  ? 147 ASN A N   1 
ATOM   727  C CA  . ASN A 1 101 ? 12.550  18.325  -0.669  1.00 79.16  ? 147 ASN A CA  1 
ATOM   728  C C   . ASN A 1 101 ? 11.099  18.160  -1.162  1.00 74.75  ? 147 ASN A C   1 
ATOM   729  O O   . ASN A 1 101 ? 10.818  17.338  -2.057  1.00 73.31  ? 147 ASN A O   1 
ATOM   730  C CB  . ASN A 1 101 ? 13.215  16.943  -0.519  1.00 72.35  ? 147 ASN A CB  1 
ATOM   731  C CG  . ASN A 1 101 ? 14.574  17.014  0.174   1.00 81.48  ? 147 ASN A CG  1 
ATOM   732  O OD1 . ASN A 1 101 ? 15.496  17.691  -0.303  1.00 80.92  ? 147 ASN A OD1 1 
ATOM   733  N ND2 . ASN A 1 101 ? 14.703  16.315  1.309   1.00 79.84  ? 147 ASN A ND2 1 
ATOM   734  N N   . ALA A 1 102 ? 10.190  18.931  -0.561  1.00 65.17  ? 148 ALA A N   1 
ATOM   735  C CA  . ALA A 1 102 ? 8.778   18.934  -0.943  1.00 68.42  ? 148 ALA A CA  1 
ATOM   736  C C   . ALA A 1 102 ? 8.624   19.330  -2.418  1.00 69.96  ? 148 ALA A C   1 
ATOM   737  O O   . ALA A 1 102 ? 9.341   20.211  -2.917  1.00 61.20  ? 148 ALA A O   1 
ATOM   738  C CB  . ALA A 1 102 ? 7.968   19.883  -0.033  1.00 58.37  ? 148 ALA A CB  1 
ATOM   739  N N   . GLY A 1 103 ? 7.704   18.667  -3.115  1.00 59.40  ? 149 GLY A N   1 
ATOM   740  C CA  . GLY A 1 103 ? 7.447   18.974  -4.518  1.00 62.47  ? 149 GLY A CA  1 
ATOM   741  C C   . GLY A 1 103 ? 8.342   18.248  -5.511  1.00 59.56  ? 149 GLY A C   1 
ATOM   742  O O   . GLY A 1 103 ? 8.090   18.264  -6.712  1.00 64.69  ? 149 GLY A O   1 
ATOM   743  N N   . GLN A 1 104 ? 9.390   17.608  -5.008  1.00 56.20  ? 150 GLN A N   1 
ATOM   744  C CA  . GLN A 1 104 ? 10.313  16.884  -5.862  1.00 59.61  ? 150 GLN A CA  1 
ATOM   745  C C   . GLN A 1 104 ? 9.712   15.533  -6.285  1.00 57.91  ? 150 GLN A C   1 
ATOM   746  O O   . GLN A 1 104 ? 9.799   15.139  -7.452  1.00 54.58  ? 150 GLN A O   1 
ATOM   747  C CB  . GLN A 1 104 ? 11.672  16.717  -5.148  1.00 62.90  ? 150 GLN A CB  1 
ATOM   748  C CG  . GLN A 1 104 ? 12.344  18.076  -4.837  1.00 77.02  ? 150 GLN A CG  1 
ATOM   749  C CD  . GLN A 1 104 ? 13.498  17.988  -3.825  1.00 80.54  ? 150 GLN A CD  1 
ATOM   750  O OE1 . GLN A 1 104 ? 13.968  16.894  -3.500  1.00 79.86  ? 150 GLN A OE1 1 
ATOM   751  N NE2 . GLN A 1 104 ? 13.955  19.150  -3.327  1.00 74.73  ? 150 GLN A NE2 1 
ATOM   752  N N   . VAL A 1 105 ? 9.109   14.825  -5.335  1.00 45.79  ? 151 VAL A N   1 
ATOM   753  C CA  . VAL A 1 105 ? 8.513   13.543  -5.642  1.00 46.51  ? 151 VAL A CA  1 
ATOM   754  C C   . VAL A 1 105 ? 7.016   13.564  -5.354  1.00 51.80  ? 151 VAL A C   1 
ATOM   755  O O   . VAL A 1 105 ? 6.562   14.069  -4.328  1.00 51.43  ? 151 VAL A O   1 
ATOM   756  C CB  . VAL A 1 105 ? 9.213   12.370  -4.915  1.00 53.17  ? 151 VAL A CB  1 
ATOM   757  C CG1 . VAL A 1 105 ? 8.588   11.026  -5.343  1.00 49.21  ? 151 VAL A CG1 1 
ATOM   758  C CG2 . VAL A 1 105 ? 10.753  12.371  -5.195  1.00 49.21  ? 151 VAL A CG2 1 
ATOM   759  N N   . ARG A 1 106 ? 6.243   13.038  -6.290  1.00 46.01  ? 152 ARG A N   1 
ATOM   760  C CA  . ARG A 1 106 ? 4.794   12.948  -6.111  1.00 42.45  ? 152 ARG A CA  1 
ATOM   761  C C   . ARG A 1 106 ? 4.373   11.523  -6.454  1.00 40.64  ? 152 ARG A C   1 
ATOM   762  O O   . ARG A 1 106 ? 4.719   11.010  -7.516  1.00 39.68  ? 152 ARG A O   1 
ATOM   763  C CB  . ARG A 1 106 ? 4.076   13.981  -6.999  1.00 39.69  ? 152 ARG A CB  1 
ATOM   764  C CG  . ARG A 1 106 ? 2.561   13.880  -6.988  1.00 54.92  ? 152 ARG A CG  1 
ATOM   765  C CD  . ARG A 1 106 ? 1.868   14.955  -7.850  1.00 48.46  ? 152 ARG A CD  1 
ATOM   766  N NE  . ARG A 1 106 ? 1.797   14.615  -9.265  1.00 38.46  ? 152 ARG A NE  1 
ATOM   767  C CZ  . ARG A 1 106 ? 2.546   15.193  -10.198 1.00 46.35  ? 152 ARG A CZ  1 
ATOM   768  N NH1 . ARG A 1 106 ? 3.451   16.124  -9.870  1.00 39.27  ? 152 ARG A NH1 1 
ATOM   769  N NH2 . ARG A 1 106 ? 2.399   14.832  -11.464 1.00 47.40  ? 152 ARG A NH2 1 
ATOM   770  N N   . LYS A 1 107 ? 3.649   10.877  -5.546  1.00 35.18  ? 153 LYS A N   1 
ATOM   771  C CA  . LYS A 1 107 ? 3.130   9.550   -5.806  1.00 35.55  ? 153 LYS A CA  1 
ATOM   772  C C   . LYS A 1 107 ? 1.629   9.600   -5.769  1.00 37.50  ? 153 LYS A C   1 
ATOM   773  O O   . LYS A 1 107 ? 1.023   10.263  -4.937  1.00 36.18  ? 153 LYS A O   1 
ATOM   774  C CB  . LYS A 1 107 ? 3.612   8.533   -4.762  1.00 33.58  ? 153 LYS A CB  1 
ATOM   775  C CG  . LYS A 1 107 ? 5.112   8.390   -4.683  1.00 37.19  ? 153 LYS A CG  1 
ATOM   776  C CD  . LYS A 1 107 ? 5.490   7.378   -3.620  1.00 35.69  ? 153 LYS A CD  1 
ATOM   777  C CE  . LYS A 1 107 ? 6.945   7.056   -3.706  1.00 44.04  ? 153 LYS A CE  1 
ATOM   778  N NZ  . LYS A 1 107 ? 7.378   6.117   -2.646  1.00 43.18  ? 153 LYS A NZ  1 
ATOM   779  N N   . SER A 1 108 ? 1.029   8.855   -6.669  1.00 36.52  ? 154 SER A N   1 
ATOM   780  C CA  . SER A 1 108 ? -0.413  8.791   -6.756  1.00 42.44  ? 154 SER A CA  1 
ATOM   781  C C   . SER A 1 108 ? -0.823  7.331   -6.969  1.00 35.85  ? 154 SER A C   1 
ATOM   782  O O   . SER A 1 108 ? -0.261  6.634   -7.804  1.00 31.12  ? 154 SER A O   1 
ATOM   783  C CB  . SER A 1 108 ? -0.866  9.684   -7.910  1.00 43.55  ? 154 SER A CB  1 
ATOM   784  O OG  . SER A 1 108 ? -1.901  9.061   -8.626  1.00 55.37  ? 154 SER A OG  1 
ATOM   785  N N   . LEU A 1 109 ? -1.783  6.865   -6.182  1.00 35.56  ? 155 LEU A N   1 
ATOM   786  C CA  . LEU A 1 109 ? -2.266  5.490   -6.263  1.00 31.95  ? 155 LEU A CA  1 
ATOM   787  C C   . LEU A 1 109 ? -3.744  5.575   -6.515  1.00 36.91  ? 155 LEU A C   1 
ATOM   788  O O   . LEU A 1 109 ? -4.475  6.212   -5.737  1.00 38.88  ? 155 LEU A O   1 
ATOM   789  C CB  . LEU A 1 109 ? -2.099  4.789   -4.920  1.00 33.79  ? 155 LEU A CB  1 
ATOM   790  C CG  . LEU A 1 109 ? -2.707  3.388   -4.976  1.00 34.86  ? 155 LEU A CG  1 
ATOM   791  C CD1 . LEU A 1 109 ? -1.662  2.381   -5.460  1.00 31.80  ? 155 LEU A CD1 1 
ATOM   792  C CD2 . LEU A 1 109 ? -3.211  3.020   -3.640  1.00 38.38  ? 155 LEU A CD2 1 
ATOM   793  N N   . SER A 1 110 ? -4.200  4.936   -7.587  1.00 33.38  ? 156 SER A N   1 
ATOM   794  C CA  . SER A 1 110 ? -5.609  4.993   -7.911  1.00 39.08  ? 156 SER A CA  1 
ATOM   795  C C   . SER A 1 110 ? -6.193  3.595   -8.029  1.00 38.68  ? 156 SER A C   1 
ATOM   796  O O   . SER A 1 110 ? -5.525  2.662   -8.481  1.00 36.71  ? 156 SER A O   1 
ATOM   797  C CB  . SER A 1 110 ? -5.846  5.805   -9.174  1.00 38.37  ? 156 SER A CB  1 
ATOM   798  O OG  . SER A 1 110 ? -5.359  5.111   -10.281 1.00 41.56  ? 156 SER A OG  1 
ATOM   799  N N   . ILE A 1 111 ? -7.427  3.461   -7.577  1.00 36.59  ? 157 ILE A N   1 
ATOM   800  C CA  . ILE A 1 111 ? -8.146  2.213   -7.633  1.00 38.83  ? 157 ILE A CA  1 
ATOM   801  C C   . ILE A 1 111 ? -9.449  2.461   -8.403  1.00 49.14  ? 157 ILE A C   1 
ATOM   802  O O   . ILE A 1 111 ? -10.359 3.123   -7.907  1.00 49.84  ? 157 ILE A O   1 
ATOM   803  C CB  . ILE A 1 111 ? -8.409  1.678   -6.225  1.00 45.62  ? 157 ILE A CB  1 
ATOM   804  C CG1 . ILE A 1 111 ? -7.073  1.435   -5.483  1.00 40.68  ? 157 ILE A CG1 1 
ATOM   805  C CG2 . ILE A 1 111 ? -9.219  0.385   -6.299  1.00 44.70  ? 157 ILE A CG2 1 
ATOM   806  C CD1 . ILE A 1 111 ? -7.167  1.355   -3.954  1.00 44.41  ? 157 ILE A CD1 1 
ATOM   807  N N   . LYS A 1 112 ? -9.502  1.967   -9.643  1.00 48.01  ? 158 LYS A N   1 
ATOM   808  C CA  . LYS A 1 112 ? -10.639 2.186   -10.545 1.00 50.25  ? 158 LYS A CA  1 
ATOM   809  C C   . LYS A 1 112 ? -11.344 0.875   -10.878 1.00 50.14  ? 158 LYS A C   1 
ATOM   810  O O   . LYS A 1 112 ? -10.705 -0.084  -11.316 1.00 45.70  ? 158 LYS A O   1 
ATOM   811  C CB  . LYS A 1 112 ? -10.165 2.805   -11.856 1.00 50.67  ? 158 LYS A CB  1 
ATOM   812  C CG  . LYS A 1 112 ? -9.572  4.197   -11.748 1.00 58.88  ? 158 LYS A CG  1 
ATOM   813  C CD  . LYS A 1 112 ? -9.248  4.759   -13.133 1.00 62.63  ? 158 LYS A CD  1 
ATOM   814  C CE  . LYS A 1 112 ? -8.552  6.112   -13.047 1.00 77.37  ? 158 LYS A CE  1 
ATOM   815  N NZ  . LYS A 1 112 ? -9.292  7.088   -12.167 1.00 78.93  ? 158 LYS A NZ  1 
ATOM   816  N N   . PRO A 1 113 ? -12.674 0.842   -10.707 1.00 50.43  ? 159 PRO A N   1 
ATOM   817  C CA  . PRO A 1 113 ? -13.463 -0.358  -11.046 1.00 56.65  ? 159 PRO A CA  1 
ATOM   818  C C   . PRO A 1 113 ? -13.345 -0.579  -12.543 1.00 53.96  ? 159 PRO A C   1 
ATOM   819  O O   . PRO A 1 113 ? -13.204 0.425   -13.222 1.00 59.94  ? 159 PRO A O   1 
ATOM   820  C CB  . PRO A 1 113 ? -14.907 0.059   -10.738 1.00 58.68  ? 159 PRO A CB  1 
ATOM   821  C CG  . PRO A 1 113 ? -14.851 1.477   -10.237 1.00 58.79  ? 159 PRO A CG  1 
ATOM   822  C CD  . PRO A 1 113 ? -13.510 2.045   -10.568 1.00 55.71  ? 159 PRO A CD  1 
ATOM   823  N N   . ASN A 1 114 ? -13.355 -1.798  -13.074 1.00 60.88  ? 160 ASN A N   1 
ATOM   824  C CA  . ASN A 1 114 ? -13.600 -1.893  -14.531 1.00 79.66  ? 160 ASN A CA  1 
ATOM   825  C C   . ASN A 1 114 ? -15.099 -2.071  -14.863 1.00 73.88  ? 160 ASN A C   1 
ATOM   826  O O   . ASN A 1 114 ? -15.870 -2.554  -14.025 1.00 76.04  ? 160 ASN A O   1 
ATOM   827  C CB  . ASN A 1 114 ? -12.679 -2.894  -15.255 1.00 78.11  ? 160 ASN A CB  1 
ATOM   828  C CG  . ASN A 1 114 ? -12.759 -4.277  -14.688 1.00 72.95  ? 160 ASN A CG  1 
ATOM   829  O OD1 . ASN A 1 114 ? -13.687 -4.606  -13.949 1.00 75.99  ? 160 ASN A OD1 1 
ATOM   830  N ND2 . ASN A 1 114 ? -11.789 -5.112  -15.045 1.00 70.32  ? 160 ASN A ND2 1 
ATOM   831  N N   . ALA A 1 115 ? -15.510 -1.627  -16.050 1.00 82.62  ? 161 ALA A N   1 
ATOM   832  C CA  . ALA A 1 115 ? -16.925 -1.620  -16.455 1.00 86.26  ? 161 ALA A CA  1 
ATOM   833  C C   . ALA A 1 115 ? -17.709 -2.861  -15.982 1.00 90.27  ? 161 ALA A C   1 
ATOM   834  O O   . ALA A 1 115 ? -18.762 -2.743  -15.341 1.00 88.90  ? 161 ALA A O   1 
ATOM   835  C CB  . ALA A 1 115 ? -17.033 -1.461  -17.966 1.00 87.03  ? 161 ALA A CB  1 
ATOM   836  N N   . ASP A 1 116 ? -17.170 -4.041  -16.299 1.00 91.28  ? 162 ASP A N   1 
ATOM   837  C CA  . ASP A 1 116 ? -17.721 -5.353  -15.913 1.00 87.36  ? 162 ASP A CA  1 
ATOM   838  C C   . ASP A 1 116 ? -18.257 -5.503  -14.474 1.00 88.24  ? 162 ASP A C   1 
ATOM   839  O O   . ASP A 1 116 ? -19.294 -6.136  -14.255 1.00 92.15  ? 162 ASP A O   1 
ATOM   840  C CB  . ASP A 1 116 ? -16.647 -6.428  -16.133 1.00 80.53  ? 162 ASP A CB  1 
ATOM   841  C CG  . ASP A 1 116 ? -15.891 -6.237  -17.431 1.00 84.36  ? 162 ASP A CG  1 
ATOM   842  O OD1 . ASP A 1 116 ? -16.550 -6.220  -18.491 1.00 86.52  ? 162 ASP A OD1 1 
ATOM   843  O OD2 . ASP A 1 116 ? -14.643 -6.104  -17.396 1.00 86.76  ? 162 ASP A OD2 1 
ATOM   844  N N   . GLY A 1 117 ? -17.537 -4.954  -13.496 1.00 89.12  ? 163 GLY A N   1 
ATOM   845  C CA  . GLY A 1 117 ? -17.781 -5.274  -12.095 1.00 79.02  ? 163 GLY A CA  1 
ATOM   846  C C   . GLY A 1 117 ? -16.987 -6.528  -11.754 1.00 75.47  ? 163 GLY A C   1 
ATOM   847  O O   . GLY A 1 117 ? -17.221 -7.185  -10.730 1.00 70.44  ? 163 GLY A O   1 
ATOM   848  N N   . SER A 1 118 ? -16.036 -6.841  -12.634 1.00 71.73  ? 164 SER A N   1 
ATOM   849  C CA  . SER A 1 118 ? -15.226 -8.056  -12.561 1.00 75.65  ? 164 SER A CA  1 
ATOM   850  C C   . SER A 1 118 ? -13.901 -7.876  -11.819 1.00 66.78  ? 164 SER A C   1 
ATOM   851  O O   . SER A 1 118 ? -13.212 -8.859  -11.507 1.00 62.59  ? 164 SER A O   1 
ATOM   852  C CB  . SER A 1 118 ? -14.927 -8.547  -13.973 1.00 73.92  ? 164 SER A CB  1 
ATOM   853  O OG  . SER A 1 118 ? -14.359 -7.510  -14.748 1.00 75.40  ? 164 SER A OG  1 
ATOM   854  N N   . GLY A 1 119 ? -13.542 -6.620  -11.569 1.00 59.77  ? 165 GLY A N   1 
ATOM   855  C CA  . GLY A 1 119 ? -12.371 -6.289  -10.780 1.00 58.34  ? 165 GLY A CA  1 
ATOM   856  C C   . GLY A 1 119 ? -12.080 -4.796  -10.739 1.00 52.21  ? 165 GLY A C   1 
ATOM   857  O O   . GLY A 1 119 ? -12.981 -3.963  -10.851 1.00 53.32  ? 165 GLY A O   1 
ATOM   858  N N   . TYR A 1 120 ? -10.803 -4.472  -10.587 1.00 48.04  ? 166 TYR A N   1 
ATOM   859  C CA  . TYR A 1 120 ? -10.348 -3.100  -10.447 1.00 44.37  ? 166 TYR A CA  1 
ATOM   860  C C   . TYR A 1 120 ? -9.011  -2.952  -11.153 1.00 43.20  ? 166 TYR A C   1 
ATOM   861  O O   . TYR A 1 120 ? -8.304  -3.937  -11.332 1.00 49.40  ? 166 TYR A O   1 
ATOM   862  C CB  . TYR A 1 120 ? -10.119 -2.757  -8.982  1.00 39.14  ? 166 TYR A CB  1 
ATOM   863  C CG  . TYR A 1 120 ? -11.330 -2.741  -8.094  1.00 45.85  ? 166 TYR A CG  1 
ATOM   864  C CD1 . TYR A 1 120 ? -11.712 -3.874  -7.368  1.00 50.23  ? 166 TYR A CD1 1 
ATOM   865  C CD2 . TYR A 1 120 ? -12.089 -1.586  -7.955  1.00 44.57  ? 166 TYR A CD2 1 
ATOM   866  C CE1 . TYR A 1 120 ? -12.854 -3.836  -6.515  1.00 49.93  ? 166 TYR A CE1 1 
ATOM   867  C CE2 . TYR A 1 120 ? -13.209 -1.546  -7.131  1.00 48.78  ? 166 TYR A CE2 1 
ATOM   868  C CZ  . TYR A 1 120 ? -13.585 -2.658  -6.409  1.00 48.92  ? 166 TYR A CZ  1 
ATOM   869  O OH  . TYR A 1 120 ? -14.687 -2.560  -5.585  1.00 53.56  ? 166 TYR A OH  1 
ATOM   870  N N   . PHE A 1 121 ? -8.664  -1.735  -11.550 1.00 41.68  ? 167 PHE A N   1 
ATOM   871  C CA  . PHE A 1 121 ? -7.277  -1.429  -11.911 1.00 46.07  ? 167 PHE A CA  1 
ATOM   872  C C   . PHE A 1 121 ? -6.644  -0.611  -10.786 1.00 44.21  ? 167 PHE A C   1 
ATOM   873  O O   . PHE A 1 121 ? -7.157  0.443   -10.380 1.00 38.33  ? 167 PHE A O   1 
ATOM   874  C CB  . PHE A 1 121 ? -7.186  -0.646  -13.227 1.00 49.05  ? 167 PHE A CB  1 
ATOM   875  C CG  . PHE A 1 121 ? -7.827  -1.349  -14.396 1.00 59.31  ? 167 PHE A CG  1 
ATOM   876  C CD1 . PHE A 1 121 ? -9.183  -1.154  -14.688 1.00 65.09  ? 167 PHE A CD1 1 
ATOM   877  C CD2 . PHE A 1 121 ? -7.083  -2.211  -15.204 1.00 59.28  ? 167 PHE A CD2 1 
ATOM   878  C CE1 . PHE A 1 121 ? -9.797  -1.806  -15.774 1.00 65.26  ? 167 PHE A CE1 1 
ATOM   879  C CE2 . PHE A 1 121 ? -7.682  -2.862  -16.290 1.00 63.56  ? 167 PHE A CE2 1 
ATOM   880  C CZ  . PHE A 1 121 ? -9.042  -2.661  -16.571 1.00 71.91  ? 167 PHE A CZ  1 
ATOM   881  N N   . ILE A 1 122 ? -5.543  -1.126  -10.263 1.00 39.22  ? 168 ILE A N   1 
ATOM   882  C CA  . ILE A 1 122 ? -4.767  -0.407  -9.275  1.00 37.22  ? 168 ILE A CA  1 
ATOM   883  C C   . ILE A 1 122 ? -3.473  0.080   -9.922  1.00 38.63  ? 168 ILE A C   1 
ATOM   884  O O   . ILE A 1 122 ? -2.668  -0.719  -10.433 1.00 38.24  ? 168 ILE A O   1 
ATOM   885  C CB  . ILE A 1 122 ? -4.405  -1.304  -8.102  1.00 40.13  ? 168 ILE A CB  1 
ATOM   886  C CG1 . ILE A 1 122 ? -5.670  -2.001  -7.573  1.00 37.87  ? 168 ILE A CG1 1 
ATOM   887  C CG2 . ILE A 1 122 ? -3.641  -0.486  -7.070  1.00 33.36  ? 168 ILE A CG2 1 
ATOM   888  C CD1 . ILE A 1 122 ? -5.492  -2.646  -6.194  1.00 42.40  ? 168 ILE A CD1 1 
ATOM   889  N N   . SER A 1 123 ? -3.263  1.385   -9.876  1.00 30.21  ? 169 SER A N   1 
ATOM   890  C CA  . SER A 1 123 ? -2.183  1.967   -10.625 1.00 35.60  ? 169 SER A CA  1 
ATOM   891  C C   . SER A 1 123 ? -1.365  2.877   -9.736  1.00 33.53  ? 169 SER A C   1 
ATOM   892  O O   . SER A 1 123 ? -1.912  3.716   -9.046  1.00 36.88  ? 169 SER A O   1 
ATOM   893  C CB  . SER A 1 123 ? -2.769  2.754   -11.793 1.00 36.61  ? 169 SER A CB  1 
ATOM   894  O OG  . SER A 1 123 ? -1.732  3.311   -12.566 1.00 45.36  ? 169 SER A OG  1 
ATOM   895  N N   . LEU A 1 124 ? -0.054  2.696   -9.738  1.00 31.64  ? 170 LEU A N   1 
ATOM   896  C CA  . LEU A 1 124 ? 0.839   3.592   -9.003  1.00 31.50  ? 170 LEU A CA  1 
ATOM   897  C C   . LEU A 1 124 ? 1.619   4.469   -9.977  1.00 39.29  ? 170 LEU A C   1 
ATOM   898  O O   . LEU A 1 124 ? 2.314   3.966   -10.846 1.00 36.13  ? 170 LEU A O   1 
ATOM   899  C CB  . LEU A 1 124 ? 1.833   2.805   -8.168  1.00 30.53  ? 170 LEU A CB  1 
ATOM   900  C CG  . LEU A 1 124 ? 2.922   3.645   -7.514  1.00 28.98  ? 170 LEU A CG  1 
ATOM   901  C CD1 . LEU A 1 124 ? 2.369   4.690   -6.544  1.00 29.44  ? 170 LEU A CD1 1 
ATOM   902  C CD2 . LEU A 1 124 ? 3.829   2.704   -6.811  1.00 33.22  ? 170 LEU A CD2 1 
ATOM   903  N N   . SER A 1 125 ? 1.489   5.778   -9.823  1.00 40.06  ? 171 SER A N   1 
ATOM   904  C CA  . SER A 1 125 ? 2.300   6.746   -10.556 1.00 39.26  ? 171 SER A CA  1 
ATOM   905  C C   . SER A 1 125 ? 3.302   7.433   -9.632  1.00 32.31  ? 171 SER A C   1 
ATOM   906  O O   . SER A 1 125 ? 2.938   7.916   -8.572  1.00 35.94  ? 171 SER A O   1 
ATOM   907  C CB  . SER A 1 125 ? 1.399   7.792   -11.204 1.00 45.51  ? 171 SER A CB  1 
ATOM   908  O OG  . SER A 1 125 ? 2.124   8.984   -11.464 1.00 53.89  ? 171 SER A OG  1 
ATOM   909  N N   . VAL A 1 126 ? 4.562   7.464   -10.056 1.00 35.63  ? 172 VAL A N   1 
ATOM   910  C CA  . VAL A 1 126 ? 5.660   8.100   -9.332  1.00 37.40  ? 172 VAL A CA  1 
ATOM   911  C C   . VAL A 1 126 ? 6.336   9.122   -10.240 1.00 39.66  ? 172 VAL A C   1 
ATOM   912  O O   . VAL A 1 126 ? 6.975   8.775   -11.237 1.00 40.69  ? 172 VAL A O   1 
ATOM   913  C CB  . VAL A 1 126 ? 6.759   7.086   -8.917  1.00 37.97  ? 172 VAL A CB  1 
ATOM   914  C CG1 . VAL A 1 126 ? 7.989   7.827   -8.320  1.00 34.19  ? 172 VAL A CG1 1 
ATOM   915  C CG2 . VAL A 1 126 ? 6.201   6.037   -7.944  1.00 33.31  ? 172 VAL A CG2 1 
ATOM   916  N N   . VAL A 1 127 ? 6.203   10.382  -9.893  1.00 35.83  ? 173 VAL A N   1 
ATOM   917  C CA  . VAL A 1 127 ? 6.843   11.435  -10.664 1.00 43.38  ? 173 VAL A CA  1 
ATOM   918  C C   . VAL A 1 127 ? 7.971   12.088  -9.849  1.00 41.70  ? 173 VAL A C   1 
ATOM   919  O O   . VAL A 1 127 ? 7.736   12.549  -8.749  1.00 44.42  ? 173 VAL A O   1 
ATOM   920  C CB  . VAL A 1 127 ? 5.802   12.493  -11.081 1.00 40.92  ? 173 VAL A CB  1 
ATOM   921  C CG1 . VAL A 1 127 ? 6.479   13.819  -11.478 1.00 41.45  ? 173 VAL A CG1 1 
ATOM   922  C CG2 . VAL A 1 127 ? 4.945   11.955  -12.209 1.00 48.24  ? 173 VAL A CG2 1 
ATOM   923  N N   . ASN A 1 128 ? 9.179   12.144  -10.394 1.00 38.48  ? 174 ASN A N   1 
ATOM   924  C CA  . ASN A 1 128 ? 10.335  12.627  -9.638  1.00 45.18  ? 174 ASN A CA  1 
ATOM   925  C C   . ASN A 1 128 ? 10.985  13.751  -10.404 1.00 43.78  ? 174 ASN A C   1 
ATOM   926  O O   . ASN A 1 128 ? 11.616  13.508  -11.428 1.00 46.62  ? 174 ASN A O   1 
ATOM   927  C CB  . ASN A 1 128 ? 11.345  11.501  -9.447  1.00 46.63  ? 174 ASN A CB  1 
ATOM   928  C CG  . ASN A 1 128 ? 12.479  11.885  -8.525  1.00 53.10  ? 174 ASN A CG  1 
ATOM   929  O OD1 . ASN A 1 128 ? 13.058  12.969  -8.631  1.00 49.40  ? 174 ASN A OD1 1 
ATOM   930  N ND2 . ASN A 1 128 ? 12.794  10.997  -7.599  1.00 53.15  ? 174 ASN A ND2 1 
ATOM   931  N N   . ASN A 1 129 ? 10.806  14.976  -9.938  1.00 41.89  ? 175 ASN A N   1 
ATOM   932  C CA  . ASN A 1 129 ? 11.325  16.136  -10.655 1.00 49.45  ? 175 ASN A CA  1 
ATOM   933  C C   . ASN A 1 129 ? 12.838  16.344  -10.450 1.00 56.71  ? 175 ASN A C   1 
ATOM   934  O O   . ASN A 1 129 ? 13.454  17.143  -11.154 1.00 51.36  ? 175 ASN A O   1 
ATOM   935  C CB  . ASN A 1 129 ? 10.582  17.414  -10.246 1.00 47.85  ? 175 ASN A CB  1 
ATOM   936  C CG  . ASN A 1 129 ? 9.141   17.479  -10.788 1.00 53.97  ? 175 ASN A CG  1 
ATOM   937  O OD1 . ASN A 1 129 ? 8.895   17.296  -11.985 1.00 43.68  ? 175 ASN A OD1 1 
ATOM   938  N ND2 . ASN A 1 129 ? 8.188   17.772  -9.896  1.00 47.34  ? 175 ASN A ND2 1 
ATOM   939  N N   . ASN A 1 130 ? 13.417  15.649  -9.468  1.00 54.07  ? 176 ASN A N   1 
ATOM   940  C CA  . ASN A 1 130 ? 14.870  15.649  -9.283  1.00 56.53  ? 176 ASN A CA  1 
ATOM   941  C C   . ASN A 1 130 ? 15.557  14.838  -10.360 1.00 54.53  ? 176 ASN A C   1 
ATOM   942  O O   . ASN A 1 130 ? 16.394  15.347  -11.107 1.00 59.14  ? 176 ASN A O   1 
ATOM   943  C CB  . ASN A 1 130 ? 15.271  15.050  -7.931  1.00 63.14  ? 176 ASN A CB  1 
ATOM   944  C CG  . ASN A 1 130 ? 14.830  15.893  -6.761  1.00 72.80  ? 176 ASN A CG  1 
ATOM   945  O OD1 . ASN A 1 130 ? 14.609  17.104  -6.896  1.00 70.28  ? 176 ASN A OD1 1 
ATOM   946  N ND2 . ASN A 1 130 ? 14.693  15.253  -5.589  1.00 69.96  ? 176 ASN A ND2 1 
ATOM   947  N N   . LEU A 1 131 ? 15.224  13.553  -10.405 1.00 56.19  ? 177 LEU A N   1 
ATOM   948  C CA  . LEU A 1 131 ? 15.776  12.655  -11.414 1.00 51.57  ? 177 LEU A CA  1 
ATOM   949  C C   . LEU A 1 131 ? 15.043  12.751  -12.737 1.00 49.63  ? 177 LEU A C   1 
ATOM   950  O O   . LEU A 1 131 ? 15.361  11.991  -13.652 1.00 53.22  ? 177 LEU A O   1 
ATOM   951  C CB  . LEU A 1 131 ? 15.705  11.214  -10.955 1.00 50.28  ? 177 LEU A CB  1 
ATOM   952  C CG  . LEU A 1 131 ? 16.070  10.964  -9.503  1.00 60.00  ? 177 LEU A CG  1 
ATOM   953  C CD1 . LEU A 1 131 ? 15.786  9.523   -9.178  1.00 51.57  ? 177 LEU A CD1 1 
ATOM   954  C CD2 . LEU A 1 131 ? 17.530  11.285  -9.287  1.00 58.40  ? 177 LEU A CD2 1 
ATOM   955  N N   . LYS A 1 132 ? 14.058  13.654  -12.829 1.00 45.04  ? 178 LYS A N   1 
ATOM   956  C CA  . LYS A 1 132 ? 13.304  13.847  -14.064 1.00 51.06  ? 178 LYS A CA  1 
ATOM   957  C C   . LYS A 1 132 ? 12.757  12.511  -14.588 1.00 53.97  ? 178 LYS A C   1 
ATOM   958  O O   . LYS A 1 132 ? 12.921  12.186  -15.775 1.00 52.49  ? 178 LYS A O   1 
ATOM   959  C CB  . LYS A 1 132 ? 14.191  14.465  -15.153 1.00 56.61  ? 178 LYS A CB  1 
ATOM   960  C CG  . LYS A 1 132 ? 14.907  15.766  -14.775 1.00 54.03  ? 178 LYS A CG  1 
ATOM   961  C CD  . LYS A 1 132 ? 13.919  16.862  -14.398 1.00 60.57  ? 178 LYS A CD  1 
ATOM   962  C CE  . LYS A 1 132 ? 14.648  18.131  -13.915 1.00 68.31  ? 178 LYS A CE  1 
ATOM   963  N NZ  . LYS A 1 132 ? 15.863  17.838  -13.049 1.00 66.55  ? 178 LYS A NZ  1 
ATOM   964  N N   . THR A 1 133 ? 12.146  11.725  -13.708 1.00 44.73  ? 179 THR A N   1 
ATOM   965  C CA  . THR A 1 133 ? 11.598  10.443  -14.119 1.00 48.78  ? 179 THR A CA  1 
ATOM   966  C C   . THR A 1 133 ? 10.079  10.428  -13.954 1.00 50.07  ? 179 THR A C   1 
ATOM   967  O O   . THR A 1 133 ? 9.518   11.195  -13.181 1.00 43.07  ? 179 THR A O   1 
ATOM   968  C CB  . THR A 1 133 ? 12.219  9.270   -13.352 1.00 47.68  ? 179 THR A CB  1 
ATOM   969  O OG1 . THR A 1 133 ? 12.052  9.484   -11.937 1.00 51.36  ? 179 THR A OG1 1 
ATOM   970  C CG2 . THR A 1 133 ? 13.707  9.123   -13.727 1.00 48.70  ? 179 THR A CG2 1 
ATOM   971  N N   . ASN A 1 134 ? 9.420   9.553   -14.698 1.00 47.35  ? 180 ASN A N   1 
ATOM   972  C CA  . ASN A 1 134 ? 7.981   9.458   -14.625 1.00 43.90  ? 180 ASN A CA  1 
ATOM   973  C C   . ASN A 1 134 ? 7.601   8.009   -14.839 1.00 46.04  ? 180 ASN A C   1 
ATOM   974  O O   . ASN A 1 134 ? 7.610   7.527   -15.975 1.00 44.29  ? 180 ASN A O   1 
ATOM   975  C CB  . ASN A 1 134 ? 7.335   10.384  -15.674 1.00 44.78  ? 180 ASN A CB  1 
ATOM   976  C CG  . ASN A 1 134 ? 5.809   10.269  -15.709 1.00 46.46  ? 180 ASN A CG  1 
ATOM   977  O OD1 . ASN A 1 134 ? 5.242   9.208   -15.451 1.00 45.27  ? 180 ASN A OD1 1 
ATOM   978  N ND2 . ASN A 1 134 ? 5.152   11.349  -16.058 1.00 39.79  ? 180 ASN A ND2 1 
ATOM   979  N N   . ASP A 1 135 ? 7.281   7.314   -13.745 1.00 41.19  ? 181 ASP A N   1 
ATOM   980  C CA  . ASP A 1 135 ? 6.948   5.879   -13.799 1.00 44.10  ? 181 ASP A CA  1 
ATOM   981  C C   . ASP A 1 135 ? 5.481   5.601   -13.449 1.00 42.28  ? 181 ASP A C   1 
ATOM   982  O O   . ASP A 1 135 ? 4.925   6.253   -12.576 1.00 43.68  ? 181 ASP A O   1 
ATOM   983  C CB  . ASP A 1 135 ? 7.865   5.065   -12.882 1.00 43.68  ? 181 ASP A CB  1 
ATOM   984  C CG  . ASP A 1 135 ? 9.352   5.297   -13.171 1.00 55.24  ? 181 ASP A CG  1 
ATOM   985  O OD1 . ASP A 1 135 ? 9.793   5.197   -14.342 1.00 57.13  ? 181 ASP A OD1 1 
ATOM   986  O OD2 . ASP A 1 135 ? 10.078  5.591   -12.209 1.00 54.85  ? 181 ASP A OD2 1 
ATOM   987  N N   . ARG A 1 136 ? 4.872   4.637   -14.131 1.00 36.96  ? 182 ARG A N   1 
ATOM   988  C CA  . ARG A 1 136 ? 3.500   4.227   -13.829 1.00 41.95  ? 182 ARG A CA  1 
ATOM   989  C C   . ARG A 1 136 ? 3.324   2.709   -13.978 1.00 44.12  ? 182 ARG A C   1 
ATOM   990  O O   . ARG A 1 136 ? 3.568   2.164   -15.049 1.00 42.62  ? 182 ARG A O   1 
ATOM   991  C CB  . ARG A 1 136 ? 2.470   4.941   -14.709 1.00 42.49  ? 182 ARG A CB  1 
ATOM   992  C CG  . ARG A 1 136 ? 1.036   4.548   -14.348 1.00 46.00  ? 182 ARG A CG  1 
ATOM   993  C CD  . ARG A 1 136 ? -0.024  5.212   -15.226 1.00 45.61  ? 182 ARG A CD  1 
ATOM   994  N NE  . ARG A 1 136 ? -0.118  6.655   -14.990 1.00 59.38  ? 182 ARG A NE  1 
ATOM   995  C CZ  . ARG A 1 136 ? -0.773  7.225   -13.971 1.00 67.44  ? 182 ARG A CZ  1 
ATOM   996  N NH1 . ARG A 1 136 ? -1.393  6.467   -13.057 1.00 53.66  ? 182 ARG A NH1 1 
ATOM   997  N NH2 . ARG A 1 136 ? -0.802  8.556   -13.860 1.00 56.85  ? 182 ARG A NH2 1 
ATOM   998  N N   . PHE A 1 137 ? 2.895   2.047   -12.906 1.00 36.36  ? 183 PHE A N   1 
ATOM   999  C CA  . PHE A 1 137 ? 2.675   0.608   -12.915 1.00 38.96  ? 183 PHE A CA  1 
ATOM   1000 C C   . PHE A 1 137 ? 1.210   0.345   -12.688 1.00 41.76  ? 183 PHE A C   1 
ATOM   1001 O O   . PHE A 1 137 ? 0.613   0.922   -11.788 1.00 40.69  ? 183 PHE A O   1 
ATOM   1002 C CB  . PHE A 1 137 ? 3.498   -0.061  -11.825 1.00 35.25  ? 183 PHE A CB  1 
ATOM   1003 C CG  . PHE A 1 137 ? 4.963   0.187   -11.959 1.00 40.83  ? 183 PHE A CG  1 
ATOM   1004 C CD1 . PHE A 1 137 ? 5.644   -0.183  -13.122 1.00 52.39  ? 183 PHE A CD1 1 
ATOM   1005 C CD2 . PHE A 1 137 ? 5.664   0.826   -10.968 1.00 40.13  ? 183 PHE A CD2 1 
ATOM   1006 C CE1 . PHE A 1 137 ? 7.027   0.074   -13.263 1.00 50.92  ? 183 PHE A CE1 1 
ATOM   1007 C CE2 . PHE A 1 137 ? 7.033   1.069   -11.103 1.00 47.28  ? 183 PHE A CE2 1 
ATOM   1008 C CZ  . PHE A 1 137 ? 7.707   0.695   -12.247 1.00 42.53  ? 183 PHE A CZ  1 
ATOM   1009 N N   . THR A 1 138 ? 0.628   -0.527  -13.506 1.00 41.47  ? 184 THR A N   1 
ATOM   1010 C CA  . THR A 1 138 ? -0.798  -0.789  -13.423 1.00 39.43  ? 184 THR A CA  1 
ATOM   1011 C C   . THR A 1 138 ? -1.042  -2.269  -13.273 1.00 41.46  ? 184 THR A C   1 
ATOM   1012 O O   . THR A 1 138 ? -0.472  -3.049  -13.987 1.00 40.85  ? 184 THR A O   1 
ATOM   1013 C CB  . THR A 1 138 ? -1.518  -0.322  -14.679 1.00 41.14  ? 184 THR A CB  1 
ATOM   1014 O OG1 . THR A 1 138 ? -1.432  1.102   -14.756 1.00 49.37  ? 184 THR A OG1 1 
ATOM   1015 C CG2 . THR A 1 138 ? -2.987  -0.782  -14.656 1.00 46.56  ? 184 THR A CG2 1 
ATOM   1016 N N   . VAL A 1 139 ? -1.893  -2.647  -12.332 1.00 43.03  ? 185 VAL A N   1 
ATOM   1017 C CA  . VAL A 1 139 ? -2.190  -4.052  -12.083 1.00 37.30  ? 185 VAL A CA  1 
ATOM   1018 C C   . VAL A 1 139 ? -3.717  -4.248  -11.937 1.00 41.70  ? 185 VAL A C   1 
ATOM   1019 O O   . VAL A 1 139 ? -4.353  -3.569  -11.129 1.00 38.22  ? 185 VAL A O   1 
ATOM   1020 C CB  . VAL A 1 139 ? -1.443  -4.530  -10.832 1.00 38.06  ? 185 VAL A CB  1 
ATOM   1021 C CG1 . VAL A 1 139 ? -1.778  -5.972  -10.528 1.00 44.29  ? 185 VAL A CG1 1 
ATOM   1022 C CG2 . VAL A 1 139 ? 0.071   -4.385  -11.043 1.00 37.60  ? 185 VAL A CG2 1 
ATOM   1023 N N   . PRO A 1 140 ? -4.306  -5.138  -12.763 1.00 38.54  ? 186 PRO A N   1 
ATOM   1024 C CA  . PRO A 1 140 ? -5.720  -5.528  -12.676 1.00 40.61  ? 186 PRO A CA  1 
ATOM   1025 C C   . PRO A 1 140 ? -5.857  -6.520  -11.548 1.00 42.41  ? 186 PRO A C   1 
ATOM   1026 O O   . PRO A 1 140 ? -4.971  -7.350  -11.317 1.00 40.54  ? 186 PRO A O   1 
ATOM   1027 C CB  . PRO A 1 140 ? -6.013  -6.264  -14.009 1.00 43.36  ? 186 PRO A CB  1 
ATOM   1028 C CG  . PRO A 1 140 ? -4.657  -6.337  -14.773 1.00 44.04  ? 186 PRO A CG  1 
ATOM   1029 C CD  . PRO A 1 140 ? -3.563  -5.856  -13.827 1.00 45.70  ? 186 PRO A CD  1 
ATOM   1030 N N   . VAL A 1 141 ? -6.982  -6.444  -10.872 1.00 34.30  ? 187 VAL A N   1 
ATOM   1031 C CA  . VAL A 1 141 ? -7.157  -7.158  -9.638  1.00 42.66  ? 187 VAL A CA  1 
ATOM   1032 C C   . VAL A 1 141 ? -8.584  -7.671  -9.727  1.00 39.52  ? 187 VAL A C   1 
ATOM   1033 O O   . VAL A 1 141 ? -9.513  -6.892  -9.839  1.00 42.22  ? 187 VAL A O   1 
ATOM   1034 C CB  . VAL A 1 141 ? -7.019  -6.169  -8.454  1.00 44.88  ? 187 VAL A CB  1 
ATOM   1035 C CG1 . VAL A 1 141 ? -7.560  -6.759  -7.143  1.00 42.60  ? 187 VAL A CG1 1 
ATOM   1036 C CG2 . VAL A 1 141 ? -5.581  -5.648  -8.331  1.00 51.69  ? 187 VAL A CG2 1 
ATOM   1037 N N   . THR A 1 142 ? -8.758  -8.971  -9.732  1.00 38.54  ? 188 THR A N   1 
ATOM   1038 C CA  . THR A 1 142 ? -10.102 -9.510  -9.854  1.00 39.64  ? 188 THR A CA  1 
ATOM   1039 C C   . THR A 1 142 ? -10.850 -9.246  -8.575  1.00 43.21  ? 188 THR A C   1 
ATOM   1040 O O   . THR A 1 142 ? -10.265 -8.847  -7.551  1.00 37.86  ? 188 THR A O   1 
ATOM   1041 C CB  . THR A 1 142 ? -10.067 -11.031 -10.028 1.00 40.00  ? 188 THR A CB  1 
ATOM   1042 O OG1 . THR A 1 142 ? -9.551  -11.618 -8.831  1.00 39.05  ? 188 THR A OG1 1 
ATOM   1043 C CG2 . THR A 1 142 ? -9.170  -11.408 -11.169 1.00 37.21  ? 188 THR A CG2 1 
ATOM   1044 N N   . THR A 1 143 ? -12.146 -9.516  -8.620  1.00 38.63  ? 189 THR A N   1 
ATOM   1045 C CA  . THR A 1 143 ? -12.972 -9.406  -7.427  1.00 43.13  ? 189 THR A CA  1 
ATOM   1046 C C   . THR A 1 143 ? -12.471 -10.258 -6.234  1.00 43.61  ? 189 THR A C   1 
ATOM   1047 O O   . THR A 1 143 ? -12.484 -9.795  -5.084  1.00 43.87  ? 189 THR A O   1 
ATOM   1048 C CB  . THR A 1 143 ? -14.432 -9.748  -7.764  1.00 48.77  ? 189 THR A CB  1 
ATOM   1049 O OG1 . THR A 1 143 ? -14.917 -8.772  -8.682  1.00 49.91  ? 189 THR A OG1 1 
ATOM   1050 C CG2 . THR A 1 143 ? -15.332 -9.758  -6.497  1.00 42.61  ? 189 THR A CG2 1 
ATOM   1051 N N   . ALA A 1 144 ? -12.047 -11.493 -6.519  1.00 35.19  ? 190 ALA A N   1 
ATOM   1052 C CA  . ALA A 1 144 ? -11.572 -12.410 -5.490  1.00 39.80  ? 190 ALA A CA  1 
ATOM   1053 C C   . ALA A 1 144 ? -10.253 -11.926 -4.903  1.00 36.90  ? 190 ALA A C   1 
ATOM   1054 O O   . ALA A 1 144 ? -10.038 -12.046 -3.696  1.00 39.22  ? 190 ALA A O   1 
ATOM   1055 C CB  . ALA A 1 144 ? -11.395 -13.842 -6.053  1.00 39.24  ? 190 ALA A CB  1 
ATOM   1056 N N   . GLU A 1 145 ? -9.370  -11.428 -5.774  1.00 34.48  ? 191 GLU A N   1 
ATOM   1057 C CA  . GLU A 1 145 ? -8.096  -10.864 -5.374  1.00 36.84  ? 191 GLU A CA  1 
ATOM   1058 C C   . GLU A 1 145 ? -8.325  -9.672  -4.474  1.00 36.09  ? 191 GLU A C   1 
ATOM   1059 O O   . GLU A 1 145 ? -7.697  -9.538  -3.454  1.00 39.40  ? 191 GLU A O   1 
ATOM   1060 C CB  . GLU A 1 145 ? -7.254  -10.486 -6.598  1.00 35.58  ? 191 GLU A CB  1 
ATOM   1061 C CG  . GLU A 1 145 ? -6.405  -11.702 -7.105  1.00 38.51  ? 191 GLU A CG  1 
ATOM   1062 C CD  . GLU A 1 145 ? -5.857  -11.523 -8.530  1.00 47.03  ? 191 GLU A CD  1 
ATOM   1063 O OE1 . GLU A 1 145 ? -6.284  -10.580 -9.241  1.00 40.20  ? 191 GLU A OE1 1 
ATOM   1064 O OE2 . GLU A 1 145 ? -5.005  -12.348 -8.940  1.00 46.38  ? 191 GLU A OE2 1 
ATOM   1065 N N   . PHE A 1 146 ? -9.284  -8.835  -4.823  1.00 35.87  ? 192 PHE A N   1 
ATOM   1066 C CA  . PHE A 1 146 ? -9.545  -7.671  -4.018  1.00 38.68  ? 192 PHE A CA  1 
ATOM   1067 C C   . PHE A 1 146 ? -10.270 -8.078  -2.745  1.00 39.52  ? 192 PHE A C   1 
ATOM   1068 O O   . PHE A 1 146 ? -10.114 -7.443  -1.704  1.00 33.76  ? 192 PHE A O   1 
ATOM   1069 C CB  . PHE A 1 146 ? -10.357 -6.645  -4.822  1.00 38.13  ? 192 PHE A CB  1 
ATOM   1070 C CG  . PHE A 1 146 ? -10.419 -5.287  -4.190  1.00 40.03  ? 192 PHE A CG  1 
ATOM   1071 C CD1 . PHE A 1 146 ? -9.334  -4.431  -4.260  1.00 35.59  ? 192 PHE A CD1 1 
ATOM   1072 C CD2 . PHE A 1 146 ? -11.567 -4.861  -3.524  1.00 41.66  ? 192 PHE A CD2 1 
ATOM   1073 C CE1 . PHE A 1 146 ? -9.374  -3.170  -3.681  1.00 35.42  ? 192 PHE A CE1 1 
ATOM   1074 C CE2 . PHE A 1 146 ? -11.627 -3.583  -2.943  1.00 46.98  ? 192 PHE A CE2 1 
ATOM   1075 C CZ  . PHE A 1 146 ? -10.519 -2.734  -3.026  1.00 43.20  ? 192 PHE A CZ  1 
ATOM   1076 N N   . ALA A 1 147 ? -11.073 -9.144  -2.812  1.00 33.51  ? 193 ALA A N   1 
ATOM   1077 C CA  . ALA A 1 147 ? -11.708 -9.617  -1.587  1.00 26.83  ? 193 ALA A CA  1 
ATOM   1078 C C   . ALA A 1 147 ? -10.648 -10.132 -0.614  1.00 30.66  ? 193 ALA A C   1 
ATOM   1079 O O   . ALA A 1 147 ? -10.809 -9.987  0.596   1.00 31.61  ? 193 ALA A O   1 
ATOM   1080 C CB  . ALA A 1 147 ? -12.686 -10.686 -1.891  1.00 39.23  ? 193 ALA A CB  1 
ATOM   1081 N N   . VAL A 1 148 ? -9.568  -10.750 -1.125  1.00 32.77  ? 194 VAL A N   1 
ATOM   1082 C CA  . VAL A 1 148 ? -8.459  -11.175 -0.241  1.00 31.81  ? 194 VAL A CA  1 
ATOM   1083 C C   . VAL A 1 148 ? -7.850  -9.903  0.372   1.00 33.38  ? 194 VAL A C   1 
ATOM   1084 O O   . VAL A 1 148 ? -7.673  -9.811  1.586   1.00 32.87  ? 194 VAL A O   1 
ATOM   1085 C CB  . VAL A 1 148 ? -7.327  -11.994 -0.978  1.00 26.69  ? 194 VAL A CB  1 
ATOM   1086 C CG1 . VAL A 1 148 ? -6.136  -12.216 -0.038  1.00 26.00  ? 194 VAL A CG1 1 
ATOM   1087 C CG2 . VAL A 1 148 ? -7.835  -13.327 -1.501  1.00 32.35  ? 194 VAL A CG2 1 
ATOM   1088 N N   . MET A 1 149 ? -7.561  -8.906  -0.458  1.00 31.28  ? 195 MET A N   1 
ATOM   1089 C CA  . MET A 1 149 ? -7.010  -7.659  0.070   1.00 29.77  ? 195 MET A CA  1 
ATOM   1090 C C   . MET A 1 149 ? -7.899  -7.059  1.124   1.00 34.00  ? 195 MET A C   1 
ATOM   1091 O O   . MET A 1 149 ? -7.416  -6.709  2.204   1.00 38.45  ? 195 MET A O   1 
ATOM   1092 C CB  . MET A 1 149 ? -6.789  -6.639  -1.030  1.00 29.49  ? 195 MET A CB  1 
ATOM   1093 C CG  . MET A 1 149 ? -5.551  -6.917  -1.798  1.00 33.57  ? 195 MET A CG  1 
ATOM   1094 S SD  . MET A 1 149 ? -5.435  -5.864  -3.244  1.00 44.85  ? 195 MET A SD  1 
ATOM   1095 C CE  . MET A 1 149 ? -4.237  -6.820  -4.156  1.00 51.05  ? 195 MET A CE  1 
ATOM   1096 N N   . ARG A 1 150 ? -9.188  -6.918  0.816   1.00 33.08  ? 196 ARG A N   1 
ATOM   1097 C CA  . ARG A 1 150 ? -10.108 -6.302  1.754   1.00 34.38  ? 196 ARG A CA  1 
ATOM   1098 C C   . ARG A 1 150 ? -10.125 -7.068  3.080   1.00 35.23  ? 196 ARG A C   1 
ATOM   1099 O O   . ARG A 1 150 ? -10.132 -6.472  4.163   1.00 32.52  ? 196 ARG A O   1 
ATOM   1100 C CB  . ARG A 1 150 ? -11.520 -6.196  1.163   1.00 34.03  ? 196 ARG A CB  1 
ATOM   1101 C CG  . ARG A 1 150 ? -11.658 -5.040  0.116   1.00 47.67  ? 196 ARG A CG  1 
ATOM   1102 C CD  . ARG A 1 150 ? -13.127 -4.665  -0.194  1.00 54.63  ? 196 ARG A CD  1 
ATOM   1103 N NE  . ARG A 1 150 ? -13.825 -5.787  -0.831  1.00 57.32  ? 196 ARG A NE  1 
ATOM   1104 C CZ  . ARG A 1 150 ? -14.523 -6.716  -0.171  1.00 64.10  ? 196 ARG A CZ  1 
ATOM   1105 N NH1 . ARG A 1 150 ? -14.663 -6.644  1.156   1.00 53.10  ? 196 ARG A NH1 1 
ATOM   1106 N NH2 . ARG A 1 150 ? -15.088 -7.722  -0.846  1.00 57.30  ? 196 ARG A NH2 1 
ATOM   1107 N N   . THR A 1 151 ? -10.125 -8.395  2.994   1.00 32.51  ? 197 THR A N   1 
ATOM   1108 C CA  . THR A 1 151 ? -10.191 -9.235  4.205   1.00 32.08  ? 197 THR A CA  1 
ATOM   1109 C C   . THR A 1 151 ? -8.863  -9.160  4.973   1.00 34.36  ? 197 THR A C   1 
ATOM   1110 O O   . THR A 1 151 ? -8.846  -8.964  6.199   1.00 33.73  ? 197 THR A O   1 
ATOM   1111 C CB  . THR A 1 151 ? -10.489 -10.710 3.818   1.00 35.30  ? 197 THR A CB  1 
ATOM   1112 O OG1 . THR A 1 151 ? -11.749 -10.759 3.137   1.00 38.33  ? 197 THR A OG1 1 
ATOM   1113 C CG2 . THR A 1 151 ? -10.479 -11.659 5.032   1.00 32.57  ? 197 THR A CG2 1 
ATOM   1114 N N   . ALA A 1 152 ? -7.754  -9.293  4.241   1.00 29.89  ? 198 ALA A N   1 
ATOM   1115 C CA  . ALA A 1 152 ? -6.456  -9.263  4.888   1.00 40.57  ? 198 ALA A CA  1 
ATOM   1116 C C   . ALA A 1 152 ? -6.142  -7.849  5.417   1.00 34.03  ? 198 ALA A C   1 
ATOM   1117 O O   . ALA A 1 152 ? -5.543  -7.715  6.491   1.00 31.83  ? 198 ALA A O   1 
ATOM   1118 C CB  . ALA A 1 152 ? -5.323  -9.818  3.965   1.00 34.55  ? 198 ALA A CB  1 
ATOM   1119 N N   . PHE A 1 153 ? -6.591  -6.811  4.707   1.00 28.71  ? 199 PHE A N   1 
ATOM   1120 C CA  . PHE A 1 153 ? -6.311  -5.423  5.163   1.00 31.89  ? 199 PHE A CA  1 
ATOM   1121 C C   . PHE A 1 153 ? -7.152  -5.107  6.397   1.00 34.69  ? 199 PHE A C   1 
ATOM   1122 O O   . PHE A 1 153 ? -6.709  -4.435  7.323   1.00 29.79  ? 199 PHE A O   1 
ATOM   1123 C CB  . PHE A 1 153 ? -6.598  -4.363  4.077   1.00 29.18  ? 199 PHE A CB  1 
ATOM   1124 C CG  . PHE A 1 153 ? -5.590  -4.345  2.956   1.00 33.66  ? 199 PHE A CG  1 
ATOM   1125 C CD1 . PHE A 1 153 ? -4.702  -5.401  2.776   1.00 33.61  ? 199 PHE A CD1 1 
ATOM   1126 C CD2 . PHE A 1 153 ? -5.569  -3.293  2.046   1.00 32.02  ? 199 PHE A CD2 1 
ATOM   1127 C CE1 . PHE A 1 153 ? -3.787  -5.401  1.727   1.00 32.63  ? 199 PHE A CE1 1 
ATOM   1128 C CE2 . PHE A 1 153 ? -4.656  -3.282  0.996   1.00 33.15  ? 199 PHE A CE2 1 
ATOM   1129 C CZ  . PHE A 1 153 ? -3.764  -4.343  0.836   1.00 37.37  ? 199 PHE A CZ  1 
ATOM   1130 N N   . SER A 1 154 ? -8.383  -5.597  6.379   1.00 29.67  ? 200 SER A N   1 
ATOM   1131 C CA  . SER A 1 154 ? -9.270  -5.423  7.498   1.00 29.19  ? 200 SER A CA  1 
ATOM   1132 C C   . SER A 1 154 ? -8.694  -6.133  8.734   1.00 31.73  ? 200 SER A C   1 
ATOM   1133 O O   . SER A 1 154 ? -8.627  -5.544  9.813   1.00 31.32  ? 200 SER A O   1 
ATOM   1134 C CB  . SER A 1 154 ? -10.664 -5.909  7.116   1.00 28.57  ? 200 SER A CB  1 
ATOM   1135 O OG  . SER A 1 154 ? -11.481 -5.792  8.233   1.00 45.75  ? 200 SER A OG  1 
ATOM   1136 N N   . PHE A 1 155 ? -8.201  -7.358  8.562   1.00 31.01  ? 201 PHE A N   1 
ATOM   1137 C CA  . PHE A 1 155 ? -7.545  -8.092  9.664   1.00 31.97  ? 201 PHE A CA  1 
ATOM   1138 C C   . PHE A 1 155 ? -6.310  -7.319  10.148  1.00 33.36  ? 201 PHE A C   1 
ATOM   1139 O O   . PHE A 1 155 ? -6.020  -7.269  11.331  1.00 35.71  ? 201 PHE A O   1 
ATOM   1140 C CB  . PHE A 1 155 ? -7.114  -9.507  9.213   1.00 34.46  ? 201 PHE A CB  1 
ATOM   1141 C CG  . PHE A 1 155 ? -6.068  -10.170 10.138  1.00 44.90  ? 201 PHE A CG  1 
ATOM   1142 C CD1 . PHE A 1 155 ? -6.451  -11.055 11.153  1.00 45.33  ? 201 PHE A CD1 1 
ATOM   1143 C CD2 . PHE A 1 155 ? -4.706  -9.900  9.999   1.00 40.48  ? 201 PHE A CD2 1 
ATOM   1144 C CE1 . PHE A 1 155 ? -5.489  -11.650 12.024  1.00 47.20  ? 201 PHE A CE1 1 
ATOM   1145 C CE2 . PHE A 1 155 ? -3.763  -10.488 10.852  1.00 39.88  ? 201 PHE A CE2 1 
ATOM   1146 C CZ  . PHE A 1 155 ? -4.155  -11.362 11.871  1.00 40.01  ? 201 PHE A CZ  1 
ATOM   1147 N N   . ALA A 1 156 ? -5.559  -6.726  9.216   1.00 36.47  ? 202 ALA A N   1 
ATOM   1148 C CA  . ALA A 1 156 ? -4.313  -6.040  9.579   1.00 36.62  ? 202 ALA A CA  1 
ATOM   1149 C C   . ALA A 1 156 ? -4.569  -4.690  10.242  1.00 33.39  ? 202 ALA A C   1 
ATOM   1150 O O   . ALA A 1 156 ? -3.751  -4.238  11.041  1.00 33.90  ? 202 ALA A O   1 
ATOM   1151 C CB  . ALA A 1 156 ? -3.378  -5.875  8.349   1.00 27.99  ? 202 ALA A CB  1 
ATOM   1152 N N   . LEU A 1 157 ? -5.686  -4.047  9.912   1.00 30.04  ? 203 LEU A N   1 
ATOM   1153 C CA  . LEU A 1 157 ? -5.976  -2.689  10.400  1.00 32.37  ? 203 LEU A CA  1 
ATOM   1154 C C   . LEU A 1 157 ? -5.748  -2.516  11.925  1.00 33.14  ? 203 LEU A C   1 
ATOM   1155 O O   . LEU A 1 157 ? -5.050  -1.621  12.353  1.00 34.45  ? 203 LEU A O   1 
ATOM   1156 C CB  . LEU A 1 157 ? -7.422  -2.284  10.036  1.00 33.60  ? 203 LEU A CB  1 
ATOM   1157 C CG  . LEU A 1 157 ? -7.800  -0.801  10.045  1.00 37.70  ? 203 LEU A CG  1 
ATOM   1158 C CD1 . LEU A 1 157 ? -6.651  0.127   9.571   1.00 27.30  ? 203 LEU A CD1 1 
ATOM   1159 C CD2 . LEU A 1 157 ? -9.041  -0.587  9.220   1.00 31.77  ? 203 LEU A CD2 1 
ATOM   1160 N N   . PRO A 1 158 ? -6.371  -3.363  12.751  1.00 34.93  ? 204 PRO A N   1 
ATOM   1161 C CA  . PRO A 1 158 ? -6.161  -3.161  14.180  1.00 32.17  ? 204 PRO A CA  1 
ATOM   1162 C C   . PRO A 1 158 ? -4.684  -3.281  14.549  1.00 38.74  ? 204 PRO A C   1 
ATOM   1163 O O   . PRO A 1 158 ? -4.263  -2.618  15.510  1.00 35.78  ? 204 PRO A O   1 
ATOM   1164 C CB  . PRO A 1 158 ? -6.938  -4.314  14.822  1.00 36.14  ? 204 PRO A CB  1 
ATOM   1165 C CG  . PRO A 1 158 ? -7.939  -4.752  13.777  1.00 38.58  ? 204 PRO A CG  1 
ATOM   1166 C CD  . PRO A 1 158 ? -7.400  -4.379  12.448  1.00 36.06  ? 204 PRO A CD  1 
ATOM   1167 N N   . HIS A 1 159 ? -3.921  -4.105  13.827  1.00 32.37  ? 205 HIS A N   1 
ATOM   1168 C CA  . HIS A 1 159 ? -2.494  -4.314  14.122  1.00 34.48  ? 205 HIS A CA  1 
ATOM   1169 C C   . HIS A 1 159 ? -1.648  -3.108  13.752  1.00 37.01  ? 205 HIS A C   1 
ATOM   1170 O O   . HIS A 1 159 ? -0.820  -2.658  14.542  1.00 36.12  ? 205 HIS A O   1 
ATOM   1171 C CB  . HIS A 1 159 ? -1.968  -5.592  13.447  1.00 37.21  ? 205 HIS A CB  1 
ATOM   1172 C CG  . HIS A 1 159 ? -2.671  -6.841  13.916  1.00 51.20  ? 205 HIS A CG  1 
ATOM   1173 N ND1 . HIS A 1 159 ? -2.284  -7.531  15.046  1.00 54.83  ? 205 HIS A ND1 1 
ATOM   1174 C CD2 . HIS A 1 159 ? -3.762  -7.484  13.440  1.00 45.91  ? 205 HIS A CD2 1 
ATOM   1175 C CE1 . HIS A 1 159 ? -3.094  -8.559  15.229  1.00 51.54  ? 205 HIS A CE1 1 
ATOM   1176 N NE2 . HIS A 1 159 ? -4.004  -8.553  14.271  1.00 55.59  ? 205 HIS A NE2 1 
ATOM   1177 N N   . ILE A 1 160 ? -1.888  -2.539  12.569  1.00 32.80  ? 206 ILE A N   1 
ATOM   1178 C CA  . ILE A 1 160 ? -1.093  -1.398  12.155  1.00 36.43  ? 206 ILE A CA  1 
ATOM   1179 C C   . ILE A 1 160 ? -1.472  -0.186  12.983  1.00 36.83  ? 206 ILE A C   1 
ATOM   1180 O O   . ILE A 1 160 ? -0.681  0.742   13.083  1.00 37.82  ? 206 ILE A O   1 
ATOM   1181 C CB  . ILE A 1 160 ? -1.129  -1.123  10.627  1.00 32.99  ? 206 ILE A CB  1 
ATOM   1182 C CG1 . ILE A 1 160 ? -2.554  -0.766  10.174  1.00 33.12  ? 206 ILE A CG1 1 
ATOM   1183 C CG2 . ILE A 1 160 ? -0.604  -2.371  9.873   1.00 31.41  ? 206 ILE A CG2 1 
ATOM   1184 C CD1 . ILE A 1 160 ? -2.624  -0.063  8.837   1.00 30.95  ? 206 ILE A CD1 1 
ATOM   1185 N N   . MET A 1 161 ? -2.651  -0.233  13.613  1.00 32.31  ? 207 MET A N   1 
ATOM   1186 C CA  . MET A 1 161 ? -3.103  0.829   14.513  1.00 34.82  ? 207 MET A CA  1 
ATOM   1187 C C   . MET A 1 161 ? -2.514  0.626   15.900  1.00 33.72  ? 207 MET A C   1 
ATOM   1188 O O   . MET A 1 161 ? -2.588  1.503   16.724  1.00 35.32  ? 207 MET A O   1 
ATOM   1189 C CB  . MET A 1 161 ? -4.642  0.861   14.630  1.00 37.88  ? 207 MET A CB  1 
ATOM   1190 C CG  . MET A 1 161 ? -5.381  1.383   13.399  1.00 32.27  ? 207 MET A CG  1 
ATOM   1191 S SD  . MET A 1 161 ? -7.157  1.063   13.582  1.00 33.93  ? 207 MET A SD  1 
ATOM   1192 C CE  . MET A 1 161 ? -7.522  2.357   14.784  1.00 33.90  ? 207 MET A CE  1 
ATOM   1193 N N   . GLY A 1 162 ? -1.954  -0.541  16.166  1.00 35.36  ? 208 GLY A N   1 
ATOM   1194 C CA  . GLY A 1 162 ? -1.467  -0.839  17.506  1.00 37.18  ? 208 GLY A CA  1 
ATOM   1195 C C   . GLY A 1 162 ? -2.511  -1.309  18.515  1.00 42.35  ? 208 GLY A C   1 
ATOM   1196 O O   . GLY A 1 162 ? -2.210  -1.535  19.688  1.00 39.94  ? 208 GLY A O   1 
ATOM   1197 N N   . TRP A 1 163 ? -3.749  -1.464  18.067  1.00 33.18  ? 209 TRP A N   1 
ATOM   1198 C CA  . TRP A 1 163 ? -4.804  -1.850  18.972  1.00 33.84  ? 209 TRP A CA  1 
ATOM   1199 C C   . TRP A 1 163 ? -4.713  -3.300  19.456  1.00 36.84  ? 209 TRP A C   1 
ATOM   1200 O O   . TRP A 1 163 ? -5.439  -3.660  20.363  1.00 37.90  ? 209 TRP A O   1 
ATOM   1201 C CB  . TRP A 1 163 ? -6.171  -1.558  18.341  1.00 35.81  ? 209 TRP A CB  1 
ATOM   1202 C CG  . TRP A 1 163 ? -6.573  -0.122  18.486  1.00 32.10  ? 209 TRP A CG  1 
ATOM   1203 C CD1 . TRP A 1 163 ? -5.743  0.958   18.534  1.00 27.50  ? 209 TRP A CD1 1 
ATOM   1204 C CD2 . TRP A 1 163 ? -7.911  0.385   18.591  1.00 29.12  ? 209 TRP A CD2 1 
ATOM   1205 N NE1 . TRP A 1 163 ? -6.482  2.117   18.672  1.00 35.15  ? 209 TRP A NE1 1 
ATOM   1206 C CE2 . TRP A 1 163 ? -7.816  1.793   18.705  1.00 33.34  ? 209 TRP A CE2 1 
ATOM   1207 C CE3 . TRP A 1 163 ? -9.178  -0.210  18.587  1.00 33.10  ? 209 TRP A CE3 1 
ATOM   1208 C CZ2 . TRP A 1 163 ? -8.944  2.613   18.808  1.00 29.06  ? 209 TRP A CZ2 1 
ATOM   1209 C CZ3 . TRP A 1 163 ? -10.303 0.609   18.709  1.00 34.38  ? 209 TRP A CZ3 1 
ATOM   1210 C CH2 . TRP A 1 163 ? -10.173 2.012   18.811  1.00 31.71  ? 209 TRP A CH2 1 
ATOM   1211 N N   . ASP A 1 164 ? -3.854  -4.121  18.841  1.00 36.90  ? 210 ASP A N   1 
ATOM   1212 C CA  . ASP A 1 164 ? -3.632  -5.518  19.279  1.00 45.26  ? 210 ASP A CA  1 
ATOM   1213 C C   . ASP A 1 164 ? -2.844  -5.627  20.584  1.00 45.81  ? 210 ASP A C   1 
ATOM   1214 O O   . ASP A 1 164 ? -2.778  -6.691  21.180  1.00 51.31  ? 210 ASP A O   1 
ATOM   1215 C CB  . ASP A 1 164 ? -2.931  -6.360  18.201  1.00 43.93  ? 210 ASP A CB  1 
ATOM   1216 C CG  . ASP A 1 164 ? -1.563  -5.760  17.744  1.00 49.04  ? 210 ASP A CG  1 
ATOM   1217 O OD1 . ASP A 1 164 ? -1.304  -4.555  17.936  1.00 39.15  ? 210 ASP A OD1 1 
ATOM   1218 O OD2 . ASP A 1 164 ? -0.742  -6.506  17.162  1.00 52.41  ? 210 ASP A OD2 1 
ATOM   1219 N N   . ARG A 1 165 ? -2.233  -4.528  21.013  1.00 48.00  ? 211 ARG A N   1 
ATOM   1220 C CA  . ARG A 1 165 ? -1.600  -4.485  22.335  1.00 53.47  ? 211 ARG A CA  1 
ATOM   1221 C C   . ARG A 1 165 ? -2.649  -4.461  23.431  1.00 53.21  ? 211 ARG A C   1 
ATOM   1222 O O   . ARG A 1 165 ? -2.356  -4.772  24.570  1.00 63.06  ? 211 ARG A O   1 
ATOM   1223 C CB  . ARG A 1 165 ? -0.741  -3.235  22.496  1.00 58.33  ? 211 ARG A CB  1 
ATOM   1224 C CG  . ARG A 1 165 ? 0.551   -3.249  21.732  1.00 53.82  ? 211 ARG A CG  1 
ATOM   1225 C CD  . ARG A 1 165 ? 1.462   -4.381  22.167  1.00 62.68  ? 211 ARG A CD  1 
ATOM   1226 N NE  . ARG A 1 165 ? 2.844   -4.057  21.822  1.00 71.71  ? 211 ARG A NE  1 
ATOM   1227 C CZ  . ARG A 1 165 ? 3.802   -3.798  22.712  1.00 73.76  ? 211 ARG A CZ  1 
ATOM   1228 N NH1 . ARG A 1 165 ? 3.532   -3.864  24.009  1.00 77.24  ? 211 ARG A NH1 1 
ATOM   1229 N NH2 . ARG A 1 165 ? 5.030   -3.491  22.306  1.00 75.13  ? 211 ARG A NH2 1 
ATOM   1230 N N   . PHE A 1 166 ? -3.870  -4.057  23.087  1.00 55.30  ? 212 PHE A N   1 
ATOM   1231 C CA  . PHE A 1 166 ? -4.992  -4.087  24.039  1.00 56.42  ? 212 PHE A CA  1 
ATOM   1232 C C   . PHE A 1 166 ? -5.612  -5.485  24.061  1.00 59.00  ? 212 PHE A C   1 
ATOM   1233 O O   . PHE A 1 166 ? -6.715  -5.708  23.536  1.00 57.11  ? 212 PHE A O   1 
ATOM   1234 C CB  . PHE A 1 166 ? -6.073  -3.036  23.684  1.00 44.76  ? 212 PHE A CB  1 
ATOM   1235 C CG  . PHE A 1 166 ? -5.581  -1.601  23.719  1.00 50.10  ? 212 PHE A CG  1 
ATOM   1236 C CD1 . PHE A 1 166 ? -5.417  -0.869  22.539  1.00 44.44  ? 212 PHE A CD1 1 
ATOM   1237 C CD2 . PHE A 1 166 ? -5.290  -0.988  24.926  1.00 42.72  ? 212 PHE A CD2 1 
ATOM   1238 C CE1 . PHE A 1 166 ? -4.975  0.442   22.580  1.00 41.70  ? 212 PHE A CE1 1 
ATOM   1239 C CE2 . PHE A 1 166 ? -4.866  0.312   24.966  1.00 46.09  ? 212 PHE A CE2 1 
ATOM   1240 C CZ  . PHE A 1 166 ? -4.694  1.023   23.794  1.00 46.87  ? 212 PHE A CZ  1 
ATOM   1241 N N   . THR A 1 167 ? -4.895  -6.436  24.645  1.00 60.37  ? 213 THR A N   1 
ATOM   1242 C CA  . THR A 1 167 ? -5.446  -7.783  24.825  1.00 61.10  ? 213 THR A CA  1 
ATOM   1243 C C   . THR A 1 167 ? -5.365  -8.210  26.302  1.00 69.02  ? 213 THR A C   1 
ATOM   1244 O O   . THR A 1 167 ? -4.386  -7.892  27.022  1.00 64.94  ? 213 THR A O   1 
ATOM   1245 C CB  . THR A 1 167 ? -4.787  -8.846  23.890  1.00 65.12  ? 213 THR A CB  1 
ATOM   1246 O OG1 . THR A 1 167 ? -3.363  -8.835  24.085  1.00 67.89  ? 213 THR A OG1 1 
ATOM   1247 C CG2 . THR A 1 167 ? -5.108  -8.566  22.403  1.00 64.32  ? 213 THR A CG2 1 
ATOM   1248 N N   . ASN A 1 168 ? -6.427  -8.897  26.737  1.00 64.29  ? 214 ASN A N   1 
ATOM   1249 C CA  . ASN A 1 168 ? -6.554  -9.363  28.115  1.00 67.42  ? 214 ASN A CA  1 
ATOM   1250 C C   . ASN A 1 168 ? -5.530  -10.446 28.427  1.00 74.47  ? 214 ASN A C   1 
ATOM   1251 O O   . ASN A 1 168 ? -5.565  -11.010 29.517  1.00 87.24  ? 214 ASN A O   1 
ATOM   1252 C CB  . ASN A 1 168 ? -7.989  -9.839  28.434  1.00 56.98  ? 214 ASN A CB  1 
ATOM   1253 C CG  . ASN A 1 168 ? -8.974  -8.681  28.567  1.00 58.24  ? 214 ASN A CG  1 
ATOM   1254 O OD1 . ASN A 1 168 ? -8.773  -7.799  29.406  1.00 55.27  ? 214 ASN A OD1 1 
ATOM   1255 N ND2 . ASN A 1 168 ? -10.035 -8.663  27.721  1.00 44.17  ? 214 ASN A ND2 1 
ATOM   1256 N N   . ARG A 1 169 ? -4.632  -10.707 27.466  1.00 83.31  ? 215 ARG A N   1 
ATOM   1257 C CA  . ARG A 1 169 ? -3.475  -11.629 27.582  1.00 87.12  ? 215 ARG A CA  1 
ATOM   1258 C C   . ARG A 1 169 ? -3.915  -12.919 28.224  1.00 88.31  ? 215 ARG A C   1 
ATOM   1259 O O   . ARG A 1 169 ? -3.215  -13.938 28.293  1.00 96.06  ? 215 ARG A O   1 
ATOM   1260 C CB  . ARG A 1 169 ? -2.332  -11.013 28.413  1.00 87.89  ? 215 ARG A CB  1 
ATOM   1261 C CG  . ARG A 1 169 ? -2.087  -11.711 29.762  1.00 91.53  ? 215 ARG A CG  1 
ATOM   1262 C CD  . ARG A 1 169 ? -3.086  -11.302 30.854  1.00 90.60  ? 215 ARG A CD  1 
ATOM   1263 N NE  . ARG A 1 169 ? -2.548  -10.264 31.736  1.00 98.48  ? 215 ARG A NE  1 
ATOM   1264 C CZ  . ARG A 1 169 ? -2.961  -10.056 32.984  1.00 102.39 ? 215 ARG A CZ  1 
ATOM   1265 N NH1 . ARG A 1 169 ? -3.923  -10.816 33.506  1.00 99.51  ? 215 ARG A NH1 1 
ATOM   1266 N NH2 . ARG A 1 169 ? -2.410  -9.094  33.715  1.00 96.26  ? 215 ARG A NH2 1 
HETATM 1267 P P   . PO4 B 2 .   ? 6.049   6.430   6.323   0.40 63.41  ? 1   PO4 A P   1 
HETATM 1268 O O1  . PO4 B 2 .   ? 6.044   6.213   7.817   0.40 56.11  ? 1   PO4 A O1  1 
HETATM 1269 O O2  . PO4 B 2 .   ? 6.505   5.206   5.573   0.40 52.69  ? 1   PO4 A O2  1 
HETATM 1270 O O3  . PO4 B 2 .   ? 4.638   6.690   5.862   0.40 61.60  ? 1   PO4 A O3  1 
HETATM 1271 O O4  . PO4 B 2 .   ? 6.906   7.630   6.012   0.40 59.06  ? 1   PO4 A O4  1 
HETATM 1272 P P   . PO4 C 2 .   ? 5.144   6.968   0.650   1.00 54.25  ? 2   PO4 A P   1 
HETATM 1273 O O1  . PO4 C 2 .   ? 5.469   6.922   2.140   1.00 57.58  ? 2   PO4 A O1  1 
HETATM 1274 O O2  . PO4 C 2 .   ? 6.342   6.478   -0.131  1.00 55.96  ? 2   PO4 A O2  1 
HETATM 1275 O O3  . PO4 C 2 .   ? 3.921   6.180   0.331   1.00 42.00  ? 2   PO4 A O3  1 
HETATM 1276 O O4  . PO4 C 2 .   ? 4.811   8.370   0.232   1.00 65.47  ? 2   PO4 A O4  1 
HETATM 1277 O O   . HOH D 3 .   ? 1.648   13.226  1.924   1.00 53.19  ? 3   HOH A O   1 
HETATM 1278 O O   . HOH D 3 .   ? 10.465  19.654  -7.305  1.00 56.44  ? 4   HOH A O   1 
HETATM 1279 O O   . HOH D 3 .   ? 11.401  7.612   -8.578  1.00 51.65  ? 5   HOH A O   1 
HETATM 1280 O O   . HOH D 3 .   ? 12.808  1.496   -3.669  1.00 56.98  ? 6   HOH A O   1 
HETATM 1281 O O   . HOH D 3 .   ? 9.983   -10.990 -9.287  1.00 48.24  ? 7   HOH A O   1 
HETATM 1282 O O   . HOH D 3 .   ? 12.214  -10.106 -3.187  1.00 65.05  ? 8   HOH A O   1 
HETATM 1283 O O   . HOH D 3 .   ? -3.418  -9.568  -17.284 1.00 50.43  ? 9   HOH A O   1 
HETATM 1284 O O   . HOH D 3 .   ? 8.547   -0.461  10.970  1.00 56.28  ? 10  HOH A O   1 
HETATM 1285 O O   . HOH D 3 .   ? 6.020   1.666   11.493  1.00 49.62  ? 11  HOH A O   1 
HETATM 1286 O O   . HOH D 3 .   ? 13.051  1.284   -8.750  1.00 57.89  ? 12  HOH A O   1 
HETATM 1287 O O   . HOH D 3 .   ? -17.900 -3.432  0.673   1.00 53.70  ? 13  HOH A O   1 
HETATM 1288 O O   . HOH D 3 .   ? -18.608 -5.577  -1.172  1.00 63.19  ? 14  HOH A O   1 
HETATM 1289 O O   . HOH D 3 .   ? -4.669  11.749  -0.685  1.00 42.98  ? 15  HOH A O   1 
HETATM 1290 O O   . HOH D 3 .   ? -4.814  10.120  1.375   1.00 48.54  ? 16  HOH A O   1 
HETATM 1291 O O   . HOH D 3 .   ? -3.989  9.454   5.637   1.00 44.35  ? 17  HOH A O   1 
HETATM 1292 O O   . HOH D 3 .   ? -15.821 -3.878  -9.470  1.00 43.49  ? 18  HOH A O   1 
HETATM 1293 O O   . HOH D 3 .   ? -1.469  4.620   9.634   1.00 35.23  ? 19  HOH A O   1 
HETATM 1294 O O   . HOH D 3 .   ? 8.951   4.145   -4.120  1.00 46.91  ? 20  HOH A O   1 
HETATM 1295 O O   . HOH D 3 .   ? 0.626   -14.010 1.895   1.00 39.62  ? 21  HOH A O   1 
HETATM 1296 O O   . HOH D 3 .   ? -1.169  -13.482 -9.404  1.00 51.76  ? 22  HOH A O   1 
HETATM 1297 O O   . HOH D 3 .   ? -0.232  3.606   13.377  1.00 44.85  ? 23  HOH A O   1 
HETATM 1298 O O   . HOH D 3 .   ? -3.278  9.279   8.013   1.00 49.59  ? 24  HOH A O   1 
HETATM 1299 O O   . HOH D 3 .   ? 4.839   -4.346  -0.240  1.00 42.00  ? 25  HOH A O   1 
HETATM 1300 O O   . HOH D 3 .   ? 8.654   -3.859  -0.891  1.00 51.30  ? 26  HOH A O   1 
HETATM 1301 O O   . HOH D 3 .   ? 17.992  -2.352  -5.276  1.00 71.20  ? 27  HOH A O   1 
HETATM 1302 O O   . HOH D 3 .   ? 11.254  2.625   -11.458 1.00 58.77  ? 28  HOH A O   1 
HETATM 1303 O O   . HOH D 3 .   ? 10.008  8.142   -11.039 1.00 46.65  ? 29  HOH A O   1 
HETATM 1304 O O   . HOH D 3 .   ? -15.086 -3.999  -3.137  1.00 54.69  ? 30  HOH A O   1 
HETATM 1305 O O   . HOH D 3 .   ? -15.799 -6.057  -4.871  1.00 55.08  ? 31  HOH A O   1 
HETATM 1306 O O   . HOH D 3 .   ? -14.142 -7.917  -3.694  1.00 49.13  ? 32  HOH A O   1 
HETATM 1307 O O   . HOH D 3 .   ? -10.222 8.746   -3.218  1.00 52.80  ? 33  HOH A O   1 
HETATM 1308 O O   . HOH D 3 .   ? 5.986   19.690  -8.097  1.00 57.99  ? 34  HOH A O   1 
HETATM 1309 O O   . HOH D 3 .   ? 8.084   21.818  3.234   1.00 63.54  ? 35  HOH A O   1 
HETATM 1310 O O   . HOH D 3 .   ? 2.454   10.908  -9.242  1.00 36.99  ? 36  HOH A O   1 
HETATM 1311 O O   . HOH D 3 .   ? -15.271 -6.143  -7.609  1.00 51.92  ? 37  HOH A O   1 
HETATM 1312 O O   . HOH D 3 .   ? -6.519  -14.427 -10.408 1.00 54.55  ? 38  HOH A O   1 
HETATM 1313 O O   . HOH D 3 .   ? -10.505 -9.908  8.187   1.00 39.64  ? 39  HOH A O   1 
HETATM 1314 O O   . HOH D 3 .   ? -8.077  -8.213  13.108  1.00 45.72  ? 40  HOH A O   1 
HETATM 1315 O O   . HOH D 3 .   ? -4.576  7.396   9.243   1.00 42.81  ? 41  HOH A O   1 
HETATM 1316 O O   . HOH D 3 .   ? 11.248  13.320  -1.668  1.00 56.96  ? 42  HOH A O   1 
HETATM 1317 O O   . HOH D 3 .   ? 0.350   -14.281 -3.162  1.00 49.63  ? 43  HOH A O   1 
HETATM 1318 O O   . HOH D 3 .   ? 4.005   -11.750 -17.094 1.00 68.16  ? 44  HOH A O   1 
HETATM 1319 O O   . HOH D 3 .   ? -6.548  2.738   -11.446 1.00 47.14  ? 45  HOH A O   1 
HETATM 1320 O O   . HOH D 3 .   ? 3.407   18.024  -7.491  1.00 54.29  ? 46  HOH A O   1 
HETATM 1321 O O   . HOH D 3 .   ? 4.940   8.319   11.898  1.00 56.09  ? 225 HOH A O   1 
HETATM 1322 O O   . HOH D 3 .   ? 0.106   8.881   11.725  1.00 54.54  ? 226 HOH A O   1 
HETATM 1323 O O   . HOH D 3 .   ? -4.099  6.793   11.977  1.00 50.23  ? 227 HOH A O   1 
HETATM 1324 O O   . HOH D 3 .   ? 0.069   9.595   -16.426 1.00 53.13  ? 228 HOH A O   1 
HETATM 1325 O O   . HOH D 3 .   ? -9.921  -12.178 9.145   1.00 43.87  ? 229 HOH A O   1 
HETATM 1326 O O   . HOH D 3 .   ? -5.237  -10.270 18.401  1.00 50.99  ? 230 HOH A O   1 
HETATM 1327 O O   . HOH D 3 .   ? 11.183  3.277   -2.912  1.00 56.07  ? 231 HOH A O   1 
HETATM 1328 O O   . HOH D 3 .   ? -0.925  8.760   8.715   1.00 54.24  ? 232 HOH A O   1 
HETATM 1329 O O   . HOH D 3 .   ? 1.587   11.364  -16.821 1.00 57.57  ? 233 HOH A O   1 
HETATM 1330 O O   . HOH D 3 .   ? 6.927   4.218   1.144   1.00 59.06  ? 234 HOH A O   1 
HETATM 1331 O O   . HOH D 3 .   ? 2.353   9.738   -14.413 1.00 58.09  ? 235 HOH A O   1 
HETATM 1332 O O   . HOH D 3 .   ? -7.801  -10.448 14.722  1.00 42.58  ? 236 HOH A O   1 
HETATM 1333 O O   . HOH D 3 .   ? -14.511 -3.273  -18.017 1.00 78.57  ? 237 HOH A O   1 
HETATM 1334 O O   . HOH D 3 .   ? 7.963   -14.185 -10.227 1.00 64.83  ? 238 HOH A O   1 
HETATM 1335 O O   . HOH D 3 .   ? 11.323  -13.275 13.771  1.00 69.51  ? 239 HOH A O   1 
HETATM 1336 O O   . HOH D 3 .   ? -5.378  -10.642 15.755  1.00 61.20  ? 240 HOH A O   1 
HETATM 1337 O O   . HOH D 3 .   ? -1.051  11.942  -15.949 0.33 47.52  ? 241 HOH A O   1 
HETATM 1338 O O   . HOH D 3 .   ? 12.905  5.446   -13.233 1.00 54.84  ? 242 HOH A O   1 
HETATM 1339 O O   . HOH D 3 .   ? -17.023 -6.029  -21.170 1.00 62.69  ? 243 HOH A O   1 
HETATM 1340 O O   . HOH D 3 .   ? -19.604 -3.101  -0.745  1.00 65.66  ? 244 HOH A O   1 
HETATM 1341 O O   . HOH D 3 .   ? -20.849 0.077   -5.537  1.00 62.82  ? 245 HOH A O   1 
HETATM 1342 O O   . HOH D 3 .   ? 6.392   -4.970  10.503  1.00 49.29  ? 246 HOH A O   1 
HETATM 1343 O O   . HOH D 3 .   ? -2.658  11.710  2.537   1.00 63.33  ? 247 HOH A O   1 
HETATM 1344 O O   . HOH D 3 .   ? 12.838  1.812   -0.882  1.00 57.61  ? 248 HOH A O   1 
HETATM 1345 O O   . HOH D 3 .   ? 7.167   -5.686  8.230   1.00 53.30  ? 249 HOH A O   1 
# 
loop_
_pdbx_poly_seq_scheme.asym_id 
_pdbx_poly_seq_scheme.entity_id 
_pdbx_poly_seq_scheme.seq_id 
_pdbx_poly_seq_scheme.mon_id 
_pdbx_poly_seq_scheme.ndb_seq_num 
_pdbx_poly_seq_scheme.pdb_seq_num 
_pdbx_poly_seq_scheme.auth_seq_num 
_pdbx_poly_seq_scheme.pdb_mon_id 
_pdbx_poly_seq_scheme.auth_mon_id 
_pdbx_poly_seq_scheme.pdb_strand_id 
_pdbx_poly_seq_scheme.pdb_ins_code 
_pdbx_poly_seq_scheme.hetero 
A 1 1   MET 1   47  ?   ?   ?   A . n 
A 1 2   ALA 2   48  ?   ?   ?   A . n 
A 1 3   ASP 3   49  ?   ?   ?   A . n 
A 1 4   ALA 4   50  ?   ?   ?   A . n 
A 1 5   GLY 5   51  ?   ?   ?   A . n 
A 1 6   LYS 6   52  ?   ?   ?   A . n 
A 1 7   ARG 7   53  ?   ?   ?   A . n 
A 1 8   GLU 8   54  ?   ?   ?   A . n 
A 1 9   GLY 9   55  55  GLY GLY A . n 
A 1 10  ARG 10  56  56  ARG ARG A . n 
A 1 11  VAL 11  57  57  VAL VAL A . n 
A 1 12  PHE 12  58  58  PHE PHE A . n 
A 1 13  ALA 13  59  59  ALA ALA A . n 
A 1 14  PRO 14  60  60  PRO PRO A . n 
A 1 15  TYR 15  61  61  TYR TYR A . n 
A 1 16  SER 16  62  62  SER SER A . n 
A 1 17  VAL 17  63  63  VAL VAL A . n 
A 1 18  PHE 18  64  64  PHE PHE A . n 
A 1 19  LYS 19  65  65  LYS LYS A . n 
A 1 20  GLY 20  66  66  GLY GLY A . n 
A 1 21  LYS 21  67  67  LYS LYS A . n 
A 1 22  ALA 22  68  68  ALA ALA A . n 
A 1 23  ALA 23  69  69  ALA ALA A . n 
A 1 24  LEU 24  70  70  LEU LEU A . n 
A 1 25  SER 25  71  71  SER SER A . n 
A 1 26  ALA 26  72  72  ALA ALA A . n 
A 1 27  GLU 27  73  73  GLU GLU A . n 
A 1 28  PRO 28  74  74  PRO PRO A . n 
A 1 29  ARG 29  75  75  ARG ARG A . n 
A 1 30  LEU 30  76  76  LEU LEU A . n 
A 1 31  PRO 31  77  77  PRO PRO A . n 
A 1 32  THR 32  78  78  THR THR A . n 
A 1 33  PHE 33  79  79  PHE PHE A . n 
A 1 34  ASN 34  80  80  ASN ASN A . n 
A 1 35  ARG 35  81  81  ARG ARG A . n 
A 1 36  LEU 36  82  82  LEU LEU A . n 
A 1 37  ASP 37  83  83  ASP ASP A . n 
A 1 38  SER 38  84  84  SER SER A . n 
A 1 39  GLY 39  85  85  GLY GLY A . n 
A 1 40  GLY 40  86  86  GLY GLY A . n 
A 1 41  VAL 41  87  87  VAL VAL A . n 
A 1 42  LYS 42  88  88  LYS LYS A . n 
A 1 43  LEU 43  89  89  LEU LEU A . n 
A 1 44  ASN 44  90  90  ASN ASN A . n 
A 1 45  ARG 45  91  91  ARG ARG A . n 
A 1 46  ARG 46  92  92  ARG ARG A . n 
A 1 47  GLY 47  93  93  GLY GLY A . n 
A 1 48  VAL 48  94  94  VAL VAL A . n 
A 1 49  ILE 49  95  95  ILE ILE A . n 
A 1 50  MET 50  96  96  MET MET A . n 
A 1 51  LEU 51  97  97  LEU LEU A . n 
A 1 52  THR 52  98  98  THR THR A . n 
A 1 53  PHE 53  99  99  PHE PHE A . n 
A 1 54  TRP 54  100 100 TRP TRP A . n 
A 1 55  PRO 55  101 101 PRO PRO A . n 
A 1 56  SER 56  102 102 SER SER A . n 
A 1 57  VAL 57  103 103 VAL VAL A . n 
A 1 58  GLY 58  104 104 GLY GLY A . n 
A 1 59  GLU 59  105 105 GLU GLU A . n 
A 1 60  ARG 60  106 106 ARG ARG A . n 
A 1 61  LYS 61  107 107 LYS LYS A . n 
A 1 62  TYR 62  108 108 TYR TYR A . n 
A 1 63  ASP 63  109 109 ASP ASP A . n 
A 1 64  TRP 64  110 110 TRP TRP A . n 
A 1 65  GLU 65  111 111 GLU GLU A . n 
A 1 66  LYS 66  112 112 LYS LYS A . n 
A 1 67  ARG 67  113 113 ARG ARG A . n 
A 1 68  GLN 68  114 114 GLN GLN A . n 
A 1 69  LEU 69  115 115 LEU LEU A . n 
A 1 70  PHE 70  116 116 PHE PHE A . n 
A 1 71  ALA 71  117 117 ALA ALA A . n 
A 1 72  LEU 72  118 118 LEU LEU A . n 
A 1 73  SER 73  119 119 SER SER A . n 
A 1 74  ALA 74  120 120 ALA ALA A . n 
A 1 75  THR 75  121 121 THR THR A . n 
A 1 76  GLU 76  122 122 GLU GLU A . n 
A 1 77  VAL 77  123 123 VAL VAL A . n 
A 1 78  GLY 78  124 124 GLY GLY A . n 
A 1 79  SER 79  125 125 SER SER A . n 
A 1 80  LEU 80  126 126 LEU LEU A . n 
A 1 81  ILE 81  127 127 ILE ILE A . n 
A 1 82  SER 82  128 128 SER SER A . n 
A 1 83  MET 83  129 129 MET MET A . n 
A 1 84  GLY 84  130 130 GLY GLY A . n 
A 1 85  THR 85  131 131 THR THR A . n 
A 1 86  ARG 86  132 132 ARG ARG A . n 
A 1 87  ASP 87  133 133 ASP ASP A . n 
A 1 88  SER 88  134 134 SER SER A . n 
A 1 89  SER 89  135 135 SER SER A . n 
A 1 90  GLU 90  136 136 GLU GLU A . n 
A 1 91  PHE 91  137 137 PHE PHE A . n 
A 1 92  PHE 92  138 138 PHE PHE A . n 
A 1 93  HIS 93  139 139 HIS HIS A . n 
A 1 94  ASP 94  140 140 ASP ASP A . n 
A 1 95  PRO 95  141 141 PRO PRO A . n 
A 1 96  SER 96  142 142 SER SER A . n 
A 1 97  MET 97  143 143 MET MET A . n 
A 1 98  LEU 98  144 144 LEU LEU A . n 
A 1 99  SER 99  145 145 SER SER A . n 
A 1 100 SER 100 146 146 SER SER A . n 
A 1 101 ASN 101 147 147 ASN ASN A . n 
A 1 102 ALA 102 148 148 ALA ALA A . n 
A 1 103 GLY 103 149 149 GLY GLY A . n 
A 1 104 GLN 104 150 150 GLN GLN A . n 
A 1 105 VAL 105 151 151 VAL VAL A . n 
A 1 106 ARG 106 152 152 ARG ARG A . n 
A 1 107 LYS 107 153 153 LYS LYS A . n 
A 1 108 SER 108 154 154 SER SER A . n 
A 1 109 LEU 109 155 155 LEU LEU A . n 
A 1 110 SER 110 156 156 SER SER A . n 
A 1 111 ILE 111 157 157 ILE ILE A . n 
A 1 112 LYS 112 158 158 LYS LYS A . n 
A 1 113 PRO 113 159 159 PRO PRO A . n 
A 1 114 ASN 114 160 160 ASN ASN A . n 
A 1 115 ALA 115 161 161 ALA ALA A . n 
A 1 116 ASP 116 162 162 ASP ASP A . n 
A 1 117 GLY 117 163 163 GLY GLY A . n 
A 1 118 SER 118 164 164 SER SER A . n 
A 1 119 GLY 119 165 165 GLY GLY A . n 
A 1 120 TYR 120 166 166 TYR TYR A . n 
A 1 121 PHE 121 167 167 PHE PHE A . n 
A 1 122 ILE 122 168 168 ILE ILE A . n 
A 1 123 SER 123 169 169 SER SER A . n 
A 1 124 LEU 124 170 170 LEU LEU A . n 
A 1 125 SER 125 171 171 SER SER A . n 
A 1 126 VAL 126 172 172 VAL VAL A . n 
A 1 127 VAL 127 173 173 VAL VAL A . n 
A 1 128 ASN 128 174 174 ASN ASN A . n 
A 1 129 ASN 129 175 175 ASN ASN A . n 
A 1 130 ASN 130 176 176 ASN ASN A . n 
A 1 131 LEU 131 177 177 LEU LEU A . n 
A 1 132 LYS 132 178 178 LYS LYS A . n 
A 1 133 THR 133 179 179 THR THR A . n 
A 1 134 ASN 134 180 180 ASN ASN A . n 
A 1 135 ASP 135 181 181 ASP ASP A . n 
A 1 136 ARG 136 182 182 ARG ARG A . n 
A 1 137 PHE 137 183 183 PHE PHE A . n 
A 1 138 THR 138 184 184 THR THR A . n 
A 1 139 VAL 139 185 185 VAL VAL A . n 
A 1 140 PRO 140 186 186 PRO PRO A . n 
A 1 141 VAL 141 187 187 VAL VAL A . n 
A 1 142 THR 142 188 188 THR THR A . n 
A 1 143 THR 143 189 189 THR THR A . n 
A 1 144 ALA 144 190 190 ALA ALA A . n 
A 1 145 GLU 145 191 191 GLU GLU A . n 
A 1 146 PHE 146 192 192 PHE PHE A . n 
A 1 147 ALA 147 193 193 ALA ALA A . n 
A 1 148 VAL 148 194 194 VAL VAL A . n 
A 1 149 MET 149 195 195 MET MET A . n 
A 1 150 ARG 150 196 196 ARG ARG A . n 
A 1 151 THR 151 197 197 THR THR A . n 
A 1 152 ALA 152 198 198 ALA ALA A . n 
A 1 153 PHE 153 199 199 PHE PHE A . n 
A 1 154 SER 154 200 200 SER SER A . n 
A 1 155 PHE 155 201 201 PHE PHE A . n 
A 1 156 ALA 156 202 202 ALA ALA A . n 
A 1 157 LEU 157 203 203 LEU LEU A . n 
A 1 158 PRO 158 204 204 PRO PRO A . n 
A 1 159 HIS 159 205 205 HIS HIS A . n 
A 1 160 ILE 160 206 206 ILE ILE A . n 
A 1 161 MET 161 207 207 MET MET A . n 
A 1 162 GLY 162 208 208 GLY GLY A . n 
A 1 163 TRP 163 209 209 TRP TRP A . n 
A 1 164 ASP 164 210 210 ASP ASP A . n 
A 1 165 ARG 165 211 211 ARG ARG A . n 
A 1 166 PHE 166 212 212 PHE PHE A . n 
A 1 167 THR 167 213 213 THR THR A . n 
A 1 168 ASN 168 214 214 ASN ASN A . n 
A 1 169 ARG 169 215 215 ARG ARG A . n 
A 1 170 PRO 170 216 ?   ?   ?   A . n 
A 1 171 LEU 171 217 ?   ?   ?   A . n 
A 1 172 GLU 172 218 ?   ?   ?   A . n 
A 1 173 HIS 173 219 ?   ?   ?   A . n 
A 1 174 HIS 174 220 ?   ?   ?   A . n 
A 1 175 HIS 175 221 ?   ?   ?   A . n 
A 1 176 HIS 176 222 ?   ?   ?   A . n 
A 1 177 HIS 177 223 ?   ?   ?   A . n 
A 1 178 HIS 178 224 ?   ?   ?   A . n 
# 
loop_
_pdbx_nonpoly_scheme.asym_id 
_pdbx_nonpoly_scheme.entity_id 
_pdbx_nonpoly_scheme.mon_id 
_pdbx_nonpoly_scheme.ndb_seq_num 
_pdbx_nonpoly_scheme.pdb_seq_num 
_pdbx_nonpoly_scheme.auth_seq_num 
_pdbx_nonpoly_scheme.pdb_mon_id 
_pdbx_nonpoly_scheme.auth_mon_id 
_pdbx_nonpoly_scheme.pdb_strand_id 
_pdbx_nonpoly_scheme.pdb_ins_code 
B 2 PO4 1  1   1  PO4 PO4 A . 
C 2 PO4 1  2   2  PO4 PO4 A . 
D 3 HOH 1  3   3  HOH HOH A . 
D 3 HOH 2  4   4  HOH HOH A . 
D 3 HOH 3  5   5  HOH HOH A . 
D 3 HOH 4  6   6  HOH HOH A . 
D 3 HOH 5  7   7  HOH HOH A . 
D 3 HOH 6  8   8  HOH HOH A . 
D 3 HOH 7  9   9  HOH HOH A . 
D 3 HOH 8  10  10 HOH HOH A . 
D 3 HOH 9  11  11 HOH HOH A . 
D 3 HOH 10 12  12 HOH HOH A . 
D 3 HOH 11 13  13 HOH HOH A . 
D 3 HOH 12 14  14 HOH HOH A . 
D 3 HOH 13 15  15 HOH HOH A . 
D 3 HOH 14 16  16 HOH HOH A . 
D 3 HOH 15 17  17 HOH HOH A . 
D 3 HOH 16 18  18 HOH HOH A . 
D 3 HOH 17 19  19 HOH HOH A . 
D 3 HOH 18 20  20 HOH HOH A . 
D 3 HOH 19 21  21 HOH HOH A . 
D 3 HOH 20 22  22 HOH HOH A . 
D 3 HOH 21 23  23 HOH HOH A . 
D 3 HOH 22 24  24 HOH HOH A . 
D 3 HOH 23 25  25 HOH HOH A . 
D 3 HOH 24 26  26 HOH HOH A . 
D 3 HOH 25 27  27 HOH HOH A . 
D 3 HOH 26 28  28 HOH HOH A . 
D 3 HOH 27 29  29 HOH HOH A . 
D 3 HOH 28 30  30 HOH HOH A . 
D 3 HOH 29 31  31 HOH HOH A . 
D 3 HOH 30 32  32 HOH HOH A . 
D 3 HOH 31 33  33 HOH HOH A . 
D 3 HOH 32 34  34 HOH HOH A . 
D 3 HOH 33 35  35 HOH HOH A . 
D 3 HOH 34 36  36 HOH HOH A . 
D 3 HOH 35 37  37 HOH HOH A . 
D 3 HOH 36 38  38 HOH HOH A . 
D 3 HOH 37 39  39 HOH HOH A . 
D 3 HOH 38 40  40 HOH HOH A . 
D 3 HOH 39 41  41 HOH HOH A . 
D 3 HOH 40 42  42 HOH HOH A . 
D 3 HOH 41 43  43 HOH HOH A . 
D 3 HOH 42 44  44 HOH HOH A . 
D 3 HOH 43 45  45 HOH HOH A . 
D 3 HOH 44 46  46 HOH HOH A . 
D 3 HOH 45 225 1  HOH HOH A . 
D 3 HOH 46 226 2  HOH HOH A . 
D 3 HOH 47 227 47 HOH HOH A . 
D 3 HOH 48 228 48 HOH HOH A . 
D 3 HOH 49 229 49 HOH HOH A . 
D 3 HOH 50 230 50 HOH HOH A . 
D 3 HOH 51 231 51 HOH HOH A . 
D 3 HOH 52 232 52 HOH HOH A . 
D 3 HOH 53 233 53 HOH HOH A . 
D 3 HOH 54 234 54 HOH HOH A . 
D 3 HOH 55 235 55 HOH HOH A . 
D 3 HOH 56 236 56 HOH HOH A . 
D 3 HOH 57 237 57 HOH HOH A . 
D 3 HOH 58 238 58 HOH HOH A . 
D 3 HOH 59 239 59 HOH HOH A . 
D 3 HOH 60 240 60 HOH HOH A . 
D 3 HOH 61 241 61 HOH HOH A . 
D 3 HOH 62 242 62 HOH HOH A . 
D 3 HOH 63 243 63 HOH HOH A . 
D 3 HOH 64 244 64 HOH HOH A . 
D 3 HOH 65 245 65 HOH HOH A . 
D 3 HOH 66 246 66 HOH HOH A . 
D 3 HOH 67 247 67 HOH HOH A . 
D 3 HOH 68 248 68 HOH HOH A . 
D 3 HOH 69 249 69 HOH HOH A . 
# 
loop_
_pdbx_struct_assembly.id 
_pdbx_struct_assembly.details 
_pdbx_struct_assembly.method_details 
_pdbx_struct_assembly.oligomeric_details 
_pdbx_struct_assembly.oligomeric_count 
1 author_and_software_defined_assembly PISA tetrameric 4  
2 software_defined_assembly            PISA 24-meric   24 
# 
loop_
_pdbx_struct_assembly_gen.assembly_id 
_pdbx_struct_assembly_gen.oper_expression 
_pdbx_struct_assembly_gen.asym_id_list 
1 1,2,3,4                                                        A,B,C,D 
2 1,5,2,6,7,8,9,10,11,12,13,14,15,16,17,18,19,20,21,22,3,23,4,24 A,B,C,D 
# 
loop_
_pdbx_struct_assembly_prop.biol_id 
_pdbx_struct_assembly_prop.type 
_pdbx_struct_assembly_prop.value 
_pdbx_struct_assembly_prop.details 
1 'ABSA (A^2)' 10470  ? 
1 MORE         -128   ? 
1 'SSA (A^2)'  31390  ? 
2 'ABSA (A^2)' 90500  ? 
2 MORE         -843   ? 
2 'SSA (A^2)'  160660 ? 
# 
loop_
_pdbx_struct_oper_list.id 
_pdbx_struct_oper_list.type 
_pdbx_struct_oper_list.name 
_pdbx_struct_oper_list.symmetry_operation 
_pdbx_struct_oper_list.matrix[1][1] 
_pdbx_struct_oper_list.matrix[1][2] 
_pdbx_struct_oper_list.matrix[1][3] 
_pdbx_struct_oper_list.vector[1] 
_pdbx_struct_oper_list.matrix[2][1] 
_pdbx_struct_oper_list.matrix[2][2] 
_pdbx_struct_oper_list.matrix[2][3] 
_pdbx_struct_oper_list.vector[2] 
_pdbx_struct_oper_list.matrix[3][1] 
_pdbx_struct_oper_list.matrix[3][2] 
_pdbx_struct_oper_list.matrix[3][3] 
_pdbx_struct_oper_list.vector[3] 
1  'identity operation'         1_555  x,y,z          1.0000000000  0.0000000000  0.0000000000  0.0000000000   0.0000000000  1.0000000000  0.0000000000  0.0000000000   0.0000000000  0.0000000000  1.0000000000  0.0000000000   
2  'crystal symmetry operation' 3_654  -x+1,y,-z-1    0.1118373010  -0.4332968946 0.8942853120  -26.7874093209 -0.4332968946 -0.8311387838 -0.3485141650 -20.2490382594 0.8942853120  -0.3485141650 -0.2806985171 23.4929448145  
3  'crystal symmetry operation' 21_655 z+1,y,-x       0.5559186505  -0.8163573278 0.1565732012  -16.0523026104 0.3830604333  0.0844306081  -0.9198566067 6.6659687367   0.7377121108  0.5713424417  0.3596507414  23.1871105146  
4  'crystal symmetry operation' 23_554 -z,y,x-1       0.5559186505  0.3830604333  0.7377121108  -10.7351067106 -0.8163573278 0.0844306081  0.5713424417  -26.9150069961 0.1565732012  -0.9198566067 0.3596507414  0.3058343000   
5  'crystal symmetry operation' 2_665  -x+1,-y+1,z    -0.7491812446 0.6623030567  0.0090622194  -74.1943839527 0.6623030567  0.7488538216  0.0239293732  28.4028919417  0.0090622194  0.0239293732  -0.9996725770 -22.2880404065 
6  'crystal symmetry operation' 4_564  x,-y+1,-z-1    -0.3626560564 -0.2290061621 -0.9033475314 -67.3238610123 -0.2290061621 -0.9177150378 0.3245847918  -3.9398893740  -0.9033475314 0.3245847918  0.2803710942  -46.5005932646 
7  'crystal symmetry operation' 5_654  z+1,x,y-1      -0.3567692370 -0.4795435639 0.8017192039  -47.5041827702 0.9330762540  -0.1409781379 0.3308985780  44.2095824010  -0.0456554029 0.8661195847  0.4977473749  -8.5209345277  
8  'crystal symmetry operation' 6_665  z+1,-x+1,-y    -0.0430529919 -0.5762127487 -0.8161650006 -52.5230830534 -0.7894148054 0.5203254334  -0.3257080110 -36.3987031364 0.6123485159  0.6302700308  -0.4772724415 8.3729273342   
9  'crystal symmetry operation' 7_564  -z,-x+1,y-1    0.8848503369  0.2737437581  -0.3769671554 -9.4022181995  0.4613558573  -0.4024494868 0.7906865267  29.8433405991  0.0647352631  -0.8735552447 -0.4824008501 -13.1424815588 
10 'crystal symmetry operation' 8_555  -z,x,-y        -0.4850281080 0.7820125545  0.3914129521  -58.8761702627 -0.6050173058 0.0231021913  -0.7958770938 -33.4402555554 -0.6314283761 -0.6228343707 0.4619259167  -32.0052001043 
11 'crystal symmetry operation' 9_564  y,z+1,x-1      -0.3567692370 0.9330762540  -0.0456554029 -58.5879692771 -0.4795435639 -0.1409781379 0.8661195847  -9.1675922281  0.8017192039  0.3308985780  0.4977473749  27.6974004319  
12 'crystal symmetry operation' 10_665 -y+1,z+1,-x    0.8848503369  0.4613558573  0.0647352631  -4.5980620434  0.2737437581  -0.4024494868 -0.8735552447 3.1035519577   -0.3769671554 0.7906865267  -0.4824008501 -33.4809990502 
13 'crystal symmetry operation' 11_555 y,-z,-x        -0.4850281080 -0.6050173058 -0.6314283761 -68.9975223187 0.7820125545  0.0231021913  -0.6228343707 26.8805088189  0.3914129521  -0.7958770938 0.4619259167  11.2145936018  
14 'crystal symmetry operation' 12_654 -y+1,-z,x-1    -0.0430529919 -0.7894148054 0.6123485159  -36.1221006468 -0.5762127487 0.5203254334  0.6302700308  -16.6025042402 -0.8161650006 -0.3257080110 -0.4772724415 -50.7266838401 
15 'crystal symmetry operation' 13_554 y,x,-z-1       -0.9672067227 -0.0158875590 0.2534930788  -79.8857303380 -0.0158875590 -0.9923028574 -0.1228113375 0.0396757473   0.2534930788  -0.1228113375 0.9595095801  10.3369499041  
16 'crystal symmetry operation' 14_664 -y+1,-x+1,-z-1 0.7163879673  -0.6464154977 -0.2625552982 -14.2255399952 -0.6464154977 -0.7565509642 0.0988819643  -24.2286033807 -0.2625552982 0.0988819643  -0.9598370031 -33.3445983542 
17 'crystal symmetry operation' 15_565 y,-x+1,z       0.1254093777  0.3439465071  -0.9305768578 -47.6997612577 0.3183565496  0.8744269108  0.3660965514  17.6732408435  0.9396390772  -0.3421671782 0.0001637115  28.5750441296  
18 'crystal symmetry operation' 16_655 -y+1,x,z       0.1254093777  0.3183565496  0.9396390772  -26.4946226949 0.3439465071  0.8744269108  -0.3421671782 10.7296510983  -0.9305768578 0.3660965514  0.0001637115  -50.8630845361 
19 'crystal symmetry operation' 17_565 x,z+1,-y       0.3186719718  0.6856128775  -0.6545098599 -36.8017456815 -0.9146190396 0.0411424811  -0.4022179865 -42.0284263222 -0.2488376715 0.7268027783  0.6401855471  -15.3103878982 
20 'crystal symmetry operation' 18_664 -x+1,z+1,y-1   0.2094091280  0.7088192338  0.6735897200  -26.3842856389 0.7088192338  -0.5845701057 0.3947823265  35.9643860519  0.6735897200  0.3947823265  -0.6248390223 9.5267892799   
21 'crystal symmetry operation' 19_655 -x+1,-z,-y     -0.8467530717 -0.4798130716 0.2297578114  -74.5975076347 -0.4798130716 0.5022851436  -0.7193671183 -27.8105323695 0.2297578114  -0.7193671183 -0.6555320719 -8.3218848719  
22 'crystal symmetry operation' 20_554 x,-z,y-1       0.3186719718  -0.9146190396 -0.2488376715 -30.5221153308 0.6856128775  0.0411424811  0.7268027783  38.0885369482  -0.6545098599 -0.4022179865 0.6401855471  -31.1902053664 
23 'crystal symmetry operation' 22_664 z+1,-y+1,x-1   -0.9557408794 -0.2393989847 -0.1710189979 -83.9749632133 -0.2393989847 0.2949166874  0.9250471737  1.1449105279   -0.1710189979 0.9250471737  -0.3391758080 -23.3351177081 
24 'crystal symmetry operation' 24_565 -z,-y+1,-x     -0.1560964216 0.6726958793  -0.7232663141 -57.5432817517 0.6726958793  -0.4637779036 -0.5765330087 23.3180920399  -0.7232663141 -0.5765330087 -0.3801256748 -45.4535159630    
# 
_pdbx_struct_special_symmetry.id              1 
_pdbx_struct_special_symmetry.PDB_model_num   1 
_pdbx_struct_special_symmetry.auth_asym_id    A 
_pdbx_struct_special_symmetry.auth_comp_id    HOH 
_pdbx_struct_special_symmetry.auth_seq_id     241 
_pdbx_struct_special_symmetry.PDB_ins_code    ? 
_pdbx_struct_special_symmetry.label_asym_id   D 
_pdbx_struct_special_symmetry.label_comp_id   HOH 
_pdbx_struct_special_symmetry.label_seq_id    . 
# 
loop_
_pdbx_audit_revision_history.ordinal 
_pdbx_audit_revision_history.data_content_type 
_pdbx_audit_revision_history.major_revision 
_pdbx_audit_revision_history.minor_revision 
_pdbx_audit_revision_history.revision_date 
1 'Structure model' 1 0 2010-08-11 
2 'Structure model' 1 1 2011-07-13 
3 'Structure model' 1 2 2011-11-16 
4 'Structure model' 1 3 2019-07-17 
5 'Structure model' 1 4 2023-09-06 
# 
_pdbx_audit_revision_details.ordinal             1 
_pdbx_audit_revision_details.revision_ordinal    1 
_pdbx_audit_revision_details.data_content_type   'Structure model' 
_pdbx_audit_revision_details.provider            repository 
_pdbx_audit_revision_details.type                'Initial release' 
_pdbx_audit_revision_details.description         ? 
_pdbx_audit_revision_details.details             ? 
# 
loop_
_pdbx_audit_revision_group.ordinal 
_pdbx_audit_revision_group.revision_ordinal 
_pdbx_audit_revision_group.data_content_type 
_pdbx_audit_revision_group.group 
1 2 'Structure model' 'Version format compliance' 
2 3 'Structure model' 'Atomic model'              
3 4 'Structure model' 'Data collection'           
4 4 'Structure model' 'Refinement description'    
5 5 'Structure model' 'Data collection'           
6 5 'Structure model' 'Database references'       
7 5 'Structure model' 'Derived calculations'      
8 5 'Structure model' 'Refinement description'    
# 
loop_
_pdbx_audit_revision_category.ordinal 
_pdbx_audit_revision_category.revision_ordinal 
_pdbx_audit_revision_category.data_content_type 
_pdbx_audit_revision_category.category 
1 4 'Structure model' software                      
2 5 'Structure model' chem_comp_atom                
3 5 'Structure model' chem_comp_bond                
4 5 'Structure model' database_2                    
5 5 'Structure model' pdbx_initial_refinement_model 
6 5 'Structure model' struct_site                   
# 
loop_
_pdbx_audit_revision_item.ordinal 
_pdbx_audit_revision_item.revision_ordinal 
_pdbx_audit_revision_item.data_content_type 
_pdbx_audit_revision_item.item 
1 4 'Structure model' '_software.classification'            
2 4 'Structure model' '_software.name'                      
3 4 'Structure model' '_software.version'                   
4 5 'Structure model' '_database_2.pdbx_DOI'                
5 5 'Structure model' '_database_2.pdbx_database_accession' 
6 5 'Structure model' '_struct_site.pdbx_auth_asym_id'      
7 5 'Structure model' '_struct_site.pdbx_auth_comp_id'      
8 5 'Structure model' '_struct_site.pdbx_auth_seq_id'       
# 
loop_
_software.name 
_software.classification 
_software.version 
_software.citation_id 
_software.pdbx_ordinal 
PHENIX   refinement        '(phenix.refine)' ? 1 
PHENIX   'model building'  .                 ? 2 
CNS      refinement        .                 ? 3 
CBASS    'data collection' .                 ? 4 
HKL-2000 'data reduction'  .                 ? 5 
HKL-2000 'data scaling'    .                 ? 6 
PHENIX   phasing           .                 ? 7 
CNS      phasing           .                 ? 8 
# 
_pdbx_validate_close_contact.id               1 
_pdbx_validate_close_contact.PDB_model_num    1 
_pdbx_validate_close_contact.auth_atom_id_1   NH1 
_pdbx_validate_close_contact.auth_asym_id_1   A 
_pdbx_validate_close_contact.auth_comp_id_1   ARG 
_pdbx_validate_close_contact.auth_seq_id_1    92 
_pdbx_validate_close_contact.PDB_ins_code_1   ? 
_pdbx_validate_close_contact.label_alt_id_1   ? 
_pdbx_validate_close_contact.auth_atom_id_2   O3 
_pdbx_validate_close_contact.auth_asym_id_2   A 
_pdbx_validate_close_contact.auth_comp_id_2   PO4 
_pdbx_validate_close_contact.auth_seq_id_2    1 
_pdbx_validate_close_contact.PDB_ins_code_2   ? 
_pdbx_validate_close_contact.label_alt_id_2   ? 
_pdbx_validate_close_contact.dist             2.17 
# 
loop_
_pdbx_validate_torsion.id 
_pdbx_validate_torsion.PDB_model_num 
_pdbx_validate_torsion.auth_comp_id 
_pdbx_validate_torsion.auth_asym_id 
_pdbx_validate_torsion.auth_seq_id 
_pdbx_validate_torsion.PDB_ins_code 
_pdbx_validate_torsion.label_alt_id 
_pdbx_validate_torsion.phi 
_pdbx_validate_torsion.psi 
1 1 ALA A 59  ? ? -152.73 61.36  
2 1 ASN A 90  ? ? -107.66 -93.30 
3 1 ASN A 214 ? ? -67.79  5.60   
# 
loop_
_pdbx_unobs_or_zero_occ_residues.id 
_pdbx_unobs_or_zero_occ_residues.PDB_model_num 
_pdbx_unobs_or_zero_occ_residues.polymer_flag 
_pdbx_unobs_or_zero_occ_residues.occupancy_flag 
_pdbx_unobs_or_zero_occ_residues.auth_asym_id 
_pdbx_unobs_or_zero_occ_residues.auth_comp_id 
_pdbx_unobs_or_zero_occ_residues.auth_seq_id 
_pdbx_unobs_or_zero_occ_residues.PDB_ins_code 
_pdbx_unobs_or_zero_occ_residues.label_asym_id 
_pdbx_unobs_or_zero_occ_residues.label_comp_id 
_pdbx_unobs_or_zero_occ_residues.label_seq_id 
1  1 Y 1 A MET 47  ? A MET 1   
2  1 Y 1 A ALA 48  ? A ALA 2   
3  1 Y 1 A ASP 49  ? A ASP 3   
4  1 Y 1 A ALA 50  ? A ALA 4   
5  1 Y 1 A GLY 51  ? A GLY 5   
6  1 Y 1 A LYS 52  ? A LYS 6   
7  1 Y 1 A ARG 53  ? A ARG 7   
8  1 Y 1 A GLU 54  ? A GLU 8   
9  1 Y 1 A PRO 216 ? A PRO 170 
10 1 Y 1 A LEU 217 ? A LEU 171 
11 1 Y 1 A GLU 218 ? A GLU 172 
12 1 Y 1 A HIS 219 ? A HIS 173 
13 1 Y 1 A HIS 220 ? A HIS 174 
14 1 Y 1 A HIS 221 ? A HIS 175 
15 1 Y 1 A HIS 222 ? A HIS 176 
16 1 Y 1 A HIS 223 ? A HIS 177 
17 1 Y 1 A HIS 224 ? A HIS 178 
# 
loop_
_chem_comp_atom.comp_id 
_chem_comp_atom.atom_id 
_chem_comp_atom.type_symbol 
_chem_comp_atom.pdbx_aromatic_flag 
_chem_comp_atom.pdbx_stereo_config 
_chem_comp_atom.pdbx_ordinal 
ALA N    N N N 1   
ALA CA   C N S 2   
ALA C    C N N 3   
ALA O    O N N 4   
ALA CB   C N N 5   
ALA OXT  O N N 6   
ALA H    H N N 7   
ALA H2   H N N 8   
ALA HA   H N N 9   
ALA HB1  H N N 10  
ALA HB2  H N N 11  
ALA HB3  H N N 12  
ALA HXT  H N N 13  
ARG N    N N N 14  
ARG CA   C N S 15  
ARG C    C N N 16  
ARG O    O N N 17  
ARG CB   C N N 18  
ARG CG   C N N 19  
ARG CD   C N N 20  
ARG NE   N N N 21  
ARG CZ   C N N 22  
ARG NH1  N N N 23  
ARG NH2  N N N 24  
ARG OXT  O N N 25  
ARG H    H N N 26  
ARG H2   H N N 27  
ARG HA   H N N 28  
ARG HB2  H N N 29  
ARG HB3  H N N 30  
ARG HG2  H N N 31  
ARG HG3  H N N 32  
ARG HD2  H N N 33  
ARG HD3  H N N 34  
ARG HE   H N N 35  
ARG HH11 H N N 36  
ARG HH12 H N N 37  
ARG HH21 H N N 38  
ARG HH22 H N N 39  
ARG HXT  H N N 40  
ASN N    N N N 41  
ASN CA   C N S 42  
ASN C    C N N 43  
ASN O    O N N 44  
ASN CB   C N N 45  
ASN CG   C N N 46  
ASN OD1  O N N 47  
ASN ND2  N N N 48  
ASN OXT  O N N 49  
ASN H    H N N 50  
ASN H2   H N N 51  
ASN HA   H N N 52  
ASN HB2  H N N 53  
ASN HB3  H N N 54  
ASN HD21 H N N 55  
ASN HD22 H N N 56  
ASN HXT  H N N 57  
ASP N    N N N 58  
ASP CA   C N S 59  
ASP C    C N N 60  
ASP O    O N N 61  
ASP CB   C N N 62  
ASP CG   C N N 63  
ASP OD1  O N N 64  
ASP OD2  O N N 65  
ASP OXT  O N N 66  
ASP H    H N N 67  
ASP H2   H N N 68  
ASP HA   H N N 69  
ASP HB2  H N N 70  
ASP HB3  H N N 71  
ASP HD2  H N N 72  
ASP HXT  H N N 73  
GLN N    N N N 74  
GLN CA   C N S 75  
GLN C    C N N 76  
GLN O    O N N 77  
GLN CB   C N N 78  
GLN CG   C N N 79  
GLN CD   C N N 80  
GLN OE1  O N N 81  
GLN NE2  N N N 82  
GLN OXT  O N N 83  
GLN H    H N N 84  
GLN H2   H N N 85  
GLN HA   H N N 86  
GLN HB2  H N N 87  
GLN HB3  H N N 88  
GLN HG2  H N N 89  
GLN HG3  H N N 90  
GLN HE21 H N N 91  
GLN HE22 H N N 92  
GLN HXT  H N N 93  
GLU N    N N N 94  
GLU CA   C N S 95  
GLU C    C N N 96  
GLU O    O N N 97  
GLU CB   C N N 98  
GLU CG   C N N 99  
GLU CD   C N N 100 
GLU OE1  O N N 101 
GLU OE2  O N N 102 
GLU OXT  O N N 103 
GLU H    H N N 104 
GLU H2   H N N 105 
GLU HA   H N N 106 
GLU HB2  H N N 107 
GLU HB3  H N N 108 
GLU HG2  H N N 109 
GLU HG3  H N N 110 
GLU HE2  H N N 111 
GLU HXT  H N N 112 
GLY N    N N N 113 
GLY CA   C N N 114 
GLY C    C N N 115 
GLY O    O N N 116 
GLY OXT  O N N 117 
GLY H    H N N 118 
GLY H2   H N N 119 
GLY HA2  H N N 120 
GLY HA3  H N N 121 
GLY HXT  H N N 122 
HIS N    N N N 123 
HIS CA   C N S 124 
HIS C    C N N 125 
HIS O    O N N 126 
HIS CB   C N N 127 
HIS CG   C Y N 128 
HIS ND1  N Y N 129 
HIS CD2  C Y N 130 
HIS CE1  C Y N 131 
HIS NE2  N Y N 132 
HIS OXT  O N N 133 
HIS H    H N N 134 
HIS H2   H N N 135 
HIS HA   H N N 136 
HIS HB2  H N N 137 
HIS HB3  H N N 138 
HIS HD1  H N N 139 
HIS HD2  H N N 140 
HIS HE1  H N N 141 
HIS HE2  H N N 142 
HIS HXT  H N N 143 
HOH O    O N N 144 
HOH H1   H N N 145 
HOH H2   H N N 146 
ILE N    N N N 147 
ILE CA   C N S 148 
ILE C    C N N 149 
ILE O    O N N 150 
ILE CB   C N S 151 
ILE CG1  C N N 152 
ILE CG2  C N N 153 
ILE CD1  C N N 154 
ILE OXT  O N N 155 
ILE H    H N N 156 
ILE H2   H N N 157 
ILE HA   H N N 158 
ILE HB   H N N 159 
ILE HG12 H N N 160 
ILE HG13 H N N 161 
ILE HG21 H N N 162 
ILE HG22 H N N 163 
ILE HG23 H N N 164 
ILE HD11 H N N 165 
ILE HD12 H N N 166 
ILE HD13 H N N 167 
ILE HXT  H N N 168 
LEU N    N N N 169 
LEU CA   C N S 170 
LEU C    C N N 171 
LEU O    O N N 172 
LEU CB   C N N 173 
LEU CG   C N N 174 
LEU CD1  C N N 175 
LEU CD2  C N N 176 
LEU OXT  O N N 177 
LEU H    H N N 178 
LEU H2   H N N 179 
LEU HA   H N N 180 
LEU HB2  H N N 181 
LEU HB3  H N N 182 
LEU HG   H N N 183 
LEU HD11 H N N 184 
LEU HD12 H N N 185 
LEU HD13 H N N 186 
LEU HD21 H N N 187 
LEU HD22 H N N 188 
LEU HD23 H N N 189 
LEU HXT  H N N 190 
LYS N    N N N 191 
LYS CA   C N S 192 
LYS C    C N N 193 
LYS O    O N N 194 
LYS CB   C N N 195 
LYS CG   C N N 196 
LYS CD   C N N 197 
LYS CE   C N N 198 
LYS NZ   N N N 199 
LYS OXT  O N N 200 
LYS H    H N N 201 
LYS H2   H N N 202 
LYS HA   H N N 203 
LYS HB2  H N N 204 
LYS HB3  H N N 205 
LYS HG2  H N N 206 
LYS HG3  H N N 207 
LYS HD2  H N N 208 
LYS HD3  H N N 209 
LYS HE2  H N N 210 
LYS HE3  H N N 211 
LYS HZ1  H N N 212 
LYS HZ2  H N N 213 
LYS HZ3  H N N 214 
LYS HXT  H N N 215 
MET N    N N N 216 
MET CA   C N S 217 
MET C    C N N 218 
MET O    O N N 219 
MET CB   C N N 220 
MET CG   C N N 221 
MET SD   S N N 222 
MET CE   C N N 223 
MET OXT  O N N 224 
MET H    H N N 225 
MET H2   H N N 226 
MET HA   H N N 227 
MET HB2  H N N 228 
MET HB3  H N N 229 
MET HG2  H N N 230 
MET HG3  H N N 231 
MET HE1  H N N 232 
MET HE2  H N N 233 
MET HE3  H N N 234 
MET HXT  H N N 235 
PHE N    N N N 236 
PHE CA   C N S 237 
PHE C    C N N 238 
PHE O    O N N 239 
PHE CB   C N N 240 
PHE CG   C Y N 241 
PHE CD1  C Y N 242 
PHE CD2  C Y N 243 
PHE CE1  C Y N 244 
PHE CE2  C Y N 245 
PHE CZ   C Y N 246 
PHE OXT  O N N 247 
PHE H    H N N 248 
PHE H2   H N N 249 
PHE HA   H N N 250 
PHE HB2  H N N 251 
PHE HB3  H N N 252 
PHE HD1  H N N 253 
PHE HD2  H N N 254 
PHE HE1  H N N 255 
PHE HE2  H N N 256 
PHE HZ   H N N 257 
PHE HXT  H N N 258 
PO4 P    P N N 259 
PO4 O1   O N N 260 
PO4 O2   O N N 261 
PO4 O3   O N N 262 
PO4 O4   O N N 263 
PRO N    N N N 264 
PRO CA   C N S 265 
PRO C    C N N 266 
PRO O    O N N 267 
PRO CB   C N N 268 
PRO CG   C N N 269 
PRO CD   C N N 270 
PRO OXT  O N N 271 
PRO H    H N N 272 
PRO HA   H N N 273 
PRO HB2  H N N 274 
PRO HB3  H N N 275 
PRO HG2  H N N 276 
PRO HG3  H N N 277 
PRO HD2  H N N 278 
PRO HD3  H N N 279 
PRO HXT  H N N 280 
SER N    N N N 281 
SER CA   C N S 282 
SER C    C N N 283 
SER O    O N N 284 
SER CB   C N N 285 
SER OG   O N N 286 
SER OXT  O N N 287 
SER H    H N N 288 
SER H2   H N N 289 
SER HA   H N N 290 
SER HB2  H N N 291 
SER HB3  H N N 292 
SER HG   H N N 293 
SER HXT  H N N 294 
THR N    N N N 295 
THR CA   C N S 296 
THR C    C N N 297 
THR O    O N N 298 
THR CB   C N R 299 
THR OG1  O N N 300 
THR CG2  C N N 301 
THR OXT  O N N 302 
THR H    H N N 303 
THR H2   H N N 304 
THR HA   H N N 305 
THR HB   H N N 306 
THR HG1  H N N 307 
THR HG21 H N N 308 
THR HG22 H N N 309 
THR HG23 H N N 310 
THR HXT  H N N 311 
TRP N    N N N 312 
TRP CA   C N S 313 
TRP C    C N N 314 
TRP O    O N N 315 
TRP CB   C N N 316 
TRP CG   C Y N 317 
TRP CD1  C Y N 318 
TRP CD2  C Y N 319 
TRP NE1  N Y N 320 
TRP CE2  C Y N 321 
TRP CE3  C Y N 322 
TRP CZ2  C Y N 323 
TRP CZ3  C Y N 324 
TRP CH2  C Y N 325 
TRP OXT  O N N 326 
TRP H    H N N 327 
TRP H2   H N N 328 
TRP HA   H N N 329 
TRP HB2  H N N 330 
TRP HB3  H N N 331 
TRP HD1  H N N 332 
TRP HE1  H N N 333 
TRP HE3  H N N 334 
TRP HZ2  H N N 335 
TRP HZ3  H N N 336 
TRP HH2  H N N 337 
TRP HXT  H N N 338 
TYR N    N N N 339 
TYR CA   C N S 340 
TYR C    C N N 341 
TYR O    O N N 342 
TYR CB   C N N 343 
TYR CG   C Y N 344 
TYR CD1  C Y N 345 
TYR CD2  C Y N 346 
TYR CE1  C Y N 347 
TYR CE2  C Y N 348 
TYR CZ   C Y N 349 
TYR OH   O N N 350 
TYR OXT  O N N 351 
TYR H    H N N 352 
TYR H2   H N N 353 
TYR HA   H N N 354 
TYR HB2  H N N 355 
TYR HB3  H N N 356 
TYR HD1  H N N 357 
TYR HD2  H N N 358 
TYR HE1  H N N 359 
TYR HE2  H N N 360 
TYR HH   H N N 361 
TYR HXT  H N N 362 
VAL N    N N N 363 
VAL CA   C N S 364 
VAL C    C N N 365 
VAL O    O N N 366 
VAL CB   C N N 367 
VAL CG1  C N N 368 
VAL CG2  C N N 369 
VAL OXT  O N N 370 
VAL H    H N N 371 
VAL H2   H N N 372 
VAL HA   H N N 373 
VAL HB   H N N 374 
VAL HG11 H N N 375 
VAL HG12 H N N 376 
VAL HG13 H N N 377 
VAL HG21 H N N 378 
VAL HG22 H N N 379 
VAL HG23 H N N 380 
VAL HXT  H N N 381 
# 
loop_
_chem_comp_bond.comp_id 
_chem_comp_bond.atom_id_1 
_chem_comp_bond.atom_id_2 
_chem_comp_bond.value_order 
_chem_comp_bond.pdbx_aromatic_flag 
_chem_comp_bond.pdbx_stereo_config 
_chem_comp_bond.pdbx_ordinal 
ALA N   CA   sing N N 1   
ALA N   H    sing N N 2   
ALA N   H2   sing N N 3   
ALA CA  C    sing N N 4   
ALA CA  CB   sing N N 5   
ALA CA  HA   sing N N 6   
ALA C   O    doub N N 7   
ALA C   OXT  sing N N 8   
ALA CB  HB1  sing N N 9   
ALA CB  HB2  sing N N 10  
ALA CB  HB3  sing N N 11  
ALA OXT HXT  sing N N 12  
ARG N   CA   sing N N 13  
ARG N   H    sing N N 14  
ARG N   H2   sing N N 15  
ARG CA  C    sing N N 16  
ARG CA  CB   sing N N 17  
ARG CA  HA   sing N N 18  
ARG C   O    doub N N 19  
ARG C   OXT  sing N N 20  
ARG CB  CG   sing N N 21  
ARG CB  HB2  sing N N 22  
ARG CB  HB3  sing N N 23  
ARG CG  CD   sing N N 24  
ARG CG  HG2  sing N N 25  
ARG CG  HG3  sing N N 26  
ARG CD  NE   sing N N 27  
ARG CD  HD2  sing N N 28  
ARG CD  HD3  sing N N 29  
ARG NE  CZ   sing N N 30  
ARG NE  HE   sing N N 31  
ARG CZ  NH1  sing N N 32  
ARG CZ  NH2  doub N N 33  
ARG NH1 HH11 sing N N 34  
ARG NH1 HH12 sing N N 35  
ARG NH2 HH21 sing N N 36  
ARG NH2 HH22 sing N N 37  
ARG OXT HXT  sing N N 38  
ASN N   CA   sing N N 39  
ASN N   H    sing N N 40  
ASN N   H2   sing N N 41  
ASN CA  C    sing N N 42  
ASN CA  CB   sing N N 43  
ASN CA  HA   sing N N 44  
ASN C   O    doub N N 45  
ASN C   OXT  sing N N 46  
ASN CB  CG   sing N N 47  
ASN CB  HB2  sing N N 48  
ASN CB  HB3  sing N N 49  
ASN CG  OD1  doub N N 50  
ASN CG  ND2  sing N N 51  
ASN ND2 HD21 sing N N 52  
ASN ND2 HD22 sing N N 53  
ASN OXT HXT  sing N N 54  
ASP N   CA   sing N N 55  
ASP N   H    sing N N 56  
ASP N   H2   sing N N 57  
ASP CA  C    sing N N 58  
ASP CA  CB   sing N N 59  
ASP CA  HA   sing N N 60  
ASP C   O    doub N N 61  
ASP C   OXT  sing N N 62  
ASP CB  CG   sing N N 63  
ASP CB  HB2  sing N N 64  
ASP CB  HB3  sing N N 65  
ASP CG  OD1  doub N N 66  
ASP CG  OD2  sing N N 67  
ASP OD2 HD2  sing N N 68  
ASP OXT HXT  sing N N 69  
GLN N   CA   sing N N 70  
GLN N   H    sing N N 71  
GLN N   H2   sing N N 72  
GLN CA  C    sing N N 73  
GLN CA  CB   sing N N 74  
GLN CA  HA   sing N N 75  
GLN C   O    doub N N 76  
GLN C   OXT  sing N N 77  
GLN CB  CG   sing N N 78  
GLN CB  HB2  sing N N 79  
GLN CB  HB3  sing N N 80  
GLN CG  CD   sing N N 81  
GLN CG  HG2  sing N N 82  
GLN CG  HG3  sing N N 83  
GLN CD  OE1  doub N N 84  
GLN CD  NE2  sing N N 85  
GLN NE2 HE21 sing N N 86  
GLN NE2 HE22 sing N N 87  
GLN OXT HXT  sing N N 88  
GLU N   CA   sing N N 89  
GLU N   H    sing N N 90  
GLU N   H2   sing N N 91  
GLU CA  C    sing N N 92  
GLU CA  CB   sing N N 93  
GLU CA  HA   sing N N 94  
GLU C   O    doub N N 95  
GLU C   OXT  sing N N 96  
GLU CB  CG   sing N N 97  
GLU CB  HB2  sing N N 98  
GLU CB  HB3  sing N N 99  
GLU CG  CD   sing N N 100 
GLU CG  HG2  sing N N 101 
GLU CG  HG3  sing N N 102 
GLU CD  OE1  doub N N 103 
GLU CD  OE2  sing N N 104 
GLU OE2 HE2  sing N N 105 
GLU OXT HXT  sing N N 106 
GLY N   CA   sing N N 107 
GLY N   H    sing N N 108 
GLY N   H2   sing N N 109 
GLY CA  C    sing N N 110 
GLY CA  HA2  sing N N 111 
GLY CA  HA3  sing N N 112 
GLY C   O    doub N N 113 
GLY C   OXT  sing N N 114 
GLY OXT HXT  sing N N 115 
HIS N   CA   sing N N 116 
HIS N   H    sing N N 117 
HIS N   H2   sing N N 118 
HIS CA  C    sing N N 119 
HIS CA  CB   sing N N 120 
HIS CA  HA   sing N N 121 
HIS C   O    doub N N 122 
HIS C   OXT  sing N N 123 
HIS CB  CG   sing N N 124 
HIS CB  HB2  sing N N 125 
HIS CB  HB3  sing N N 126 
HIS CG  ND1  sing Y N 127 
HIS CG  CD2  doub Y N 128 
HIS ND1 CE1  doub Y N 129 
HIS ND1 HD1  sing N N 130 
HIS CD2 NE2  sing Y N 131 
HIS CD2 HD2  sing N N 132 
HIS CE1 NE2  sing Y N 133 
HIS CE1 HE1  sing N N 134 
HIS NE2 HE2  sing N N 135 
HIS OXT HXT  sing N N 136 
HOH O   H1   sing N N 137 
HOH O   H2   sing N N 138 
ILE N   CA   sing N N 139 
ILE N   H    sing N N 140 
ILE N   H2   sing N N 141 
ILE CA  C    sing N N 142 
ILE CA  CB   sing N N 143 
ILE CA  HA   sing N N 144 
ILE C   O    doub N N 145 
ILE C   OXT  sing N N 146 
ILE CB  CG1  sing N N 147 
ILE CB  CG2  sing N N 148 
ILE CB  HB   sing N N 149 
ILE CG1 CD1  sing N N 150 
ILE CG1 HG12 sing N N 151 
ILE CG1 HG13 sing N N 152 
ILE CG2 HG21 sing N N 153 
ILE CG2 HG22 sing N N 154 
ILE CG2 HG23 sing N N 155 
ILE CD1 HD11 sing N N 156 
ILE CD1 HD12 sing N N 157 
ILE CD1 HD13 sing N N 158 
ILE OXT HXT  sing N N 159 
LEU N   CA   sing N N 160 
LEU N   H    sing N N 161 
LEU N   H2   sing N N 162 
LEU CA  C    sing N N 163 
LEU CA  CB   sing N N 164 
LEU CA  HA   sing N N 165 
LEU C   O    doub N N 166 
LEU C   OXT  sing N N 167 
LEU CB  CG   sing N N 168 
LEU CB  HB2  sing N N 169 
LEU CB  HB3  sing N N 170 
LEU CG  CD1  sing N N 171 
LEU CG  CD2  sing N N 172 
LEU CG  HG   sing N N 173 
LEU CD1 HD11 sing N N 174 
LEU CD1 HD12 sing N N 175 
LEU CD1 HD13 sing N N 176 
LEU CD2 HD21 sing N N 177 
LEU CD2 HD22 sing N N 178 
LEU CD2 HD23 sing N N 179 
LEU OXT HXT  sing N N 180 
LYS N   CA   sing N N 181 
LYS N   H    sing N N 182 
LYS N   H2   sing N N 183 
LYS CA  C    sing N N 184 
LYS CA  CB   sing N N 185 
LYS CA  HA   sing N N 186 
LYS C   O    doub N N 187 
LYS C   OXT  sing N N 188 
LYS CB  CG   sing N N 189 
LYS CB  HB2  sing N N 190 
LYS CB  HB3  sing N N 191 
LYS CG  CD   sing N N 192 
LYS CG  HG2  sing N N 193 
LYS CG  HG3  sing N N 194 
LYS CD  CE   sing N N 195 
LYS CD  HD2  sing N N 196 
LYS CD  HD3  sing N N 197 
LYS CE  NZ   sing N N 198 
LYS CE  HE2  sing N N 199 
LYS CE  HE3  sing N N 200 
LYS NZ  HZ1  sing N N 201 
LYS NZ  HZ2  sing N N 202 
LYS NZ  HZ3  sing N N 203 
LYS OXT HXT  sing N N 204 
MET N   CA   sing N N 205 
MET N   H    sing N N 206 
MET N   H2   sing N N 207 
MET CA  C    sing N N 208 
MET CA  CB   sing N N 209 
MET CA  HA   sing N N 210 
MET C   O    doub N N 211 
MET C   OXT  sing N N 212 
MET CB  CG   sing N N 213 
MET CB  HB2  sing N N 214 
MET CB  HB3  sing N N 215 
MET CG  SD   sing N N 216 
MET CG  HG2  sing N N 217 
MET CG  HG3  sing N N 218 
MET SD  CE   sing N N 219 
MET CE  HE1  sing N N 220 
MET CE  HE2  sing N N 221 
MET CE  HE3  sing N N 222 
MET OXT HXT  sing N N 223 
PHE N   CA   sing N N 224 
PHE N   H    sing N N 225 
PHE N   H2   sing N N 226 
PHE CA  C    sing N N 227 
PHE CA  CB   sing N N 228 
PHE CA  HA   sing N N 229 
PHE C   O    doub N N 230 
PHE C   OXT  sing N N 231 
PHE CB  CG   sing N N 232 
PHE CB  HB2  sing N N 233 
PHE CB  HB3  sing N N 234 
PHE CG  CD1  doub Y N 235 
PHE CG  CD2  sing Y N 236 
PHE CD1 CE1  sing Y N 237 
PHE CD1 HD1  sing N N 238 
PHE CD2 CE2  doub Y N 239 
PHE CD2 HD2  sing N N 240 
PHE CE1 CZ   doub Y N 241 
PHE CE1 HE1  sing N N 242 
PHE CE2 CZ   sing Y N 243 
PHE CE2 HE2  sing N N 244 
PHE CZ  HZ   sing N N 245 
PHE OXT HXT  sing N N 246 
PO4 P   O1   doub N N 247 
PO4 P   O2   sing N N 248 
PO4 P   O3   sing N N 249 
PO4 P   O4   sing N N 250 
PRO N   CA   sing N N 251 
PRO N   CD   sing N N 252 
PRO N   H    sing N N 253 
PRO CA  C    sing N N 254 
PRO CA  CB   sing N N 255 
PRO CA  HA   sing N N 256 
PRO C   O    doub N N 257 
PRO C   OXT  sing N N 258 
PRO CB  CG   sing N N 259 
PRO CB  HB2  sing N N 260 
PRO CB  HB3  sing N N 261 
PRO CG  CD   sing N N 262 
PRO CG  HG2  sing N N 263 
PRO CG  HG3  sing N N 264 
PRO CD  HD2  sing N N 265 
PRO CD  HD3  sing N N 266 
PRO OXT HXT  sing N N 267 
SER N   CA   sing N N 268 
SER N   H    sing N N 269 
SER N   H2   sing N N 270 
SER CA  C    sing N N 271 
SER CA  CB   sing N N 272 
SER CA  HA   sing N N 273 
SER C   O    doub N N 274 
SER C   OXT  sing N N 275 
SER CB  OG   sing N N 276 
SER CB  HB2  sing N N 277 
SER CB  HB3  sing N N 278 
SER OG  HG   sing N N 279 
SER OXT HXT  sing N N 280 
THR N   CA   sing N N 281 
THR N   H    sing N N 282 
THR N   H2   sing N N 283 
THR CA  C    sing N N 284 
THR CA  CB   sing N N 285 
THR CA  HA   sing N N 286 
THR C   O    doub N N 287 
THR C   OXT  sing N N 288 
THR CB  OG1  sing N N 289 
THR CB  CG2  sing N N 290 
THR CB  HB   sing N N 291 
THR OG1 HG1  sing N N 292 
THR CG2 HG21 sing N N 293 
THR CG2 HG22 sing N N 294 
THR CG2 HG23 sing N N 295 
THR OXT HXT  sing N N 296 
TRP N   CA   sing N N 297 
TRP N   H    sing N N 298 
TRP N   H2   sing N N 299 
TRP CA  C    sing N N 300 
TRP CA  CB   sing N N 301 
TRP CA  HA   sing N N 302 
TRP C   O    doub N N 303 
TRP C   OXT  sing N N 304 
TRP CB  CG   sing N N 305 
TRP CB  HB2  sing N N 306 
TRP CB  HB3  sing N N 307 
TRP CG  CD1  doub Y N 308 
TRP CG  CD2  sing Y N 309 
TRP CD1 NE1  sing Y N 310 
TRP CD1 HD1  sing N N 311 
TRP CD2 CE2  doub Y N 312 
TRP CD2 CE3  sing Y N 313 
TRP NE1 CE2  sing Y N 314 
TRP NE1 HE1  sing N N 315 
TRP CE2 CZ2  sing Y N 316 
TRP CE3 CZ3  doub Y N 317 
TRP CE3 HE3  sing N N 318 
TRP CZ2 CH2  doub Y N 319 
TRP CZ2 HZ2  sing N N 320 
TRP CZ3 CH2  sing Y N 321 
TRP CZ3 HZ3  sing N N 322 
TRP CH2 HH2  sing N N 323 
TRP OXT HXT  sing N N 324 
TYR N   CA   sing N N 325 
TYR N   H    sing N N 326 
TYR N   H2   sing N N 327 
TYR CA  C    sing N N 328 
TYR CA  CB   sing N N 329 
TYR CA  HA   sing N N 330 
TYR C   O    doub N N 331 
TYR C   OXT  sing N N 332 
TYR CB  CG   sing N N 333 
TYR CB  HB2  sing N N 334 
TYR CB  HB3  sing N N 335 
TYR CG  CD1  doub Y N 336 
TYR CG  CD2  sing Y N 337 
TYR CD1 CE1  sing Y N 338 
TYR CD1 HD1  sing N N 339 
TYR CD2 CE2  doub Y N 340 
TYR CD2 HD2  sing N N 341 
TYR CE1 CZ   doub Y N 342 
TYR CE1 HE1  sing N N 343 
TYR CE2 CZ   sing Y N 344 
TYR CE2 HE2  sing N N 345 
TYR CZ  OH   sing N N 346 
TYR OH  HH   sing N N 347 
TYR OXT HXT  sing N N 348 
VAL N   CA   sing N N 349 
VAL N   H    sing N N 350 
VAL N   H2   sing N N 351 
VAL CA  C    sing N N 352 
VAL CA  CB   sing N N 353 
VAL CA  HA   sing N N 354 
VAL C   O    doub N N 355 
VAL C   OXT  sing N N 356 
VAL CB  CG1  sing N N 357 
VAL CB  CG2  sing N N 358 
VAL CB  HB   sing N N 359 
VAL CG1 HG11 sing N N 360 
VAL CG1 HG12 sing N N 361 
VAL CG1 HG13 sing N N 362 
VAL CG2 HG21 sing N N 363 
VAL CG2 HG22 sing N N 364 
VAL CG2 HG23 sing N N 365 
VAL OXT HXT  sing N N 366 
# 
loop_
_pdbx_entity_nonpoly.entity_id 
_pdbx_entity_nonpoly.name 
_pdbx_entity_nonpoly.comp_id 
2 'PHOSPHATE ION' PO4 
3 water           HOH 
# 
_pdbx_initial_refinement_model.id               1 
_pdbx_initial_refinement_model.entity_id_list   ? 
_pdbx_initial_refinement_model.type             'experimental model' 
_pdbx_initial_refinement_model.source_name      PDB 
_pdbx_initial_refinement_model.accession_code   1L3A 
_pdbx_initial_refinement_model.details          'PDB ENTRY 1L3A' 
# 
